data_1ZNS
# 
_entry.id   1ZNS 
# 
_audit_conform.dict_name       mmcif_pdbx.dic 
_audit_conform.dict_version    5.380 
_audit_conform.dict_location   http://mmcif.pdb.org/dictionaries/ascii/mmcif_pdbx.dic 
# 
loop_
_database_2.database_id 
_database_2.database_code 
_database_2.pdbx_database_accession 
_database_2.pdbx_DOI 
PDB   1ZNS         pdb_00001zns 10.2210/pdb1zns/pdb 
NDB   PD0657       ?            ?                   
RCSB  RCSB032932   ?            ?                   
WWPDB D_1000032932 ?            ?                   
# 
loop_
_pdbx_database_related.db_name 
_pdbx_database_related.db_id 
_pdbx_database_related.details 
_pdbx_database_related.content_type 
PDB 1PT3 'Crystal Structures Of Nuclease-ColE7 Complexed With Octamer DNA'                                    unspecified 
PDB 7CEI 'The dnase domain of cole7 in complex with IM7'                                                      unspecified 
PDB 1MZ8 'The nuclease domain of cole7/IM7 in complex with a phosphate ion and different divalent metal ions' unspecified 
PDB 1M08 'Unbounded nuclease domain of cole7'                                                                 unspecified 
# 
_pdbx_database_status.status_code                     REL 
_pdbx_database_status.entry_id                        1ZNS 
_pdbx_database_status.recvd_initial_deposition_date   2005-05-12 
_pdbx_database_status.deposit_site                    RCSB 
_pdbx_database_status.process_site                    PDBJ 
_pdbx_database_status.status_code_sf                  REL 
_pdbx_database_status.status_code_mr                  ? 
_pdbx_database_status.SG_entry                        ? 
_pdbx_database_status.pdb_format_compatible           Y 
_pdbx_database_status.status_code_cs                  ? 
_pdbx_database_status.status_code_nmr_data            ? 
_pdbx_database_status.methods_development_category    ? 
# 
loop_
_audit_author.name 
_audit_author.pdbx_ordinal 
'Doudeva, L.G.' 1 
'Huang, H.'     2 
'Hsia, K.C.'    3 
'Shi, Z.'       4 
'Li, C.L.'      5 
'Shen, Y.'      6 
'Yuan, H.S.'    7 
# 
_citation.id                        primary 
_citation.title                     
;Crystal structural analysis and metal-dependent stability and activity studies of the ColE7 endonuclease domain in complex with DNA/Zn2+ or inhibitor/Ni2+
;
_citation.journal_abbrev            'Protein Sci.' 
_citation.journal_volume            15 
_citation.page_first                269 
_citation.page_last                 280 
_citation.year                      2006 
_citation.journal_id_ASTM           PRCIEI 
_citation.country                   US 
_citation.journal_id_ISSN           0961-8368 
_citation.journal_id_CSD            0795 
_citation.book_publisher            ? 
_citation.pdbx_database_id_PubMed   16434744 
_citation.pdbx_database_id_DOI      10.1110/ps.051903406 
# 
loop_
_citation_author.citation_id 
_citation_author.name 
_citation_author.ordinal 
_citation_author.identifier_ORCID 
primary 'Doudeva, L.G.' 1 ? 
primary 'Huang, H.'     2 ? 
primary 'Hsia, K.C.'    3 ? 
primary 'Shi, Z.'       4 ? 
primary 'Li, C.L.'      5 ? 
primary 'Shen, Y.'      6 ? 
primary 'Cheng, Y.S.'   7 ? 
primary 'Yuan, H.S.'    8 ? 
# 
_cell.entry_id           1ZNS 
_cell.length_a           44.190 
_cell.length_b           44.190 
_cell.length_c           203.970 
_cell.angle_alpha        90.00 
_cell.angle_beta         90.00 
_cell.angle_gamma        90.00 
_cell.Z_PDB              16 
_cell.pdbx_unique_axis   ? 
_cell.length_a_esd       ? 
_cell.length_b_esd       ? 
_cell.length_c_esd       ? 
_cell.angle_alpha_esd    ? 
_cell.angle_beta_esd     ? 
_cell.angle_gamma_esd    ? 
# 
_symmetry.entry_id                         1ZNS 
_symmetry.space_group_name_H-M             'P 41 21 2' 
_symmetry.pdbx_full_space_group_name_H-M   ? 
_symmetry.cell_setting                     ? 
_symmetry.Int_Tables_number                92 
_symmetry.space_group_name_Hall            ? 
# 
loop_
_entity.id 
_entity.type 
_entity.src_method 
_entity.pdbx_description 
_entity.formula_weight 
_entity.pdbx_number_of_molecules 
_entity.pdbx_ec 
_entity.pdbx_mutation 
_entity.pdbx_fragment 
_entity.details 
1 polymer     syn "5'-D(*CP*GP*GP*GP*AP*TP*AP*TP*CP*CP*CP*G)-3'" 3663.392  2  ?       ?     ?                 ? 
2 polymer     man 'Colicin E7'                                   15400.457 1  3.1.-.- H545E 'nuclease domain' ? 
3 non-polymer syn 'ZINC ION'                                     65.409    1  ?       ?     ?                 ? 
4 water       nat water                                          18.015    33 ?       ?     ?                 ? 
# 
loop_
_entity_poly.entity_id 
_entity_poly.type 
_entity_poly.nstd_linkage 
_entity_poly.nstd_monomer 
_entity_poly.pdbx_seq_one_letter_code 
_entity_poly.pdbx_seq_one_letter_code_can 
_entity_poly.pdbx_strand_id 
_entity_poly.pdbx_target_identifier 
1 polydeoxyribonucleotide no no '(DC)(DG)(DG)(DG)(DA)(DT)(DA)(DT)(DC)(DC)(DC)(DG)' CGGGATATCCCG B,C ? 
2 'polypeptide(L)'        no no 
;MESKRNKPGKATGKGKPVNNKWLNNAGKDLGSPVPDRIANKLRDKEFKSFDDFRKKFWEEVSKDPELSKQFSRNNNDRMK
VGKAPKTRTQDVSGKRTSFELHEEKPISQNGGVYDMDNISVVTPKRHIDIHRGK
;
;MESKRNKPGKATGKGKPVNNKWLNNAGKDLGSPVPDRIANKLRDKEFKSFDDFRKKFWEEVSKDPELSKQFSRNNNDRMK
VGKAPKTRTQDVSGKRTSFELHEEKPISQNGGVYDMDNISVVTPKRHIDIHRGK
;
A   ? 
# 
loop_
_entity_poly_seq.entity_id 
_entity_poly_seq.num 
_entity_poly_seq.mon_id 
_entity_poly_seq.hetero 
1 1   DC  n 
1 2   DG  n 
1 3   DG  n 
1 4   DG  n 
1 5   DA  n 
1 6   DT  n 
1 7   DA  n 
1 8   DT  n 
1 9   DC  n 
1 10  DC  n 
1 11  DC  n 
1 12  DG  n 
2 1   MET n 
2 2   GLU n 
2 3   SER n 
2 4   LYS n 
2 5   ARG n 
2 6   ASN n 
2 7   LYS n 
2 8   PRO n 
2 9   GLY n 
2 10  LYS n 
2 11  ALA n 
2 12  THR n 
2 13  GLY n 
2 14  LYS n 
2 15  GLY n 
2 16  LYS n 
2 17  PRO n 
2 18  VAL n 
2 19  ASN n 
2 20  ASN n 
2 21  LYS n 
2 22  TRP n 
2 23  LEU n 
2 24  ASN n 
2 25  ASN n 
2 26  ALA n 
2 27  GLY n 
2 28  LYS n 
2 29  ASP n 
2 30  LEU n 
2 31  GLY n 
2 32  SER n 
2 33  PRO n 
2 34  VAL n 
2 35  PRO n 
2 36  ASP n 
2 37  ARG n 
2 38  ILE n 
2 39  ALA n 
2 40  ASN n 
2 41  LYS n 
2 42  LEU n 
2 43  ARG n 
2 44  ASP n 
2 45  LYS n 
2 46  GLU n 
2 47  PHE n 
2 48  LYS n 
2 49  SER n 
2 50  PHE n 
2 51  ASP n 
2 52  ASP n 
2 53  PHE n 
2 54  ARG n 
2 55  LYS n 
2 56  LYS n 
2 57  PHE n 
2 58  TRP n 
2 59  GLU n 
2 60  GLU n 
2 61  VAL n 
2 62  SER n 
2 63  LYS n 
2 64  ASP n 
2 65  PRO n 
2 66  GLU n 
2 67  LEU n 
2 68  SER n 
2 69  LYS n 
2 70  GLN n 
2 71  PHE n 
2 72  SER n 
2 73  ARG n 
2 74  ASN n 
2 75  ASN n 
2 76  ASN n 
2 77  ASP n 
2 78  ARG n 
2 79  MET n 
2 80  LYS n 
2 81  VAL n 
2 82  GLY n 
2 83  LYS n 
2 84  ALA n 
2 85  PRO n 
2 86  LYS n 
2 87  THR n 
2 88  ARG n 
2 89  THR n 
2 90  GLN n 
2 91  ASP n 
2 92  VAL n 
2 93  SER n 
2 94  GLY n 
2 95  LYS n 
2 96  ARG n 
2 97  THR n 
2 98  SER n 
2 99  PHE n 
2 100 GLU n 
2 101 LEU n 
2 102 HIS n 
2 103 GLU n 
2 104 GLU n 
2 105 LYS n 
2 106 PRO n 
2 107 ILE n 
2 108 SER n 
2 109 GLN n 
2 110 ASN n 
2 111 GLY n 
2 112 GLY n 
2 113 VAL n 
2 114 TYR n 
2 115 ASP n 
2 116 MET n 
2 117 ASP n 
2 118 ASN n 
2 119 ILE n 
2 120 SER n 
2 121 VAL n 
2 122 VAL n 
2 123 THR n 
2 124 PRO n 
2 125 LYS n 
2 126 ARG n 
2 127 HIS n 
2 128 ILE n 
2 129 ASP n 
2 130 ILE n 
2 131 HIS n 
2 132 ARG n 
2 133 GLY n 
2 134 LYS n 
# 
_entity_src_gen.entity_id                          2 
_entity_src_gen.pdbx_src_id                        1 
_entity_src_gen.pdbx_alt_source_flag               sample 
_entity_src_gen.pdbx_seq_type                      ? 
_entity_src_gen.pdbx_beg_seq_num                   ? 
_entity_src_gen.pdbx_end_seq_num                   ? 
_entity_src_gen.gene_src_common_name               ? 
_entity_src_gen.gene_src_genus                     Escherichia 
_entity_src_gen.pdbx_gene_src_gene                 cea7 
_entity_src_gen.gene_src_species                   'Escherichia coli' 
_entity_src_gen.gene_src_strain                    W3110 
_entity_src_gen.gene_src_tissue                    ? 
_entity_src_gen.gene_src_tissue_fraction           ? 
_entity_src_gen.gene_src_details                   ? 
_entity_src_gen.pdbx_gene_src_fragment             ? 
_entity_src_gen.pdbx_gene_src_scientific_name      'Escherichia coli str. K12 substr.' 
_entity_src_gen.pdbx_gene_src_ncbi_taxonomy_id     316407 
_entity_src_gen.pdbx_gene_src_variant              ? 
_entity_src_gen.pdbx_gene_src_cell_line            ? 
_entity_src_gen.pdbx_gene_src_atcc                 ? 
_entity_src_gen.pdbx_gene_src_organ                ? 
_entity_src_gen.pdbx_gene_src_organelle            ? 
_entity_src_gen.pdbx_gene_src_cell                 ? 
_entity_src_gen.pdbx_gene_src_cellular_location    ? 
_entity_src_gen.host_org_common_name               ? 
_entity_src_gen.pdbx_host_org_scientific_name      'Escherichia coli' 
_entity_src_gen.pdbx_host_org_ncbi_taxonomy_id     562 
_entity_src_gen.host_org_genus                     Escherichia 
_entity_src_gen.pdbx_host_org_gene                 ? 
_entity_src_gen.pdbx_host_org_organ                ? 
_entity_src_gen.host_org_species                   ? 
_entity_src_gen.pdbx_host_org_tissue               ? 
_entity_src_gen.pdbx_host_org_tissue_fraction      ? 
_entity_src_gen.pdbx_host_org_strain               M15 
_entity_src_gen.pdbx_host_org_variant              ? 
_entity_src_gen.pdbx_host_org_cell_line            ? 
_entity_src_gen.pdbx_host_org_atcc                 ? 
_entity_src_gen.pdbx_host_org_culture_collection   ? 
_entity_src_gen.pdbx_host_org_cell                 ? 
_entity_src_gen.pdbx_host_org_organelle            ? 
_entity_src_gen.pdbx_host_org_cellular_location    ? 
_entity_src_gen.pdbx_host_org_vector_type          PLASMID 
_entity_src_gen.pdbx_host_org_vector               ? 
_entity_src_gen.host_org_details                   ? 
_entity_src_gen.expression_system_id               ? 
_entity_src_gen.plasmid_name                       PQE70 
_entity_src_gen.plasmid_details                    ? 
_entity_src_gen.pdbx_description                   ? 
# 
loop_
_struct_ref.id 
_struct_ref.db_name 
_struct_ref.db_code 
_struct_ref.pdbx_db_accession 
_struct_ref.entity_id 
_struct_ref.pdbx_align_begin 
_struct_ref.pdbx_db_isoform 
_struct_ref.pdbx_seq_one_letter_code 
1 UNP CEA7_ECOLI Q47112 2 444 ? ? 
2 PDB 1ZNS       1ZNS   1 ?   ? ? 
# 
loop_
_struct_ref_seq.align_id 
_struct_ref_seq.ref_id 
_struct_ref_seq.pdbx_PDB_id_code 
_struct_ref_seq.pdbx_strand_id 
_struct_ref_seq.seq_align_beg 
_struct_ref_seq.pdbx_seq_align_beg_ins_code 
_struct_ref_seq.seq_align_end 
_struct_ref_seq.pdbx_seq_align_end_ins_code 
_struct_ref_seq.pdbx_db_accession 
_struct_ref_seq.db_align_beg 
_struct_ref_seq.pdbx_db_align_beg_ins_code 
_struct_ref_seq.db_align_end 
_struct_ref_seq.pdbx_db_align_end_ins_code 
_struct_ref_seq.pdbx_auth_seq_align_beg 
_struct_ref_seq.pdbx_auth_seq_align_end 
1 1 1ZNS A 2 ? 134 ? Q47112 444 ? 576 ? 444 576 
2 2 1ZNS B 1 ? 12  ? 1ZNS   1   ? 12  ? 1   12  
3 2 1ZNS C 1 ? 12  ? 1ZNS   13  ? 24  ? 13  24  
# 
loop_
_struct_ref_seq_dif.align_id 
_struct_ref_seq_dif.pdbx_pdb_id_code 
_struct_ref_seq_dif.mon_id 
_struct_ref_seq_dif.pdbx_pdb_strand_id 
_struct_ref_seq_dif.seq_num 
_struct_ref_seq_dif.pdbx_pdb_ins_code 
_struct_ref_seq_dif.pdbx_seq_db_name 
_struct_ref_seq_dif.pdbx_seq_db_accession_code 
_struct_ref_seq_dif.db_mon_id 
_struct_ref_seq_dif.pdbx_seq_db_seq_num 
_struct_ref_seq_dif.details 
_struct_ref_seq_dif.pdbx_auth_seq_num 
_struct_ref_seq_dif.pdbx_ordinal 
1 1ZNS MET A 1   ? UNP Q47112 ?   ?   'initiating methionine' 443 1 
1 1ZNS GLU A 103 ? UNP Q47112 HIS 545 'engineered mutation'   545 2 
# 
loop_
_chem_comp.id 
_chem_comp.type 
_chem_comp.mon_nstd_flag 
_chem_comp.name 
_chem_comp.pdbx_synonyms 
_chem_comp.formula 
_chem_comp.formula_weight 
ALA 'L-peptide linking' y ALANINE                              ? 'C3 H7 N O2'      89.093  
ARG 'L-peptide linking' y ARGININE                             ? 'C6 H15 N4 O2 1'  175.209 
ASN 'L-peptide linking' y ASPARAGINE                           ? 'C4 H8 N2 O3'     132.118 
ASP 'L-peptide linking' y 'ASPARTIC ACID'                      ? 'C4 H7 N O4'      133.103 
DA  'DNA linking'       y "2'-DEOXYADENOSINE-5'-MONOPHOSPHATE" ? 'C10 H14 N5 O6 P' 331.222 
DC  'DNA linking'       y "2'-DEOXYCYTIDINE-5'-MONOPHOSPHATE"  ? 'C9 H14 N3 O7 P'  307.197 
DG  'DNA linking'       y "2'-DEOXYGUANOSINE-5'-MONOPHOSPHATE" ? 'C10 H14 N5 O7 P' 347.221 
DT  'DNA linking'       y "THYMIDINE-5'-MONOPHOSPHATE"         ? 'C10 H15 N2 O8 P' 322.208 
GLN 'L-peptide linking' y GLUTAMINE                            ? 'C5 H10 N2 O3'    146.144 
GLU 'L-peptide linking' y 'GLUTAMIC ACID'                      ? 'C5 H9 N O4'      147.129 
GLY 'peptide linking'   y GLYCINE                              ? 'C2 H5 N O2'      75.067  
HIS 'L-peptide linking' y HISTIDINE                            ? 'C6 H10 N3 O2 1'  156.162 
HOH non-polymer         . WATER                                ? 'H2 O'            18.015  
ILE 'L-peptide linking' y ISOLEUCINE                           ? 'C6 H13 N O2'     131.173 
LEU 'L-peptide linking' y LEUCINE                              ? 'C6 H13 N O2'     131.173 
LYS 'L-peptide linking' y LYSINE                               ? 'C6 H15 N2 O2 1'  147.195 
MET 'L-peptide linking' y METHIONINE                           ? 'C5 H11 N O2 S'   149.211 
PHE 'L-peptide linking' y PHENYLALANINE                        ? 'C9 H11 N O2'     165.189 
PRO 'L-peptide linking' y PROLINE                              ? 'C5 H9 N O2'      115.130 
SER 'L-peptide linking' y SERINE                               ? 'C3 H7 N O3'      105.093 
THR 'L-peptide linking' y THREONINE                            ? 'C4 H9 N O3'      119.119 
TRP 'L-peptide linking' y TRYPTOPHAN                           ? 'C11 H12 N2 O2'   204.225 
TYR 'L-peptide linking' y TYROSINE                             ? 'C9 H11 N O3'     181.189 
VAL 'L-peptide linking' y VALINE                               ? 'C5 H11 N O2'     117.146 
ZN  non-polymer         . 'ZINC ION'                           ? 'Zn 2'            65.409  
# 
_exptl.entry_id          1ZNS 
_exptl.method            'X-RAY DIFFRACTION' 
_exptl.crystals_number   1 
# 
_exptl_crystal.id                    1 
_exptl_crystal.density_meas          ? 
_exptl_crystal.density_Matthews      2.11 
_exptl_crystal.density_percent_sol   46.32 
_exptl_crystal.description           ? 
_exptl_crystal.F_000                 ? 
_exptl_crystal.preparation           ? 
# 
_exptl_crystal_grow.crystal_id      1 
_exptl_crystal_grow.method          'VAPOR DIFFUSION, HANGING DROP' 
_exptl_crystal_grow.temp            298 
_exptl_crystal_grow.temp_details    ? 
_exptl_crystal_grow.pH              7.5 
_exptl_crystal_grow.pdbx_details    
'25mM Tris-HCl, 0.1M Ammonium chloride, 10.5% MPD, pH 7.5, VAPOR DIFFUSION, HANGING DROP, temperature 298K' 
_exptl_crystal_grow.pdbx_pH_range   . 
# 
loop_
_exptl_crystal_grow_comp.crystal_id 
_exptl_crystal_grow_comp.id 
_exptl_crystal_grow_comp.sol_id 
_exptl_crystal_grow_comp.name 
_exptl_crystal_grow_comp.volume 
_exptl_crystal_grow_comp.conc 
_exptl_crystal_grow_comp.details 
1 1 1 Tris-HCl            ? ? ? 
1 2 1 'Ammonium chloride' ? ? ? 
1 3 1 MPD                 ? ? ? 
1 4 1 H2O                 ? ? ? 
1 5 2 MPD                 ? ? ? 
1 6 2 'Ammonium chloride' ? ? ? 
1 7 2 H2O                 ? ? ? 
# 
_diffrn.id                     1 
_diffrn.ambient_temp           120 
_diffrn.ambient_temp_details   ? 
_diffrn.crystal_id             1 
# 
_diffrn_detector.diffrn_id              1 
_diffrn_detector.detector               'IMAGE PLATE' 
_diffrn_detector.type                   'RIGAKU RAXIS IV' 
_diffrn_detector.pdbx_collection_date   2004-04-29 
_diffrn_detector.details                mirrors 
# 
_diffrn_radiation.diffrn_id                        1 
_diffrn_radiation.wavelength_id                    1 
_diffrn_radiation.pdbx_monochromatic_or_laue_m_l   M 
_diffrn_radiation.monochromator                    Confocal 
_diffrn_radiation.pdbx_diffrn_protocol             'SINGLE WAVELENGTH' 
_diffrn_radiation.pdbx_scattering_type             x-ray 
# 
_diffrn_radiation_wavelength.id           1 
_diffrn_radiation_wavelength.wavelength   1.5418 
_diffrn_radiation_wavelength.wt           1.0 
# 
_diffrn_source.diffrn_id                   1 
_diffrn_source.source                      'ROTATING ANODE' 
_diffrn_source.type                        'RIGAKU MICROMAX-007' 
_diffrn_source.pdbx_synchrotron_site       ? 
_diffrn_source.pdbx_synchrotron_beamline   ? 
_diffrn_source.pdbx_wavelength             ? 
_diffrn_source.pdbx_wavelength_list        1.5418 
# 
_reflns.entry_id                     1ZNS 
_reflns.observed_criterion_sigma_I   0 
_reflns.observed_criterion_sigma_F   0 
_reflns.d_resolution_low             40.0 
_reflns.d_resolution_high            2.5 
_reflns.number_obs                   7597 
_reflns.number_all                   89323 
_reflns.percent_possible_obs         98.0 
_reflns.pdbx_Rmerge_I_obs            ? 
_reflns.pdbx_Rsym_value              0.045 
_reflns.pdbx_netI_over_sigmaI        41.1 
_reflns.B_iso_Wilson_estimate        38.7 
_reflns.pdbx_redundancy              11.7 
_reflns.R_free_details               ? 
_reflns.pdbx_chi_squared             ? 
_reflns.pdbx_scaling_rejects         ? 
_reflns.pdbx_ordinal                 1 
_reflns.pdbx_diffrn_id               1 
# 
_reflns_shell.d_res_high             2.5 
_reflns_shell.d_res_low              2.59 
_reflns_shell.percent_possible_all   99.5 
_reflns_shell.Rmerge_I_obs           ? 
_reflns_shell.pdbx_Rsym_value        0.151 
_reflns_shell.meanI_over_sigI_obs    10.8 
_reflns_shell.pdbx_redundancy        ? 
_reflns_shell.percent_possible_obs   ? 
_reflns_shell.number_unique_all      746 
_reflns_shell.number_measured_all    ? 
_reflns_shell.number_measured_obs    ? 
_reflns_shell.number_unique_obs      ? 
_reflns_shell.pdbx_chi_squared       ? 
_reflns_shell.pdbx_ordinal           1 
_reflns_shell.pdbx_diffrn_id         1 
# 
_refine.entry_id                                 1ZNS 
_refine.ls_number_reflns_obs                     7446 
_refine.ls_number_reflns_all                     7667 
_refine.pdbx_ls_sigma_I                          ? 
_refine.pdbx_ls_sigma_F                          0.0 
_refine.pdbx_data_cutoff_high_absF               579011.70 
_refine.pdbx_data_cutoff_low_absF                0.000000 
_refine.pdbx_data_cutoff_high_rms_absF           ? 
_refine.ls_d_res_low                             37.05 
_refine.ls_d_res_high                            2.50 
_refine.ls_percent_reflns_obs                    97.1 
_refine.ls_R_factor_obs                          0.241 
_refine.ls_R_factor_all                          ? 
_refine.ls_R_factor_R_work                       0.241 
_refine.ls_R_factor_R_free                       0.287 
_refine.ls_R_factor_R_free_error                 0.010 
_refine.ls_R_factor_R_free_error_details         ? 
_refine.ls_percent_reflns_R_free                 10.7 
_refine.ls_number_reflns_R_free                  794 
_refine.ls_number_parameters                     ? 
_refine.ls_number_restraints                     ? 
_refine.occupancy_min                            ? 
_refine.occupancy_max                            ? 
_refine.correlation_coeff_Fo_to_Fc               ? 
_refine.correlation_coeff_Fo_to_Fc_free          ? 
_refine.B_iso_mean                               38.4 
_refine.aniso_B[1][1]                            -1.75 
_refine.aniso_B[2][2]                            -1.75 
_refine.aniso_B[3][3]                            3.50 
_refine.aniso_B[1][2]                            0.00 
_refine.aniso_B[1][3]                            0.00 
_refine.aniso_B[2][3]                            0.00 
_refine.solvent_model_details                    'FLAT MODEL' 
_refine.solvent_model_param_ksol                 0.399811 
_refine.solvent_model_param_bsol                 55.4622 
_refine.pdbx_solvent_vdw_probe_radii             ? 
_refine.pdbx_solvent_ion_probe_radii             ? 
_refine.pdbx_solvent_shrinkage_radii             ? 
_refine.pdbx_ls_cross_valid_method               THROUGHOUT 
_refine.details                                  ? 
_refine.pdbx_starting_model                      'PDB ENTRY 1PT3' 
_refine.pdbx_method_to_determine_struct          'MOLECULAR REPLACEMENT' 
_refine.pdbx_isotropic_thermal_model             RESTRAINED 
_refine.pdbx_stereochemistry_target_values       'Engh & Huber' 
_refine.pdbx_stereochem_target_val_spec_case     ? 
_refine.pdbx_R_Free_selection_details            RANDOM 
_refine.pdbx_overall_ESU_R                       ? 
_refine.pdbx_overall_ESU_R_Free                  ? 
_refine.overall_SU_ML                            ? 
_refine.overall_SU_B                             ? 
_refine.ls_redundancy_reflns_obs                 ? 
_refine.overall_SU_R_Cruickshank_DPI             ? 
_refine.overall_SU_R_free                        ? 
_refine.ls_wR_factor_R_free                      ? 
_refine.ls_wR_factor_R_work                      ? 
_refine.overall_FOM_free_R_set                   ? 
_refine.overall_FOM_work_R_set                   ? 
_refine.pdbx_refine_id                           'X-RAY DIFFRACTION' 
_refine.pdbx_diffrn_id                           1 
_refine.pdbx_TLS_residual_ADP_flag               ? 
_refine.pdbx_overall_phase_error                 ? 
_refine.pdbx_overall_SU_R_free_Cruickshank_DPI   ? 
_refine.pdbx_overall_SU_R_Blow_DPI               ? 
_refine.pdbx_overall_SU_R_free_Blow_DPI          ? 
# 
_refine_analyze.entry_id                        1ZNS 
_refine_analyze.Luzzati_coordinate_error_obs    0.35 
_refine_analyze.Luzzati_sigma_a_obs             0.30 
_refine_analyze.Luzzati_d_res_low_obs           5.00 
_refine_analyze.Luzzati_coordinate_error_free   0.48 
_refine_analyze.Luzzati_sigma_a_free            0.44 
_refine_analyze.Luzzati_d_res_low_free          ? 
_refine_analyze.number_disordered_residues      ? 
_refine_analyze.occupancy_sum_hydrogen          ? 
_refine_analyze.occupancy_sum_non_hydrogen      ? 
_refine_analyze.pdbx_refine_id                  'X-RAY DIFFRACTION' 
# 
_refine_hist.pdbx_refine_id                   'X-RAY DIFFRACTION' 
_refine_hist.cycle_id                         LAST 
_refine_hist.pdbx_number_atoms_protein        962 
_refine_hist.pdbx_number_atoms_nucleic_acid   486 
_refine_hist.pdbx_number_atoms_ligand         1 
_refine_hist.number_atoms_solvent             33 
_refine_hist.number_atoms_total               1482 
_refine_hist.d_res_high                       2.50 
_refine_hist.d_res_low                        37.05 
# 
loop_
_refine_ls_restr.type 
_refine_ls_restr.dev_ideal 
_refine_ls_restr.dev_ideal_target 
_refine_ls_restr.weight 
_refine_ls_restr.number 
_refine_ls_restr.pdbx_refine_id 
_refine_ls_restr.pdbx_restraint_function 
c_bond_d                0.014 ?    ? ? 'X-RAY DIFFRACTION' ? 
c_bond_d_na             ?     ?    ? ? 'X-RAY DIFFRACTION' ? 
c_bond_d_prot           ?     ?    ? ? 'X-RAY DIFFRACTION' ? 
c_angle_d               ?     ?    ? ? 'X-RAY DIFFRACTION' ? 
c_angle_d_na            ?     ?    ? ? 'X-RAY DIFFRACTION' ? 
c_angle_d_prot          ?     ?    ? ? 'X-RAY DIFFRACTION' ? 
c_angle_deg             1.6   ?    ? ? 'X-RAY DIFFRACTION' ? 
c_angle_deg_na          ?     ?    ? ? 'X-RAY DIFFRACTION' ? 
c_angle_deg_prot        ?     ?    ? ? 'X-RAY DIFFRACTION' ? 
c_dihedral_angle_d      22.9  ?    ? ? 'X-RAY DIFFRACTION' ? 
c_dihedral_angle_d_na   ?     ?    ? ? 'X-RAY DIFFRACTION' ? 
c_dihedral_angle_d_prot ?     ?    ? ? 'X-RAY DIFFRACTION' ? 
c_improper_angle_d      1.61  ?    ? ? 'X-RAY DIFFRACTION' ? 
c_improper_angle_d_na   ?     ?    ? ? 'X-RAY DIFFRACTION' ? 
c_improper_angle_d_prot ?     ?    ? ? 'X-RAY DIFFRACTION' ? 
c_mcbond_it             1.40  1.50 ? ? 'X-RAY DIFFRACTION' ? 
c_mcangle_it            2.36  2.00 ? ? 'X-RAY DIFFRACTION' ? 
c_scbond_it             2.06  2.00 ? ? 'X-RAY DIFFRACTION' ? 
c_scangle_it            3.19  2.50 ? ? 'X-RAY DIFFRACTION' ? 
# 
_refine_ls_shell.pdbx_total_number_of_bins_used   6 
_refine_ls_shell.d_res_high                       2.50 
_refine_ls_shell.d_res_low                        2.66 
_refine_ls_shell.number_reflns_R_work             1068 
_refine_ls_shell.R_factor_R_work                  0.332 
_refine_ls_shell.percent_reflns_obs               98.1 
_refine_ls_shell.R_factor_R_free                  0.4 
_refine_ls_shell.R_factor_R_free_error            0.034 
_refine_ls_shell.percent_reflns_R_free            11.2 
_refine_ls_shell.number_reflns_R_free             135 
_refine_ls_shell.redundancy_reflns_obs            ? 
_refine_ls_shell.number_reflns_all                ? 
_refine_ls_shell.number_reflns_obs                ? 
_refine_ls_shell.R_factor_all                     ? 
_refine_ls_shell.pdbx_refine_id                   'X-RAY DIFFRACTION' 
# 
loop_
_pdbx_xplor_file.serial_no 
_pdbx_xplor_file.param_file 
_pdbx_xplor_file.topol_file 
_pdbx_xplor_file.pdbx_refine_id 
1 protein_rep.param protein.top 'X-RAY DIFFRACTION' 
2 dna-rna.param     dna-rna.top 'X-RAY DIFFRACTION' 
3 water_rep.param   water.top   'X-RAY DIFFRACTION' 
4 ion.param         ion.top     'X-RAY DIFFRACTION' 
# 
_struct.entry_id                  1ZNS 
_struct.title                     'Crystal structure of N-ColE7/12-bp DNA/Zn complex' 
_struct.pdbx_model_details        ? 
_struct.pdbx_CASP_flag            ? 
_struct.pdbx_model_type_details   ? 
# 
_struct_keywords.entry_id        1ZNS 
_struct_keywords.pdbx_keywords   Hydrolase/DNA 
_struct_keywords.text            'H-N-H motif, endonuclease, colicin, protein-DNA complex, HIS-metal finger, Hydrolase-DNA COMPLEX' 
# 
loop_
_struct_asym.id 
_struct_asym.pdbx_blank_PDB_chainid_flag 
_struct_asym.pdbx_modified 
_struct_asym.entity_id 
_struct_asym.details 
A N N 1 ? 
B N N 1 ? 
C N N 2 ? 
D N N 3 ? 
E N N 4 ? 
F N N 4 ? 
G N N 4 ? 
# 
_struct_biol.id                    1 
_struct_biol.pdbx_parent_biol_id   ? 
_struct_biol.details               ? 
# 
loop_
_struct_conf.conf_type_id 
_struct_conf.id 
_struct_conf.pdbx_PDB_helix_id 
_struct_conf.beg_label_comp_id 
_struct_conf.beg_label_asym_id 
_struct_conf.beg_label_seq_id 
_struct_conf.pdbx_beg_PDB_ins_code 
_struct_conf.end_label_comp_id 
_struct_conf.end_label_asym_id 
_struct_conf.end_label_seq_id 
_struct_conf.pdbx_end_PDB_ins_code 
_struct_conf.beg_auth_comp_id 
_struct_conf.beg_auth_asym_id 
_struct_conf.beg_auth_seq_id 
_struct_conf.end_auth_comp_id 
_struct_conf.end_auth_asym_id 
_struct_conf.end_auth_seq_id 
_struct_conf.pdbx_PDB_helix_class 
_struct_conf.details 
_struct_conf.pdbx_PDB_helix_length 
HELX_P HELX_P1 1 PRO C 35  ? ARG C 43  ? PRO A 477 ARG A 485 1 ? 9  
HELX_P HELX_P2 2 SER C 49  ? ASP C 64  ? SER A 491 ASP A 506 1 ? 16 
HELX_P HELX_P3 3 ASP C 64  ? LYS C 69  ? ASP A 506 LYS A 511 1 ? 6  
HELX_P HELX_P4 4 SER C 72  ? VAL C 81  ? SER A 514 VAL A 523 1 ? 10 
HELX_P HELX_P5 5 ARG C 88  ? VAL C 92  ? ARG A 530 VAL A 534 5 ? 5  
HELX_P HELX_P6 6 THR C 123 ? ARG C 132 ? THR A 565 ARG A 574 1 ? 10 
# 
_struct_conf_type.id          HELX_P 
_struct_conf_type.criteria    ? 
_struct_conf_type.reference   ? 
# 
loop_
_struct_conn.id 
_struct_conn.conn_type_id 
_struct_conn.pdbx_leaving_atom_flag 
_struct_conn.pdbx_PDB_id 
_struct_conn.ptnr1_label_asym_id 
_struct_conn.ptnr1_label_comp_id 
_struct_conn.ptnr1_label_seq_id 
_struct_conn.ptnr1_label_atom_id 
_struct_conn.pdbx_ptnr1_label_alt_id 
_struct_conn.pdbx_ptnr1_PDB_ins_code 
_struct_conn.pdbx_ptnr1_standard_comp_id 
_struct_conn.ptnr1_symmetry 
_struct_conn.ptnr2_label_asym_id 
_struct_conn.ptnr2_label_comp_id 
_struct_conn.ptnr2_label_seq_id 
_struct_conn.ptnr2_label_atom_id 
_struct_conn.pdbx_ptnr2_label_alt_id 
_struct_conn.pdbx_ptnr2_PDB_ins_code 
_struct_conn.ptnr1_auth_asym_id 
_struct_conn.ptnr1_auth_comp_id 
_struct_conn.ptnr1_auth_seq_id 
_struct_conn.ptnr2_auth_asym_id 
_struct_conn.ptnr2_auth_comp_id 
_struct_conn.ptnr2_auth_seq_id 
_struct_conn.ptnr2_symmetry 
_struct_conn.pdbx_ptnr3_label_atom_id 
_struct_conn.pdbx_ptnr3_label_seq_id 
_struct_conn.pdbx_ptnr3_label_comp_id 
_struct_conn.pdbx_ptnr3_label_asym_id 
_struct_conn.pdbx_ptnr3_label_alt_id 
_struct_conn.pdbx_ptnr3_PDB_ins_code 
_struct_conn.details 
_struct_conn.pdbx_dist_value 
_struct_conn.pdbx_value_order 
_struct_conn.pdbx_role 
metalc1  metalc ? ? A DA  5   OP1 ? ? ? 1_555 D ZN .  ZN ? ? B DA  5   A ZN 1500 1_555 ? ? ? ? ? ? ?            2.017 ? ? 
metalc2  metalc ? ? C HIS 102 ND1 ? ? ? 1_555 D ZN .  ZN ? ? A HIS 544 A ZN 1500 1_555 ? ? ? ? ? ? ?            1.798 ? ? 
metalc3  metalc ? ? C HIS 127 NE2 ? ? ? 1_555 D ZN .  ZN ? ? A HIS 569 A ZN 1500 1_555 ? ? ? ? ? ? ?            1.941 ? ? 
metalc4  metalc ? ? C HIS 131 NE2 ? ? ? 1_555 D ZN .  ZN ? ? A HIS 573 A ZN 1500 1_555 ? ? ? ? ? ? ?            2.047 ? ? 
hydrog1  hydrog ? ? A DC  1   N3  ? ? ? 1_555 B DG 12 N1 ? ? B DC  1   C DG 24   1_555 ? ? ? ? ? ? WATSON-CRICK ?     ? ? 
hydrog2  hydrog ? ? A DC  1   N4  ? ? ? 1_555 B DG 12 O6 ? ? B DC  1   C DG 24   1_555 ? ? ? ? ? ? WATSON-CRICK ?     ? ? 
hydrog3  hydrog ? ? A DC  1   O2  ? ? ? 1_555 B DG 12 N2 ? ? B DC  1   C DG 24   1_555 ? ? ? ? ? ? WATSON-CRICK ?     ? ? 
hydrog4  hydrog ? ? A DG  2   N1  ? ? ? 1_555 B DC 11 N3 ? ? B DG  2   C DC 23   1_555 ? ? ? ? ? ? WATSON-CRICK ?     ? ? 
hydrog5  hydrog ? ? A DG  2   N2  ? ? ? 1_555 B DC 11 O2 ? ? B DG  2   C DC 23   1_555 ? ? ? ? ? ? WATSON-CRICK ?     ? ? 
hydrog6  hydrog ? ? A DG  2   O6  ? ? ? 1_555 B DC 11 N4 ? ? B DG  2   C DC 23   1_555 ? ? ? ? ? ? WATSON-CRICK ?     ? ? 
hydrog7  hydrog ? ? A DG  3   N1  ? ? ? 1_555 B DC 10 N3 ? ? B DG  3   C DC 22   1_555 ? ? ? ? ? ? WATSON-CRICK ?     ? ? 
hydrog8  hydrog ? ? A DG  3   N2  ? ? ? 1_555 B DC 10 O2 ? ? B DG  3   C DC 22   1_555 ? ? ? ? ? ? WATSON-CRICK ?     ? ? 
hydrog9  hydrog ? ? A DG  3   O6  ? ? ? 1_555 B DC 10 N4 ? ? B DG  3   C DC 22   1_555 ? ? ? ? ? ? WATSON-CRICK ?     ? ? 
hydrog10 hydrog ? ? A DG  4   N1  ? ? ? 1_555 B DC 9  N3 ? ? B DG  4   C DC 21   1_555 ? ? ? ? ? ? WATSON-CRICK ?     ? ? 
hydrog11 hydrog ? ? A DG  4   N2  ? ? ? 1_555 B DC 9  O2 ? ? B DG  4   C DC 21   1_555 ? ? ? ? ? ? WATSON-CRICK ?     ? ? 
hydrog12 hydrog ? ? A DG  4   O6  ? ? ? 1_555 B DC 9  N4 ? ? B DG  4   C DC 21   1_555 ? ? ? ? ? ? WATSON-CRICK ?     ? ? 
hydrog13 hydrog ? ? A DA  5   N1  ? ? ? 1_555 B DT 8  N3 ? ? B DA  5   C DT 20   1_555 ? ? ? ? ? ? WATSON-CRICK ?     ? ? 
hydrog14 hydrog ? ? A DA  5   N6  ? ? ? 1_555 B DT 8  O4 ? ? B DA  5   C DT 20   1_555 ? ? ? ? ? ? WATSON-CRICK ?     ? ? 
hydrog15 hydrog ? ? A DT  6   N3  ? ? ? 1_555 B DA 7  N1 ? ? B DT  6   C DA 19   1_555 ? ? ? ? ? ? WATSON-CRICK ?     ? ? 
hydrog16 hydrog ? ? A DT  6   O4  ? ? ? 1_555 B DA 7  N6 ? ? B DT  6   C DA 19   1_555 ? ? ? ? ? ? WATSON-CRICK ?     ? ? 
hydrog17 hydrog ? ? A DA  7   N1  ? ? ? 1_555 B DT 6  N3 ? ? B DA  7   C DT 18   1_555 ? ? ? ? ? ? WATSON-CRICK ?     ? ? 
hydrog18 hydrog ? ? A DA  7   N6  ? ? ? 1_555 B DT 6  O4 ? ? B DA  7   C DT 18   1_555 ? ? ? ? ? ? WATSON-CRICK ?     ? ? 
hydrog19 hydrog ? ? A DT  8   N3  ? ? ? 1_555 B DA 5  N1 ? ? B DT  8   C DA 17   1_555 ? ? ? ? ? ? WATSON-CRICK ?     ? ? 
hydrog20 hydrog ? ? A DT  8   O4  ? ? ? 1_555 B DA 5  N6 ? ? B DT  8   C DA 17   1_555 ? ? ? ? ? ? WATSON-CRICK ?     ? ? 
hydrog21 hydrog ? ? A DC  9   N3  ? ? ? 1_555 B DG 4  N1 ? ? B DC  9   C DG 16   1_555 ? ? ? ? ? ? WATSON-CRICK ?     ? ? 
hydrog22 hydrog ? ? A DC  9   N4  ? ? ? 1_555 B DG 4  O6 ? ? B DC  9   C DG 16   1_555 ? ? ? ? ? ? WATSON-CRICK ?     ? ? 
hydrog23 hydrog ? ? A DC  9   O2  ? ? ? 1_555 B DG 4  N2 ? ? B DC  9   C DG 16   1_555 ? ? ? ? ? ? WATSON-CRICK ?     ? ? 
hydrog24 hydrog ? ? A DC  10  N3  ? ? ? 1_555 B DG 3  N1 ? ? B DC  10  C DG 15   1_555 ? ? ? ? ? ? WATSON-CRICK ?     ? ? 
hydrog25 hydrog ? ? A DC  10  N4  ? ? ? 1_555 B DG 3  O6 ? ? B DC  10  C DG 15   1_555 ? ? ? ? ? ? WATSON-CRICK ?     ? ? 
hydrog26 hydrog ? ? A DC  10  O2  ? ? ? 1_555 B DG 3  N2 ? ? B DC  10  C DG 15   1_555 ? ? ? ? ? ? WATSON-CRICK ?     ? ? 
hydrog27 hydrog ? ? A DC  11  N3  ? ? ? 1_555 B DG 2  N1 ? ? B DC  11  C DG 14   1_555 ? ? ? ? ? ? WATSON-CRICK ?     ? ? 
hydrog28 hydrog ? ? A DC  11  N4  ? ? ? 1_555 B DG 2  O6 ? ? B DC  11  C DG 14   1_555 ? ? ? ? ? ? WATSON-CRICK ?     ? ? 
hydrog29 hydrog ? ? A DC  11  O2  ? ? ? 1_555 B DG 2  N2 ? ? B DC  11  C DG 14   1_555 ? ? ? ? ? ? WATSON-CRICK ?     ? ? 
# 
loop_
_struct_conn_type.id 
_struct_conn_type.criteria 
_struct_conn_type.reference 
metalc ? ? 
hydrog ? ? 
# 
loop_
_struct_sheet.id 
_struct_sheet.type 
_struct_sheet.number_strands 
_struct_sheet.details 
A ? 2 ? 
B ? 3 ? 
# 
loop_
_struct_sheet_order.sheet_id 
_struct_sheet_order.range_id_1 
_struct_sheet_order.range_id_2 
_struct_sheet_order.offset 
_struct_sheet_order.sense 
A 1 2 ? anti-parallel 
B 1 2 ? anti-parallel 
B 2 3 ? anti-parallel 
# 
loop_
_struct_sheet_range.sheet_id 
_struct_sheet_range.id 
_struct_sheet_range.beg_label_comp_id 
_struct_sheet_range.beg_label_asym_id 
_struct_sheet_range.beg_label_seq_id 
_struct_sheet_range.pdbx_beg_PDB_ins_code 
_struct_sheet_range.end_label_comp_id 
_struct_sheet_range.end_label_asym_id 
_struct_sheet_range.end_label_seq_id 
_struct_sheet_range.pdbx_end_PDB_ins_code 
_struct_sheet_range.beg_auth_comp_id 
_struct_sheet_range.beg_auth_asym_id 
_struct_sheet_range.beg_auth_seq_id 
_struct_sheet_range.end_auth_comp_id 
_struct_sheet_range.end_auth_asym_id 
_struct_sheet_range.end_auth_seq_id 
A 1 GLY C 9   ? LYS C 10  ? GLY A 451 LYS A 452 
A 2 GLU C 46  ? PHE C 47  ? GLU A 488 PHE A 489 
B 1 SER C 32  ? PRO C 33  ? SER A 474 PRO A 475 
B 2 ILE C 119 ? VAL C 122 ? ILE A 561 VAL A 564 
B 3 GLU C 100 ? GLU C 103 ? GLU A 542 GLU A 545 
# 
loop_
_pdbx_struct_sheet_hbond.sheet_id 
_pdbx_struct_sheet_hbond.range_id_1 
_pdbx_struct_sheet_hbond.range_id_2 
_pdbx_struct_sheet_hbond.range_1_label_atom_id 
_pdbx_struct_sheet_hbond.range_1_label_comp_id 
_pdbx_struct_sheet_hbond.range_1_label_asym_id 
_pdbx_struct_sheet_hbond.range_1_label_seq_id 
_pdbx_struct_sheet_hbond.range_1_PDB_ins_code 
_pdbx_struct_sheet_hbond.range_1_auth_atom_id 
_pdbx_struct_sheet_hbond.range_1_auth_comp_id 
_pdbx_struct_sheet_hbond.range_1_auth_asym_id 
_pdbx_struct_sheet_hbond.range_1_auth_seq_id 
_pdbx_struct_sheet_hbond.range_2_label_atom_id 
_pdbx_struct_sheet_hbond.range_2_label_comp_id 
_pdbx_struct_sheet_hbond.range_2_label_asym_id 
_pdbx_struct_sheet_hbond.range_2_label_seq_id 
_pdbx_struct_sheet_hbond.range_2_PDB_ins_code 
_pdbx_struct_sheet_hbond.range_2_auth_atom_id 
_pdbx_struct_sheet_hbond.range_2_auth_comp_id 
_pdbx_struct_sheet_hbond.range_2_auth_asym_id 
_pdbx_struct_sheet_hbond.range_2_auth_seq_id 
A 1 2 N GLY C 9   ? N GLY A 451 O PHE C 47  ? O PHE A 489 
B 1 2 N SER C 32  ? N SER A 474 O VAL C 121 ? O VAL A 563 
B 2 3 O SER C 120 ? O SER A 562 N HIS C 102 ? N HIS A 544 
# 
_struct_site.id                   AC1 
_struct_site.pdbx_evidence_code   Software 
_struct_site.pdbx_auth_asym_id    A 
_struct_site.pdbx_auth_comp_id    ZN 
_struct_site.pdbx_auth_seq_id     1500 
_struct_site.pdbx_auth_ins_code   ? 
_struct_site.pdbx_num_residues    5 
_struct_site.details              'BINDING SITE FOR RESIDUE ZN A 1500' 
# 
loop_
_struct_site_gen.id 
_struct_site_gen.site_id 
_struct_site_gen.pdbx_num_res 
_struct_site_gen.label_comp_id 
_struct_site_gen.label_asym_id 
_struct_site_gen.label_seq_id 
_struct_site_gen.pdbx_auth_ins_code 
_struct_site_gen.auth_comp_id 
_struct_site_gen.auth_asym_id 
_struct_site_gen.auth_seq_id 
_struct_site_gen.label_atom_id 
_struct_site_gen.label_alt_id 
_struct_site_gen.symmetry 
_struct_site_gen.details 
1 AC1 5 HIS C 102 ? HIS A 544 . ? 1_555 ? 
2 AC1 5 HIS C 127 ? HIS A 569 . ? 1_555 ? 
3 AC1 5 HIS C 131 ? HIS A 573 . ? 1_555 ? 
4 AC1 5 DG  A 4   ? DG  B 4   . ? 1_555 ? 
5 AC1 5 DA  A 5   ? DA  B 5   . ? 1_555 ? 
# 
_atom_sites.entry_id                    1ZNS 
_atom_sites.fract_transf_matrix[1][1]   -0.00864053 
_atom_sites.fract_transf_matrix[1][2]   0.00444006 
_atom_sites.fract_transf_matrix[1][3]   -0.02043879 
_atom_sites.fract_transf_matrix[2][1]   0.00677785 
_atom_sites.fract_transf_matrix[2][2]   0.02151527 
_atom_sites.fract_transf_matrix[2][3]   0.00180857 
_atom_sites.fract_transf_matrix[3][1]   0.00428700 
_atom_sites.fract_transf_matrix[3][2]   -0.00117668 
_atom_sites.fract_transf_matrix[3][3]   -0.00206796 
_atom_sites.fract_transf_vector[1]      0.985104 
_atom_sites.fract_transf_vector[2]      0.255739 
_atom_sites.fract_transf_vector[3]      0.067013 
# 
loop_
_atom_type.symbol 
C  
N  
O  
P  
S  
ZN 
# 
loop_
_atom_site.group_PDB 
_atom_site.id 
_atom_site.type_symbol 
_atom_site.label_atom_id 
_atom_site.label_alt_id 
_atom_site.label_comp_id 
_atom_site.label_asym_id 
_atom_site.label_entity_id 
_atom_site.label_seq_id 
_atom_site.pdbx_PDB_ins_code 
_atom_site.Cartn_x 
_atom_site.Cartn_y 
_atom_site.Cartn_z 
_atom_site.occupancy 
_atom_site.B_iso_or_equiv 
_atom_site.pdbx_formal_charge 
_atom_site.auth_seq_id 
_atom_site.auth_comp_id 
_atom_site.auth_asym_id 
_atom_site.auth_atom_id 
_atom_site.pdbx_PDB_model_num 
ATOM   1    O  "O5'" . DC  A 1 1   ? -1.438  4.098   33.575  1.00 72.44 ? 1    DC  B "O5'" 1 
ATOM   2    C  "C5'" . DC  A 1 1   ? -2.839  4.422   33.421  1.00 68.39 ? 1    DC  B "C5'" 1 
ATOM   3    C  "C4'" . DC  A 1 1   ? -3.212  4.271   31.968  1.00 65.97 ? 1    DC  B "C4'" 1 
ATOM   4    O  "O4'" . DC  A 1 1   ? -3.003  5.545   31.291  1.00 64.05 ? 1    DC  B "O4'" 1 
ATOM   5    C  "C3'" . DC  A 1 1   ? -2.327  3.243   31.251  1.00 65.77 ? 1    DC  B "C3'" 1 
ATOM   6    O  "O3'" . DC  A 1 1   ? -3.081  2.427   30.337  1.00 67.65 ? 1    DC  B "O3'" 1 
ATOM   7    C  "C2'" . DC  A 1 1   ? -1.357  4.113   30.478  1.00 63.24 ? 1    DC  B "C2'" 1 
ATOM   8    C  "C1'" . DC  A 1 1   ? -2.218  5.317   30.136  1.00 60.36 ? 1    DC  B "C1'" 1 
ATOM   9    N  N1    . DC  A 1 1   ? -1.431  6.523   29.803  1.00 54.98 ? 1    DC  B N1    1 
ATOM   10   C  C2    . DC  A 1 1   ? -1.997  7.523   28.989  1.00 53.33 ? 1    DC  B C2    1 
ATOM   11   O  O2    . DC  A 1 1   ? -3.207  7.467   28.713  1.00 51.33 ? 1    DC  B O2    1 
ATOM   12   N  N3    . DC  A 1 1   ? -1.201  8.524   28.526  1.00 51.51 ? 1    DC  B N3    1 
ATOM   13   C  C4    . DC  A 1 1   ? 0.103   8.556   28.866  1.00 51.85 ? 1    DC  B C4    1 
ATOM   14   N  N4    . DC  A 1 1   ? 0.890   9.506   28.317  1.00 50.06 ? 1    DC  B N4    1 
ATOM   15   C  C5    . DC  A 1 1   ? 0.669   7.607   29.767  1.00 51.53 ? 1    DC  B C5    1 
ATOM   16   C  C6    . DC  A 1 1   ? -0.131  6.626   30.212  1.00 54.09 ? 1    DC  B C6    1 
ATOM   17   P  P     . DG  A 1 2   ? -2.364  1.171   29.569  1.00 69.37 ? 2    DG  B P     1 
ATOM   18   O  OP1   . DG  A 1 2   ? -2.899  -0.088  30.187  1.00 69.27 ? 2    DG  B OP1   1 
ATOM   19   O  OP2   . DG  A 1 2   ? -0.886  1.348   29.450  1.00 67.17 ? 2    DG  B OP2   1 
ATOM   20   O  "O5'" . DG  A 1 2   ? -2.970  1.282   28.099  1.00 65.03 ? 2    DG  B "O5'" 1 
ATOM   21   C  "C5'" . DG  A 1 2   ? -4.338  1.632   27.912  1.00 60.63 ? 2    DG  B "C5'" 1 
ATOM   22   C  "C4'" . DG  A 1 2   ? -4.691  1.550   26.446  1.00 58.48 ? 2    DG  B "C4'" 1 
ATOM   23   O  "O4'" . DG  A 1 2   ? -3.844  2.451   25.680  1.00 56.35 ? 2    DG  B "O4'" 1 
ATOM   24   C  "C3'" . DG  A 1 2   ? -4.531  0.171   25.799  1.00 56.55 ? 2    DG  B "C3'" 1 
ATOM   25   O  "O3'" . DG  A 1 2   ? -5.658  -0.029  24.953  1.00 58.22 ? 2    DG  B "O3'" 1 
ATOM   26   C  "C2'" . DG  A 1 2   ? -3.228  0.280   25.020  1.00 54.25 ? 2    DG  B "C2'" 1 
ATOM   27   C  "C1'" . DG  A 1 2   ? -3.199  1.752   24.613  1.00 50.67 ? 2    DG  B "C1'" 1 
ATOM   28   N  N9    . DG  A 1 2   ? -1.863  2.331   24.447  1.00 42.88 ? 2    DG  B N9    1 
ATOM   29   C  C8    . DG  A 1 2   ? -0.702  1.892   25.027  1.00 40.98 ? 2    DG  B C8    1 
ATOM   30   N  N7    . DG  A 1 2   ? 0.334   2.635   24.734  1.00 38.53 ? 2    DG  B N7    1 
ATOM   31   C  C5    . DG  A 1 2   ? -0.173  3.629   23.907  1.00 37.83 ? 2    DG  B C5    1 
ATOM   32   C  C6    . DG  A 1 2   ? 0.473   4.767   23.326  1.00 37.62 ? 2    DG  B C6    1 
ATOM   33   O  O6    . DG  A 1 2   ? 1.662   5.144   23.458  1.00 38.47 ? 2    DG  B O6    1 
ATOM   34   N  N1    . DG  A 1 2   ? -0.412  5.520   22.555  1.00 35.64 ? 2    DG  B N1    1 
ATOM   35   C  C2    . DG  A 1 2   ? -1.741  5.237   22.389  1.00 37.67 ? 2    DG  B C2    1 
ATOM   36   N  N2    . DG  A 1 2   ? -2.418  6.095   21.601  1.00 37.63 ? 2    DG  B N2    1 
ATOM   37   N  N3    . DG  A 1 2   ? -2.364  4.198   22.951  1.00 36.43 ? 2    DG  B N3    1 
ATOM   38   C  C4    . DG  A 1 2   ? -1.523  3.445   23.694  1.00 38.79 ? 2    DG  B C4    1 
ATOM   39   P  P     . DG  A 1 3   ? -5.597  -1.090  23.753  1.00 59.79 ? 3    DG  B P     1 
ATOM   40   O  OP1   . DG  A 1 3   ? -6.990  -1.559  23.529  1.00 59.25 ? 3    DG  B OP1   1 
ATOM   41   O  OP2   . DG  A 1 3   ? -4.509  -2.079  23.986  1.00 58.92 ? 3    DG  B OP2   1 
ATOM   42   O  "O5'" . DG  A 1 3   ? -5.221  -0.161  22.525  1.00 59.79 ? 3    DG  B "O5'" 1 
ATOM   43   C  "C5'" . DG  A 1 3   ? -5.912  1.086   22.330  1.00 58.32 ? 3    DG  B "C5'" 1 
ATOM   44   C  "C4'" . DG  A 1 3   ? -5.665  1.592   20.927  1.00 55.61 ? 3    DG  B "C4'" 1 
ATOM   45   O  "O4'" . DG  A 1 3   ? -4.402  2.305   20.832  1.00 53.68 ? 3    DG  B "O4'" 1 
ATOM   46   C  "C3'" . DG  A 1 3   ? -5.570  0.436   19.930  1.00 54.79 ? 3    DG  B "C3'" 1 
ATOM   47   O  "O3'" . DG  A 1 3   ? -6.176  0.816   18.702  1.00 56.21 ? 3    DG  B "O3'" 1 
ATOM   48   C  "C2'" . DG  A 1 3   ? -4.075  0.256   19.754  1.00 51.41 ? 3    DG  B "C2'" 1 
ATOM   49   C  "C1'" . DG  A 1 3   ? -3.602  1.698   19.824  1.00 48.65 ? 3    DG  B "C1'" 1 
ATOM   50   N  N9    . DG  A 1 3   ? -2.201  1.834   20.198  1.00 41.87 ? 3    DG  B N9    1 
ATOM   51   C  C8    . DG  A 1 3   ? -1.474  0.966   20.963  1.00 40.80 ? 3    DG  B C8    1 
ATOM   52   N  N7    . DG  A 1 3   ? -0.226  1.332   21.111  1.00 39.46 ? 3    DG  B N7    1 
ATOM   53   C  C5    . DG  A 1 3   ? -0.143  2.528   20.417  1.00 36.42 ? 3    DG  B C5    1 
ATOM   54   C  C6    . DG  A 1 3   ? 0.967   3.399   20.235  1.00 35.21 ? 3    DG  B C6    1 
ATOM   55   O  O6    . DG  A 1 3   ? 2.077   3.335   20.777  1.00 30.98 ? 3    DG  B O6    1 
ATOM   56   N  N1    . DG  A 1 3   ? 0.665   4.447   19.356  1.00 32.75 ? 3    DG  B N1    1 
ATOM   57   C  C2    . DG  A 1 3   ? -0.594  4.664   18.800  1.00 36.64 ? 3    DG  B C2    1 
ATOM   58   N  N2    . DG  A 1 3   ? -0.722  5.715   17.946  1.00 35.21 ? 3    DG  B N2    1 
ATOM   59   N  N3    . DG  A 1 3   ? -1.660  3.895   19.050  1.00 37.70 ? 3    DG  B N3    1 
ATOM   60   C  C4    . DG  A 1 3   ? -1.351  2.841   19.838  1.00 38.17 ? 3    DG  B C4    1 
ATOM   61   P  P     . DG  A 1 4   ? -6.352  -0.271  17.536  1.00 58.67 ? 4    DG  B P     1 
ATOM   62   O  OP1   . DG  A 1 4   ? -7.780  -0.091  17.114  1.00 57.15 ? 4    DG  B OP1   1 
ATOM   63   O  OP2   . DG  A 1 4   ? -5.841  -1.619  17.949  1.00 58.09 ? 4    DG  B OP2   1 
ATOM   64   O  "O5'" . DG  A 1 4   ? -5.400  0.270   16.377  1.00 54.44 ? 4    DG  B "O5'" 1 
ATOM   65   C  "C5'" . DG  A 1 4   ? -5.656  1.549   15.830  1.00 48.32 ? 4    DG  B "C5'" 1 
ATOM   66   C  "C4'" . DG  A 1 4   ? -4.487  2.004   15.000  1.00 44.04 ? 4    DG  B "C4'" 1 
ATOM   67   O  "O4'" . DG  A 1 4   ? -3.341  2.365   15.821  1.00 42.11 ? 4    DG  B "O4'" 1 
ATOM   68   C  "C3'" . DG  A 1 4   ? -4.000  0.963   13.982  1.00 40.92 ? 4    DG  B "C3'" 1 
ATOM   69   O  "O3'" . DG  A 1 4   ? -3.810  1.628   12.747  1.00 35.71 ? 4    DG  B "O3'" 1 
ATOM   70   C  "C2'" . DG  A 1 4   ? -2.648  0.545   14.519  1.00 39.96 ? 4    DG  B "C2'" 1 
ATOM   71   C  "C1'" . DG  A 1 4   ? -2.187  1.827   15.202  1.00 39.51 ? 4    DG  B "C1'" 1 
ATOM   72   N  N9    . DG  A 1 4   ? -1.193  1.527   16.218  1.00 36.44 ? 4    DG  B N9    1 
ATOM   73   C  C8    . DG  A 1 4   ? -1.204  0.495   17.115  1.00 33.06 ? 4    DG  B C8    1 
ATOM   74   N  N7    . DG  A 1 4   ? -0.074  0.361   17.733  1.00 34.00 ? 4    DG  B N7    1 
ATOM   75   C  C5    . DG  A 1 4   ? 0.709   1.399   17.243  1.00 31.75 ? 4    DG  B C5    1 
ATOM   76   C  C6    . DG  A 1 4   ? 2.034   1.758   17.539  1.00 31.15 ? 4    DG  B C6    1 
ATOM   77   O  O6    . DG  A 1 4   ? 2.813   1.212   18.322  1.00 31.28 ? 4    DG  B O6    1 
ATOM   78   N  N1    . DG  A 1 4   ? 2.434   2.884   16.828  1.00 30.39 ? 4    DG  B N1    1 
ATOM   79   C  C2    . DG  A 1 4   ? 1.627   3.579   15.955  1.00 31.30 ? 4    DG  B C2    1 
ATOM   80   N  N2    . DG  A 1 4   ? 2.167   4.644   15.331  1.00 30.27 ? 4    DG  B N2    1 
ATOM   81   N  N3    . DG  A 1 4   ? 0.383   3.257   15.700  1.00 29.67 ? 4    DG  B N3    1 
ATOM   82   C  C4    . DG  A 1 4   ? 0.004   2.159   16.361  1.00 32.59 ? 4    DG  B C4    1 
ATOM   83   P  P     . DA  A 1 5   ? -3.602  0.793   11.409  1.00 31.88 ? 5    DA  B P     1 
ATOM   84   O  OP1   . DA  A 1 5   ? -4.646  1.227   10.411  1.00 31.71 ? 5    DA  B OP1   1 
ATOM   85   O  OP2   . DA  A 1 5   ? -3.416  -0.634  11.724  1.00 29.64 ? 5    DA  B OP2   1 
ATOM   86   O  "O5'" . DA  A 1 5   ? -2.225  1.369   10.894  1.00 29.47 ? 5    DA  B "O5'" 1 
ATOM   87   C  "C5'" . DA  A 1 5   ? -1.083  0.564   10.904  1.00 27.23 ? 5    DA  B "C5'" 1 
ATOM   88   C  "C4'" . DA  A 1 5   ? 0.121   1.448   10.813  1.00 26.71 ? 5    DA  B "C4'" 1 
ATOM   89   O  "O4'" . DA  A 1 5   ? 0.457   1.846   12.173  1.00 27.58 ? 5    DA  B "O4'" 1 
ATOM   90   C  "C3'" . DA  A 1 5   ? 1.332   0.728   10.270  1.00 25.44 ? 5    DA  B "C3'" 1 
ATOM   91   O  "O3'" . DA  A 1 5   ? 1.599   1.056   8.930   1.00 24.14 ? 5    DA  B "O3'" 1 
ATOM   92   C  "C2'" . DA  A 1 5   ? 2.485   1.243   11.113  1.00 26.46 ? 5    DA  B "C2'" 1 
ATOM   93   C  "C1'" . DA  A 1 5   ? 1.872   1.926   12.340  1.00 24.91 ? 5    DA  B "C1'" 1 
ATOM   94   N  N9    . DA  A 1 5   ? 2.240   1.097   13.493  1.00 22.43 ? 5    DA  B N9    1 
ATOM   95   C  C8    . DA  A 1 5   ? 1.497   0.116   14.104  1.00 19.66 ? 5    DA  B C8    1 
ATOM   96   N  N7    . DA  A 1 5   ? 2.186   -0.583  14.988  1.00 23.54 ? 5    DA  B N7    1 
ATOM   97   C  C5    . DA  A 1 5   ? 3.444   0.015   14.988  1.00 19.74 ? 5    DA  B C5    1 
ATOM   98   C  C6    . DA  A 1 5   ? 4.624   -0.238  15.719  1.00 19.82 ? 5    DA  B C6    1 
ATOM   99   N  N6    . DA  A 1 5   ? 4.763   -1.199  16.605  1.00 15.76 ? 5    DA  B N6    1 
ATOM   100  N  N1    . DA  A 1 5   ? 5.682   0.562   15.498  1.00 22.91 ? 5    DA  B N1    1 
ATOM   101  C  C2    . DA  A 1 5   ? 5.551   1.564   14.599  1.00 22.49 ? 5    DA  B C2    1 
ATOM   102  N  N3    . DA  A 1 5   ? 4.504   1.896   13.865  1.00 20.75 ? 5    DA  B N3    1 
ATOM   103  C  C4    . DA  A 1 5   ? 3.475   1.078   14.105  1.00 19.68 ? 5    DA  B C4    1 
ATOM   104  P  P     . DT  A 1 6   ? 2.455   0.014   8.062   1.00 22.34 ? 6    DT  B P     1 
ATOM   105  O  OP1   . DT  A 1 6   ? 2.087   0.191   6.649   1.00 22.12 ? 6    DT  B OP1   1 
ATOM   106  O  OP2   . DT  A 1 6   ? 2.259   -1.284  8.702   1.00 20.82 ? 6    DT  B OP2   1 
ATOM   107  O  "O5'" . DT  A 1 6   ? 3.942   0.545   8.281   1.00 19.36 ? 6    DT  B "O5'" 1 
ATOM   108  C  "C5'" . DT  A 1 6   ? 4.210   1.924   8.017   1.00 18.79 ? 6    DT  B "C5'" 1 
ATOM   109  C  "C4'" . DT  A 1 6   ? 5.674   2.235   8.192   1.00 19.48 ? 6    DT  B "C4'" 1 
ATOM   110  O  "O4'" . DT  A 1 6   ? 6.012   2.019   9.593   1.00 24.58 ? 6    DT  B "O4'" 1 
ATOM   111  C  "C3'" . DT  A 1 6   ? 6.602   1.322   7.373   1.00 21.12 ? 6    DT  B "C3'" 1 
ATOM   112  O  "O3'" . DT  A 1 6   ? 7.713   2.068   6.892   1.00 19.68 ? 6    DT  B "O3'" 1 
ATOM   113  C  "C2'" . DT  A 1 6   ? 7.041   0.244   8.357   1.00 20.63 ? 6    DT  B "C2'" 1 
ATOM   114  C  "C1'" . DT  A 1 6   ? 7.011   0.985   9.700   1.00 22.87 ? 6    DT  B "C1'" 1 
ATOM   115  N  N1    . DT  A 1 6   ? 6.626   0.089   10.811  1.00 22.23 ? 6    DT  B N1    1 
ATOM   116  C  C2    . DT  A 1 6   ? 7.583   -0.106  11.764  1.00 20.05 ? 6    DT  B C2    1 
ATOM   117  O  O2    . DT  A 1 6   ? 8.656   0.445   11.730  1.00 18.81 ? 6    DT  B O2    1 
ATOM   118  N  N3    . DT  A 1 6   ? 7.247   -0.972  12.740  1.00 17.77 ? 6    DT  B N3    1 
ATOM   119  C  C4    . DT  A 1 6   ? 6.082   -1.660  12.872  1.00 19.34 ? 6    DT  B C4    1 
ATOM   120  O  O4    . DT  A 1 6   ? 5.953   -2.454  13.789  1.00 20.74 ? 6    DT  B O4    1 
ATOM   121  C  C5    . DT  A 1 6   ? 5.090   -1.395  11.866  1.00 21.90 ? 6    DT  B C5    1 
ATOM   122  C  C7    . DT  A 1 6   ? 3.766   -2.096  11.964  1.00 20.78 ? 6    DT  B C7    1 
ATOM   123  C  C6    . DT  A 1 6   ? 5.403   -0.534  10.884  1.00 21.10 ? 6    DT  B C6    1 
ATOM   124  P  P     . DA  A 1 7   ? 8.809   1.363   5.949   1.00 18.36 ? 7    DA  B P     1 
ATOM   125  O  OP1   . DA  A 1 7   ? 9.349   2.520   5.216   1.00 19.94 ? 7    DA  B OP1   1 
ATOM   126  O  OP2   . DA  A 1 7   ? 8.300   0.200   5.269   1.00 16.20 ? 7    DA  B OP2   1 
ATOM   127  O  "O5'" . DA  A 1 7   ? 9.949   0.845   6.933   1.00 21.24 ? 7    DA  B "O5'" 1 
ATOM   128  C  "C5'" . DA  A 1 7   ? 10.534  1.753   7.856   1.00 23.30 ? 7    DA  B "C5'" 1 
ATOM   129  C  "C4'" . DA  A 1 7   ? 11.640  1.085   8.630   1.00 26.99 ? 7    DA  B "C4'" 1 
ATOM   130  O  "O4'" . DA  A 1 7   ? 11.115  0.328   9.749   1.00 30.37 ? 7    DA  B "O4'" 1 
ATOM   131  C  "C3'" . DA  A 1 7   ? 12.502  0.136   7.826   1.00 24.86 ? 7    DA  B "C3'" 1 
ATOM   132  O  "O3'" . DA  A 1 7   ? 13.831  0.524   8.022   1.00 30.76 ? 7    DA  B "O3'" 1 
ATOM   133  C  "C2'" . DA  A 1 7   ? 12.226  -1.228  8.422   1.00 24.71 ? 7    DA  B "C2'" 1 
ATOM   134  C  "C1'" . DA  A 1 7   ? 11.753  -0.931  9.825   1.00 26.84 ? 7    DA  B "C1'" 1 
ATOM   135  N  N9    . DA  A 1 7   ? 10.749  -1.861  10.324  1.00 28.39 ? 7    DA  B N9    1 
ATOM   136  C  C8    . DA  A 1 7   ? 9.612   -2.305  9.684   1.00 28.47 ? 7    DA  B C8    1 
ATOM   137  N  N7    . DA  A 1 7   ? 8.894   -3.134  10.396  1.00 26.12 ? 7    DA  B N7    1 
ATOM   138  C  C5    . DA  A 1 7   ? 9.594   -3.239  11.586  1.00 25.43 ? 7    DA  B C5    1 
ATOM   139  C  C6    . DA  A 1 7   ? 9.361   -3.973  12.749  1.00 25.56 ? 7    DA  B C6    1 
ATOM   140  N  N6    . DA  A 1 7   ? 8.282   -4.728  12.943  1.00 25.82 ? 7    DA  B N6    1 
ATOM   141  N  N1    . DA  A 1 7   ? 10.284  -3.899  13.733  1.00 26.31 ? 7    DA  B N1    1 
ATOM   142  C  C2    . DA  A 1 7   ? 11.351  -3.104  13.561  1.00 25.42 ? 7    DA  B C2    1 
ATOM   143  N  N3    . DA  A 1 7   ? 11.671  -2.340  12.520  1.00 26.09 ? 7    DA  B N3    1 
ATOM   144  C  C4    . DA  A 1 7   ? 10.742  -2.464  11.550  1.00 27.25 ? 7    DA  B C4    1 
ATOM   145  P  P     . DT  A 1 8   ? 14.990  -0.207  7.210   1.00 37.07 ? 8    DT  B P     1 
ATOM   146  O  OP1   . DT  A 1 8   ? 15.754  0.919   6.649   1.00 33.70 ? 8    DT  B OP1   1 
ATOM   147  O  OP2   . DT  A 1 8   ? 14.472  -1.324  6.351   1.00 37.61 ? 8    DT  B OP2   1 
ATOM   148  O  "O5'" . DT  A 1 8   ? 15.848  -0.931  8.319   1.00 37.03 ? 8    DT  B "O5'" 1 
ATOM   149  C  "C5'" . DT  A 1 8   ? 16.238  -0.191  9.456   1.00 39.64 ? 8    DT  B "C5'" 1 
ATOM   150  C  "C4'" . DT  A 1 8   ? 16.683  -1.123  10.550  1.00 37.25 ? 8    DT  B "C4'" 1 
ATOM   151  O  "O4'" . DT  A 1 8   ? 15.542  -1.900  10.925  1.00 37.80 ? 8    DT  B "O4'" 1 
ATOM   152  C  "C3'" . DT  A 1 8   ? 17.770  -2.121  10.175  1.00 37.78 ? 8    DT  B "C3'" 1 
ATOM   153  O  "O3'" . DT  A 1 8   ? 18.725  -2.087  11.228  1.00 37.74 ? 8    DT  B "O3'" 1 
ATOM   154  C  "C2'" . DT  A 1 8   ? 17.030  -3.454  10.092  1.00 35.41 ? 8    DT  B "C2'" 1 
ATOM   155  C  "C1'" . DT  A 1 8   ? 15.919  -3.239  11.085  1.00 35.54 ? 8    DT  B "C1'" 1 
ATOM   156  N  N1    . DT  A 1 8   ? 14.698  -4.053  10.958  1.00 34.10 ? 8    DT  B N1    1 
ATOM   157  C  C2    . DT  A 1 8   ? 14.356  -4.785  12.048  1.00 33.32 ? 8    DT  B C2    1 
ATOM   158  O  O2    . DT  A 1 8   ? 15.018  -4.794  13.058  1.00 35.93 ? 8    DT  B O2    1 
ATOM   159  N  N3    . DT  A 1 8   ? 13.218  -5.507  11.924  1.00 32.51 ? 8    DT  B N3    1 
ATOM   160  C  C4    . DT  A 1 8   ? 12.394  -5.574  10.841  1.00 34.38 ? 8    DT  B C4    1 
ATOM   161  O  O4    . DT  A 1 8   ? 11.389  -6.251  10.891  1.00 35.41 ? 8    DT  B O4    1 
ATOM   162  C  C5    . DT  A 1 8   ? 12.805  -4.798  9.706   1.00 35.35 ? 8    DT  B C5    1 
ATOM   163  C  C7    . DT  A 1 8   ? 11.964  -4.842  8.466   1.00 36.00 ? 8    DT  B C7    1 
ATOM   164  C  C6    . DT  A 1 8   ? 13.930  -4.074  9.819   1.00 34.57 ? 8    DT  B C6    1 
ATOM   165  P  P     . DC  A 1 9   ? 20.213  -2.643  10.990  1.00 39.35 ? 9    DC  B P     1 
ATOM   166  O  OP1   . DC  A 1 9   ? 21.129  -1.493  11.232  1.00 39.46 ? 9    DC  B OP1   1 
ATOM   167  O  OP2   . DC  A 1 9   ? 20.375  -3.446  9.747   1.00 33.00 ? 9    DC  B OP2   1 
ATOM   168  O  "O5'" . DC  A 1 9   ? 20.304  -3.634  12.233  1.00 36.81 ? 9    DC  B "O5'" 1 
ATOM   169  C  "C5'" . DC  A 1 9   ? 19.258  -3.685  13.198  1.00 33.99 ? 9    DC  B "C5'" 1 
ATOM   170  C  "C4'" . DC  A 1 9   ? 19.291  -5.022  13.903  1.00 34.80 ? 9    DC  B "C4'" 1 
ATOM   171  O  "O4'" . DC  A 1 9   ? 18.094  -5.797  13.607  1.00 35.30 ? 9    DC  B "O4'" 1 
ATOM   172  C  "C3'" . DC  A 1 9   ? 20.482  -5.909  13.508  1.00 35.43 ? 9    DC  B "C3'" 1 
ATOM   173  O  "O3'" . DC  A 1 9   ? 20.986  -6.561  14.680  1.00 36.84 ? 9    DC  B "O3'" 1 
ATOM   174  C  "C2'" . DC  A 1 9   ? 19.870  -6.920  12.536  1.00 34.23 ? 9    DC  B "C2'" 1 
ATOM   175  C  "C1'" . DC  A 1 9   ? 18.439  -7.082  13.054  1.00 33.59 ? 9    DC  B "C1'" 1 
ATOM   176  N  N1    . DC  A 1 9   ? 17.388  -7.448  12.059  1.00 30.66 ? 9    DC  B N1    1 
ATOM   177  C  C2    . DC  A 1 9   ? 16.409  -8.381  12.413  1.00 30.55 ? 9    DC  B C2    1 
ATOM   178  O  O2    . DC  A 1 9   ? 16.501  -8.967  13.479  1.00 29.71 ? 9    DC  B O2    1 
ATOM   179  N  N3    . DC  A 1 9   ? 15.376  -8.626  11.573  1.00 30.95 ? 9    DC  B N3    1 
ATOM   180  C  C4    . DC  A 1 9   ? 15.310  -7.988  10.409  1.00 30.73 ? 9    DC  B C4    1 
ATOM   181  N  N4    . DC  A 1 9   ? 14.240  -8.203  9.632   1.00 27.16 ? 9    DC  B N4    1 
ATOM   182  C  C5    . DC  A 1 9   ? 16.333  -7.084  9.989   1.00 29.87 ? 9    DC  B C5    1 
ATOM   183  C  C6    . DC  A 1 9   ? 17.346  -6.852  10.835  1.00 30.65 ? 9    DC  B C6    1 
ATOM   184  P  P     . DC  A 1 10  ? 22.451  -7.219  14.675  1.00 38.86 ? 10   DC  B P     1 
ATOM   185  O  OP1   . DC  A 1 10  ? 22.901  -7.082  16.101  1.00 37.54 ? 10   DC  B OP1   1 
ATOM   186  O  OP2   . DC  A 1 10  ? 23.243  -6.653  13.593  1.00 34.82 ? 10   DC  B OP2   1 
ATOM   187  O  "O5'" . DC  A 1 10  ? 22.203  -8.744  14.287  1.00 37.43 ? 10   DC  B "O5'" 1 
ATOM   188  C  "C5'" . DC  A 1 10  ? 21.193  -9.497  14.948  1.00 38.68 ? 10   DC  B "C5'" 1 
ATOM   189  C  "C4'" . DC  A 1 10  ? 20.899  -10.789 14.215  1.00 40.00 ? 10   DC  B "C4'" 1 
ATOM   190  O  "O4'" . DC  A 1 10  ? 19.740  -10.731 13.341  1.00 40.69 ? 10   DC  B "O4'" 1 
ATOM   191  C  "C3'" . DC  A 1 10  ? 22.011  -11.453 13.406  1.00 40.36 ? 10   DC  B "C3'" 1 
ATOM   192  O  "O3'" . DC  A 1 10  ? 21.951  -12.849 13.695  1.00 39.89 ? 10   DC  B "O3'" 1 
ATOM   193  C  "C2'" . DC  A 1 10  ? 21.543  -11.242 11.972  1.00 40.23 ? 10   DC  B "C2'" 1 
ATOM   194  C  "C1'" . DC  A 1 10  ? 20.042  -11.444 12.155  1.00 39.77 ? 10   DC  B "C1'" 1 
ATOM   195  N  N1    . DC  A 1 10  ? 19.147  -10.959 11.066  1.00 39.32 ? 10   DC  B N1    1 
ATOM   196  C  C2    . DC  A 1 10  ? 17.851  -11.518 10.961  1.00 38.50 ? 10   DC  B C2    1 
ATOM   197  O  O2    . DC  A 1 10  ? 17.496  -12.382 11.780  1.00 37.98 ? 10   DC  B O2    1 
ATOM   198  N  N3    . DC  A 1 10  ? 17.027  -11.104 9.963   1.00 36.61 ? 10   DC  B N3    1 
ATOM   199  C  C4    . DC  A 1 10  ? 17.443  -10.190 9.096   1.00 34.89 ? 10   DC  B C4    1 
ATOM   200  N  N4    . DC  A 1 10  ? 16.602  -9.842  8.134   1.00 34.91 ? 10   DC  B N4    1 
ATOM   201  C  C5    . DC  A 1 10  ? 18.744  -9.595  9.182   1.00 34.68 ? 10   DC  B C5    1 
ATOM   202  C  C6    . DC  A 1 10  ? 19.554  -10.002 10.170  1.00 36.13 ? 10   DC  B C6    1 
ATOM   203  P  P     . DC  A 1 11  ? 23.221  -13.796 13.430  1.00 40.09 ? 11   DC  B P     1 
ATOM   204  O  OP1   . DC  A 1 11  ? 23.972  -13.674 14.686  1.00 38.29 ? 11   DC  B OP1   1 
ATOM   205  O  OP2   . DC  A 1 11  ? 23.883  -13.505 12.111  1.00 36.92 ? 11   DC  B OP2   1 
ATOM   206  O  "O5'" . DC  A 1 11  ? 22.547  -15.245 13.384  1.00 37.62 ? 11   DC  B "O5'" 1 
ATOM   207  C  "C5'" . DC  A 1 11  ? 21.701  -15.633 14.465  1.00 34.64 ? 11   DC  B "C5'" 1 
ATOM   208  C  "C4'" . DC  A 1 11  ? 20.595  -16.547 14.004  1.00 31.86 ? 11   DC  B "C4'" 1 
ATOM   209  O  "O4'" . DC  A 1 11  ? 19.708  -15.846 13.119  1.00 29.33 ? 11   DC  B "O4'" 1 
ATOM   210  C  "C3'" . DC  A 1 11  ? 21.017  -17.812 13.264  1.00 30.86 ? 11   DC  B "C3'" 1 
ATOM   211  O  "O3'" . DC  A 1 11  ? 20.149  -18.882 13.635  1.00 31.41 ? 11   DC  B "O3'" 1 
ATOM   212  C  "C2'" . DC  A 1 11  ? 20.767  -17.457 11.810  1.00 30.62 ? 11   DC  B "C2'" 1 
ATOM   213  C  "C1'" . DC  A 1 11  ? 19.537  -16.592 11.928  1.00 30.79 ? 11   DC  B "C1'" 1 
ATOM   214  N  N1    . DC  A 1 11  ? 19.399  -15.626 10.849  1.00 29.91 ? 11   DC  B N1    1 
ATOM   215  C  C2    . DC  A 1 11  ? 18.179  -15.483 10.241  1.00 29.55 ? 11   DC  B C2    1 
ATOM   216  O  O2    . DC  A 1 11  ? 17.244  -16.205 10.614  1.00 27.73 ? 11   DC  B O2    1 
ATOM   217  N  N3    . DC  A 1 11  ? 18.031  -14.545 9.267   1.00 30.10 ? 11   DC  B N3    1 
ATOM   218  C  C4    . DC  A 1 11  ? 19.051  -13.771 8.933   1.00 27.55 ? 11   DC  B C4    1 
ATOM   219  N  N4    . DC  A 1 11  ? 18.857  -12.835 8.000   1.00 26.56 ? 11   DC  B N4    1 
ATOM   220  C  C5    . DC  A 1 11  ? 20.314  -13.910 9.542   1.00 30.59 ? 11   DC  B C5    1 
ATOM   221  C  C6    . DC  A 1 11  ? 20.451  -14.850 10.475  1.00 30.40 ? 11   DC  B C6    1 
ATOM   222  P  P     . DG  A 1 12  ? 20.520  -19.807 14.885  1.00 31.81 ? 12   DG  B P     1 
ATOM   223  O  OP1   . DG  A 1 12  ? 19.472  -20.855 14.944  1.00 31.00 ? 12   DG  B OP1   1 
ATOM   224  O  OP2   . DG  A 1 12  ? 20.724  -18.933 16.018  1.00 34.09 ? 12   DG  B OP2   1 
ATOM   225  O  "O5'" . DG  A 1 12  ? 21.947  -20.423 14.543  1.00 30.63 ? 12   DG  B "O5'" 1 
ATOM   226  C  "C5'" . DG  A 1 12  ? 22.101  -21.305 13.432  1.00 30.89 ? 12   DG  B "C5'" 1 
ATOM   227  C  "C4'" . DG  A 1 12  ? 23.386  -22.074 13.548  1.00 31.33 ? 12   DG  B "C4'" 1 
ATOM   228  O  "O4'" . DG  A 1 12  ? 24.483  -21.146 13.635  1.00 34.67 ? 12   DG  B "O4'" 1 
ATOM   229  C  "C3'" . DG  A 1 12  ? 23.465  -22.906 14.822  1.00 32.98 ? 12   DG  B "C3'" 1 
ATOM   230  O  "O3'" . DG  A 1 12  ? 23.052  -24.254 14.706  1.00 31.95 ? 12   DG  B "O3'" 1 
ATOM   231  C  "C2'" . DG  A 1 12  ? 24.850  -22.632 15.376  1.00 36.25 ? 12   DG  B "C2'" 1 
ATOM   232  C  "C1'" . DG  A 1 12  ? 25.535  -21.783 14.320  1.00 38.08 ? 12   DG  B "C1'" 1 
ATOM   233  N  N9    . DG  A 1 12  ? 26.443  -20.782 14.912  1.00 44.14 ? 12   DG  B N9    1 
ATOM   234  C  C8    . DG  A 1 12  ? 27.803  -20.637 14.662  1.00 46.25 ? 12   DG  B C8    1 
ATOM   235  N  N7    . DG  A 1 12  ? 28.408  -19.829 15.505  1.00 46.20 ? 12   DG  B N7    1 
ATOM   236  C  C5    . DG  A 1 12  ? 27.383  -19.368 16.319  1.00 47.59 ? 12   DG  B C5    1 
ATOM   237  C  C6    . DG  A 1 12  ? 27.430  -18.530 17.468  1.00 49.10 ? 12   DG  B C6    1 
ATOM   238  O  O6    . DG  A 1 12  ? 28.422  -18.044 18.034  1.00 47.07 ? 12   DG  B O6    1 
ATOM   239  N  N1    . DG  A 1 12  ? 26.152  -18.319 17.998  1.00 52.31 ? 12   DG  B N1    1 
ATOM   240  C  C2    . DG  A 1 12  ? 24.983  -18.870 17.506  1.00 52.72 ? 12   DG  B C2    1 
ATOM   241  N  N2    . DG  A 1 12  ? 23.828  -18.521 18.158  1.00 52.23 ? 12   DG  B N2    1 
ATOM   242  N  N3    . DG  A 1 12  ? 24.940  -19.691 16.454  1.00 49.73 ? 12   DG  B N3    1 
ATOM   243  C  C4    . DG  A 1 12  ? 26.155  -19.897 15.923  1.00 45.77 ? 12   DG  B C4    1 
ATOM   244  O  "O5'" . DC  B 1 1   ? 12.432  -15.258 -3.372  1.00 52.08 ? 13   DC  C "O5'" 1 
ATOM   245  C  "C5'" . DC  B 1 1   ? 11.220  -15.966 -3.627  1.00 51.07 ? 13   DC  C "C5'" 1 
ATOM   246  C  "C4'" . DC  B 1 1   ? 10.762  -16.668 -2.371  1.00 50.33 ? 13   DC  C "C4'" 1 
ATOM   247  O  "O4'" . DC  B 1 1   ? 11.556  -17.861 -2.119  1.00 51.25 ? 13   DC  C "O4'" 1 
ATOM   248  C  "C3'" . DC  B 1 1   ? 10.891  -15.804 -1.121  1.00 48.76 ? 13   DC  C "C3'" 1 
ATOM   249  O  "O3'" . DC  B 1 1   ? 9.773   -16.080 -0.271  1.00 48.23 ? 13   DC  C "O3'" 1 
ATOM   250  C  "C2'" . DC  B 1 1   ? 12.212  -16.258 -0.511  1.00 48.90 ? 13   DC  C "C2'" 1 
ATOM   251  C  "C1'" . DC  B 1 1   ? 12.273  -17.737 -0.876  1.00 48.86 ? 13   DC  C "C1'" 1 
ATOM   252  N  N1    . DC  B 1 1   ? 13.644  -18.284 -1.076  1.00 46.42 ? 13   DC  C N1    1 
ATOM   253  C  C2    . DC  B 1 1   ? 14.486  -18.532 0.062   1.00 45.10 ? 13   DC  C C2    1 
ATOM   254  O  O2    . DC  B 1 1   ? 14.052  -18.323 1.198   1.00 43.67 ? 13   DC  C O2    1 
ATOM   255  N  N3    . DC  B 1 1   ? 15.740  -19.001 -0.139  1.00 42.86 ? 13   DC  C N3    1 
ATOM   256  C  C4    . DC  B 1 1   ? 16.171  -19.245 -1.395  1.00 42.88 ? 13   DC  C C4    1 
ATOM   257  N  N4    . DC  B 1 1   ? 17.412  -19.724 -1.559  1.00 39.37 ? 13   DC  C N4    1 
ATOM   258  C  C5    . DC  B 1 1   ? 15.344  -19.011 -2.541  1.00 41.69 ? 13   DC  C C5    1 
ATOM   259  C  C6    . DC  B 1 1   ? 14.106  -18.541 -2.338  1.00 42.59 ? 13   DC  C C6    1 
ATOM   260  P  P     . DG  B 1 2   ? 9.513   -15.178 1.032   1.00 46.92 ? 14   DG  C P     1 
ATOM   261  O  OP1   . DG  B 1 2   ? 8.076   -15.356 1.294   1.00 48.65 ? 14   DG  C OP1   1 
ATOM   262  O  OP2   . DG  B 1 2   ? 10.077  -13.835 0.854   1.00 46.86 ? 14   DG  C OP2   1 
ATOM   263  O  "O5'" . DG  B 1 2   ? 10.361  -15.865 2.191   1.00 44.77 ? 14   DG  C "O5'" 1 
ATOM   264  C  "C5'" . DG  B 1 2   ? 10.289  -17.266 2.423   1.00 38.74 ? 14   DG  C "C5'" 1 
ATOM   265  C  "C4'" . DG  B 1 2   ? 10.167  -17.544 3.906   1.00 32.96 ? 14   DG  C "C4'" 1 
ATOM   266  O  "O4'" . DG  B 1 2   ? 11.348  -17.114 4.595   1.00 29.42 ? 14   DG  C "O4'" 1 
ATOM   267  C  "C3'" . DG  B 1 2   ? 9.011   -16.847 4.611   1.00 33.07 ? 14   DG  C "C3'" 1 
ATOM   268  O  "O3'" . DG  B 1 2   ? 8.490   -17.774 5.559   1.00 34.59 ? 14   DG  C "O3'" 1 
ATOM   269  C  "C2'" . DG  B 1 2   ? 9.674   -15.654 5.292   1.00 31.95 ? 14   DG  C "C2'" 1 
ATOM   270  C  "C1'" . DG  B 1 2   ? 11.037  -16.199 5.637   1.00 27.95 ? 14   DG  C "C1'" 1 
ATOM   271  N  N9    . DG  B 1 2   ? 12.149  -15.251 5.704   1.00 26.20 ? 14   DG  C N9    1 
ATOM   272  C  C8    . DG  B 1 2   ? 12.441  -14.250 4.803   1.00 24.66 ? 14   DG  C C8    1 
ATOM   273  N  N7    . DG  B 1 2   ? 13.576  -13.633 5.064   1.00 24.42 ? 14   DG  C N7    1 
ATOM   274  C  C5    . DG  B 1 2   ? 14.058  -14.249 6.228   1.00 22.74 ? 14   DG  C C5    1 
ATOM   275  C  C6    . DG  B 1 2   ? 15.255  -14.025 6.969   1.00 21.90 ? 14   DG  C C6    1 
ATOM   276  O  O6    . DG  B 1 2   ? 16.140  -13.217 6.769   1.00 23.06 ? 14   DG  C O6    1 
ATOM   277  N  N1    . DG  B 1 2   ? 15.364  -14.877 8.047   1.00 22.98 ? 14   DG  C N1    1 
ATOM   278  C  C2    . DG  B 1 2   ? 14.449  -15.843 8.392   1.00 24.32 ? 14   DG  C C2    1 
ATOM   279  N  N2    . DG  B 1 2   ? 14.782  -16.581 9.489   1.00 20.32 ? 14   DG  C N2    1 
ATOM   280  N  N3    . DG  B 1 2   ? 13.311  -16.065 7.720   1.00 23.08 ? 14   DG  C N3    1 
ATOM   281  C  C4    . DG  B 1 2   ? 13.185  -15.236 6.655   1.00 24.23 ? 14   DG  C C4    1 
ATOM   282  P  P     . DG  B 1 3   ? 7.137   -17.453 6.323   1.00 35.03 ? 15   DG  C P     1 
ATOM   283  O  OP1   . DG  B 1 3   ? 6.419   -18.725 6.568   1.00 34.71 ? 15   DG  C OP1   1 
ATOM   284  O  OP2   . DG  B 1 3   ? 6.494   -16.400 5.566   1.00 36.43 ? 15   DG  C OP2   1 
ATOM   285  O  "O5'" . DG  B 1 3   ? 7.619   -16.748 7.677   1.00 36.49 ? 15   DG  C "O5'" 1 
ATOM   286  C  "C5'" . DG  B 1 3   ? 8.446   -17.408 8.640   1.00 34.85 ? 15   DG  C "C5'" 1 
ATOM   287  C  "C4'" . DG  B 1 3   ? 8.980   -16.406 9.644   1.00 36.24 ? 15   DG  C "C4'" 1 
ATOM   288  O  "O4'" . DG  B 1 3   ? 10.100  -15.637 9.124   1.00 34.40 ? 15   DG  C "O4'" 1 
ATOM   289  C  "C3'" . DG  B 1 3   ? 7.975   -15.365 10.186  1.00 36.82 ? 15   DG  C "C3'" 1 
ATOM   290  O  "O3'" . DG  B 1 3   ? 8.120   -15.206 11.601  1.00 37.80 ? 15   DG  C "O3'" 1 
ATOM   291  C  "C2'" . DG  B 1 3   ? 8.463   -14.068 9.576   1.00 35.19 ? 15   DG  C "C2'" 1 
ATOM   292  C  "C1'" . DG  B 1 3   ? 9.951   -14.325 9.637   1.00 34.64 ? 15   DG  C "C1'" 1 
ATOM   293  N  N9    . DG  B 1 3   ? 10.793  -13.387 8.900   1.00 32.31 ? 15   DG  C N9    1 
ATOM   294  C  C8    . DG  B 1 3   ? 10.414  -12.594 7.863   1.00 29.87 ? 15   DG  C C8    1 
ATOM   295  N  N7    . DG  B 1 3   ? 11.359  -11.797 7.449   1.00 32.07 ? 15   DG  C N7    1 
ATOM   296  C  C5    . DG  B 1 3   ? 12.441  -12.082 8.265   1.00 31.32 ? 15   DG  C C5    1 
ATOM   297  C  C6    . DG  B 1 3   ? 13.748  -11.499 8.301   1.00 31.51 ? 15   DG  C C6    1 
ATOM   298  O  O6    . DG  B 1 3   ? 14.221  -10.562 7.600   1.00 30.56 ? 15   DG  C O6    1 
ATOM   299  N  N1    . DG  B 1 3   ? 14.535  -12.101 9.274   1.00 30.81 ? 15   DG  C N1    1 
ATOM   300  C  C2    . DG  B 1 3   ? 14.120  -13.108 10.114  1.00 31.70 ? 15   DG  C C2    1 
ATOM   301  N  N2    . DG  B 1 3   ? 15.042  -13.542 10.973  1.00 31.86 ? 15   DG  C N2    1 
ATOM   302  N  N3    . DG  B 1 3   ? 12.903  -13.642 10.103  1.00 29.88 ? 15   DG  C N3    1 
ATOM   303  C  C4    . DG  B 1 3   ? 12.121  -13.083 9.154   1.00 31.99 ? 15   DG  C C4    1 
ATOM   304  P  P     . DG  B 1 4   ? 6.927   -15.660 12.576  1.00 38.78 ? 16   DG  C P     1 
ATOM   305  O  OP1   . DG  B 1 4   ? 6.419   -16.964 12.085  1.00 37.73 ? 16   DG  C OP1   1 
ATOM   306  O  OP2   . DG  B 1 4   ? 5.970   -14.529 12.777  1.00 39.88 ? 16   DG  C OP2   1 
ATOM   307  O  "O5'" . DG  B 1 4   ? 7.671   -15.891 13.955  1.00 36.88 ? 16   DG  C "O5'" 1 
ATOM   308  C  "C5'" . DG  B 1 4   ? 8.715   -16.837 14.066  1.00 37.04 ? 16   DG  C "C5'" 1 
ATOM   309  C  "C4'" . DG  B 1 4   ? 9.777   -16.315 15.000  1.00 35.06 ? 16   DG  C "C4'" 1 
ATOM   310  O  "O4'" . DG  B 1 4   ? 10.638  -15.393 14.295  1.00 36.12 ? 16   DG  C "O4'" 1 
ATOM   311  C  "C3'" . DG  B 1 4   ? 9.224   -15.546 16.196  1.00 35.41 ? 16   DG  C "C3'" 1 
ATOM   312  O  "O3'" . DG  B 1 4   ? 10.051  -15.788 17.346  1.00 35.48 ? 16   DG  C "O3'" 1 
ATOM   313  C  "C2'" . DG  B 1 4   ? 9.286   -14.106 15.715  1.00 33.62 ? 16   DG  C "C2'" 1 
ATOM   314  C  "C1'" . DG  B 1 4   ? 10.565  -14.106 14.888  1.00 34.02 ? 16   DG  C "C1'" 1 
ATOM   315  N  N9    . DG  B 1 4   ? 10.601  -13.113 13.814  1.00 31.47 ? 16   DG  C N9    1 
ATOM   316  C  C8    . DG  B 1 4   ? 9.599   -12.857 12.896  1.00 31.83 ? 16   DG  C C8    1 
ATOM   317  N  N7    . DG  B 1 4   ? 9.911   -11.910 12.052  1.00 29.87 ? 16   DG  C N7    1 
ATOM   318  C  C5    . DG  B 1 4   ? 11.195  -11.520 12.432  1.00 27.41 ? 16   DG  C C5    1 
ATOM   319  C  C6    . DG  B 1 4   ? 12.042  -10.559 11.880  1.00 26.26 ? 16   DG  C C6    1 
ATOM   320  O  O6    . DG  B 1 4   ? 11.818  -9.812  10.956  1.00 30.45 ? 16   DG  C O6    1 
ATOM   321  N  N1    . DG  B 1 4   ? 13.268  -10.514 12.524  1.00 25.95 ? 16   DG  C N1    1 
ATOM   322  C  C2    . DG  B 1 4   ? 13.624  -11.319 13.574  1.00 24.74 ? 16   DG  C C2    1 
ATOM   323  N  N2    . DG  B 1 4   ? 14.882  -11.197 14.001  1.00 21.17 ? 16   DG  C N2    1 
ATOM   324  N  N3    . DG  B 1 4   ? 12.817  -12.190 14.134  1.00 22.84 ? 16   DG  C N3    1 
ATOM   325  C  C4    . DG  B 1 4   ? 11.633  -12.249 13.513  1.00 26.99 ? 16   DG  C C4    1 
ATOM   326  P  P     . DA  B 1 5   ? 9.655   -15.148 18.762  1.00 38.14 ? 17   DA  C P     1 
ATOM   327  O  OP1   . DA  B 1 5   ? 9.968   -16.228 19.733  1.00 36.42 ? 17   DA  C OP1   1 
ATOM   328  O  OP2   . DA  B 1 5   ? 8.283   -14.557 18.666  1.00 32.78 ? 17   DA  C OP2   1 
ATOM   329  O  "O5'" . DA  B 1 5   ? 10.695  -13.964 18.949  1.00 36.74 ? 17   DA  C "O5'" 1 
ATOM   330  C  "C5'" . DA  B 1 5   ? 12.057  -14.171 18.647  1.00 34.08 ? 17   DA  C "C5'" 1 
ATOM   331  C  "C4'" . DA  B 1 5   ? 12.813  -12.882 18.803  1.00 33.83 ? 17   DA  C "C4'" 1 
ATOM   332  O  "O4'" . DA  B 1 5   ? 12.699  -12.059 17.623  1.00 31.55 ? 17   DA  C "O4'" 1 
ATOM   333  C  "C3'" . DA  B 1 5   ? 12.357  -12.019 19.981  1.00 34.55 ? 17   DA  C "C3'" 1 
ATOM   334  O  "O3'" . DA  B 1 5   ? 13.536  -11.547 20.645  1.00 34.85 ? 17   DA  C "O3'" 1 
ATOM   335  C  "C2'" . DA  B 1 5   ? 11.568  -10.897 19.317  1.00 33.18 ? 17   DA  C "C2'" 1 
ATOM   336  C  "C1'" . DA  B 1 5   ? 12.311  -10.739 17.990  1.00 33.50 ? 17   DA  C "C1'" 1 
ATOM   337  N  N9    . DA  B 1 5   ? 11.540  -10.170 16.868  1.00 33.24 ? 17   DA  C N9    1 
ATOM   338  C  C8    . DA  B 1 5   ? 10.243  -10.443 16.514  1.00 31.96 ? 17   DA  C C8    1 
ATOM   339  N  N7    . DA  B 1 5   ? 9.842   -9.796  15.445  1.00 32.93 ? 17   DA  C N7    1 
ATOM   340  C  C5    . DA  B 1 5   ? 10.946  -9.045  15.067  1.00 29.06 ? 17   DA  C C5    1 
ATOM   341  C  C6    . DA  B 1 5   ? 11.178  -8.159  13.983  1.00 27.78 ? 17   DA  C C6    1 
ATOM   342  N  N6    . DA  B 1 5   ? 10.292  -7.863  13.047  1.00 21.02 ? 17   DA  C N6    1 
ATOM   343  N  N1    . DA  B 1 5   ? 12.392  -7.583  13.897  1.00 27.97 ? 17   DA  C N1    1 
ATOM   344  C  C2    . DA  B 1 5   ? 13.311  -7.887  14.818  1.00 28.41 ? 17   DA  C C2    1 
ATOM   345  N  N3    . DA  B 1 5   ? 13.221  -8.708  15.857  1.00 30.66 ? 17   DA  C N3    1 
ATOM   346  C  C4    . DA  B 1 5   ? 11.995  -9.259  15.933  1.00 30.37 ? 17   DA  C C4    1 
ATOM   347  P  P     . DT  B 1 6   ? 13.429  -10.654 21.990  1.00 35.66 ? 18   DT  C P     1 
ATOM   348  O  OP1   . DT  B 1 6   ? 14.718  -10.933 22.706  1.00 33.10 ? 18   DT  C OP1   1 
ATOM   349  O  OP2   . DT  B 1 6   ? 12.132  -10.808 22.692  1.00 33.14 ? 18   DT  C OP2   1 
ATOM   350  O  "O5'" . DT  B 1 6   ? 13.521  -9.183  21.402  1.00 33.63 ? 18   DT  C "O5'" 1 
ATOM   351  C  "C5'" . DT  B 1 6   ? 14.619  -8.867  20.573  1.00 35.63 ? 18   DT  C "C5'" 1 
ATOM   352  C  "C4'" . DT  B 1 6   ? 14.488  -7.477  20.013  1.00 36.87 ? 18   DT  C "C4'" 1 
ATOM   353  O  "O4'" . DT  B 1 6   ? 13.639  -7.457  18.822  1.00 34.92 ? 18   DT  C "O4'" 1 
ATOM   354  C  "C3'" . DT  B 1 6   ? 13.934  -6.431  20.990  1.00 37.47 ? 18   DT  C "C3'" 1 
ATOM   355  O  "O3'" . DT  B 1 6   ? 14.975  -5.500  21.224  1.00 40.09 ? 18   DT  C "O3'" 1 
ATOM   356  C  "C2'" . DT  B 1 6   ? 12.754  -5.815  20.232  1.00 35.94 ? 18   DT  C "C2'" 1 
ATOM   357  C  "C1'" . DT  B 1 6   ? 12.998  -6.203  18.756  1.00 32.42 ? 18   DT  C "C1'" 1 
ATOM   358  N  N1    . DT  B 1 6   ? 11.757  -6.358  17.958  1.00 27.48 ? 18   DT  C N1    1 
ATOM   359  C  C2    . DT  B 1 6   ? 11.635  -5.642  16.772  1.00 26.20 ? 18   DT  C C2    1 
ATOM   360  O  O2    . DT  B 1 6   ? 12.497  -4.914  16.341  1.00 23.39 ? 18   DT  C O2    1 
ATOM   361  N  N3    . DT  B 1 6   ? 10.443  -5.809  16.117  1.00 25.53 ? 18   DT  C N3    1 
ATOM   362  C  C4    . DT  B 1 6   ? 9.375   -6.584  16.522  1.00 25.27 ? 18   DT  C C4    1 
ATOM   363  O  O4    . DT  B 1 6   ? 8.363   -6.613  15.845  1.00 24.52 ? 18   DT  C O4    1 
ATOM   364  C  C5    . DT  B 1 6   ? 9.571   -7.312  17.780  1.00 23.80 ? 18   DT  C C5    1 
ATOM   365  C  C7    . DT  B 1 6   ? 8.467   -8.177  18.304  1.00 21.33 ? 18   DT  C C7    1 
ATOM   366  C  C6    . DT  B 1 6   ? 10.741  -7.168  18.409  1.00 24.07 ? 18   DT  C C6    1 
ATOM   367  P  P     . DA  B 1 7   ? 14.784  -4.272  22.240  1.00 43.19 ? 19   DA  C P     1 
ATOM   368  O  OP1   . DA  B 1 7   ? 16.128  -4.183  22.882  1.00 42.88 ? 19   DA  C OP1   1 
ATOM   369  O  OP2   . DA  B 1 7   ? 13.576  -4.339  23.068  1.00 40.26 ? 19   DA  C OP2   1 
ATOM   370  O  "O5'" . DA  B 1 7   ? 14.660  -3.033  21.239  1.00 42.66 ? 19   DA  C "O5'" 1 
ATOM   371  C  "C5'" . DA  B 1 7   ? 15.563  -2.951  20.139  1.00 38.50 ? 19   DA  C "C5'" 1 
ATOM   372  C  "C4'" . DA  B 1 7   ? 15.193  -1.815  19.221  1.00 37.52 ? 19   DA  C "C4'" 1 
ATOM   373  O  "O4'" . DA  B 1 7   ? 14.103  -2.168  18.324  1.00 35.81 ? 19   DA  C "O4'" 1 
ATOM   374  C  "C3'" . DA  B 1 7   ? 14.772  -0.538  19.935  1.00 37.81 ? 19   DA  C "C3'" 1 
ATOM   375  O  "O3'" . DA  B 1 7   ? 15.532  0.550   19.421  1.00 39.21 ? 19   DA  C "O3'" 1 
ATOM   376  C  "C2'" . DA  B 1 7   ? 13.294  -0.381  19.592  1.00 35.80 ? 19   DA  C "C2'" 1 
ATOM   377  C  "C1'" . DA  B 1 7   ? 13.176  -1.105  18.262  1.00 34.39 ? 19   DA  C "C1'" 1 
ATOM   378  N  N9    . DA  B 1 7   ? 11.860  -1.676  17.973  1.00 33.64 ? 19   DA  C N9    1 
ATOM   379  C  C8    . DA  B 1 7   ? 11.143  -2.579  18.740  1.00 34.68 ? 19   DA  C C8    1 
ATOM   380  N  N7    . DA  B 1 7   ? 9.980   -2.911  18.226  1.00 32.95 ? 19   DA  C N7    1 
ATOM   381  C  C5    . DA  B 1 7   ? 9.929   -2.186  17.039  1.00 31.01 ? 19   DA  C C5    1 
ATOM   382  C  C6    . DA  B 1 7   ? 8.976   -2.143  16.005  1.00 28.20 ? 19   DA  C C6    1 
ATOM   383  N  N6    . DA  B 1 7   ? 7.863   -2.890  15.998  1.00 26.51 ? 19   DA  C N6    1 
ATOM   384  N  N1    . DA  B 1 7   ? 9.220   -1.317  14.961  1.00 26.24 ? 19   DA  C N1    1 
ATOM   385  C  C2    . DA  B 1 7   ? 10.355  -0.615  14.952  1.00 28.68 ? 19   DA  C C2    1 
ATOM   386  N  N3    . DA  B 1 7   ? 11.359  -0.609  15.848  1.00 31.14 ? 19   DA  C N3    1 
ATOM   387  C  C4    . DA  B 1 7   ? 11.076  -1.420  16.876  1.00 30.25 ? 19   DA  C C4    1 
ATOM   388  P  P     . DT  B 1 8   ? 15.473  1.961   20.162  1.00 40.96 ? 20   DT  C P     1 
ATOM   389  O  OP1   . DT  B 1 8   ? 16.737  2.664   19.805  1.00 39.87 ? 20   DT  C OP1   1 
ATOM   390  O  OP2   . DT  B 1 8   ? 15.079  1.778   21.579  1.00 37.91 ? 20   DT  C OP2   1 
ATOM   391  O  "O5'" . DT  B 1 8   ? 14.293  2.707   19.418  1.00 39.24 ? 20   DT  C "O5'" 1 
ATOM   392  C  "C5'" . DT  B 1 8   ? 14.417  2.935   18.030  1.00 37.39 ? 20   DT  C "C5'" 1 
ATOM   393  C  "C4'" . DT  B 1 8   ? 13.129  3.474   17.466  1.00 35.31 ? 20   DT  C "C4'" 1 
ATOM   394  O  "O4'" . DT  B 1 8   ? 12.103  2.449   17.372  1.00 33.68 ? 20   DT  C "O4'" 1 
ATOM   395  C  "C3'" . DT  B 1 8   ? 12.526  4.605   18.283  1.00 35.43 ? 20   DT  C "C3'" 1 
ATOM   396  O  "O3'" . DT  B 1 8   ? 12.345  5.707   17.405  1.00 38.62 ? 20   DT  C "O3'" 1 
ATOM   397  C  "C2'" . DT  B 1 8   ? 11.197  4.036   18.749  1.00 31.92 ? 20   DT  C "C2'" 1 
ATOM   398  C  "C1'" . DT  B 1 8   ? 10.878  3.044   17.660  1.00 29.62 ? 20   DT  C "C1'" 1 
ATOM   399  N  N1    . DT  B 1 8   ? 9.908   1.986   17.960  1.00 28.60 ? 20   DT  C N1    1 
ATOM   400  C  C2    . DT  B 1 8   ? 8.884   1.768   17.056  1.00 29.13 ? 20   DT  C C2    1 
ATOM   401  O  O2    . DT  B 1 8   ? 8.779   2.364   16.010  1.00 28.63 ? 20   DT  C O2    1 
ATOM   402  N  N3    . DT  B 1 8   ? 7.972   0.810   17.431  1.00 28.94 ? 20   DT  C N3    1 
ATOM   403  C  C4    . DT  B 1 8   ? 7.983   0.066   18.579  1.00 28.96 ? 20   DT  C C4    1 
ATOM   404  O  O4    . DT  B 1 8   ? 7.083   -0.734  18.797  1.00 30.97 ? 20   DT  C O4    1 
ATOM   405  C  C5    . DT  B 1 8   ? 9.096   0.314   19.460  1.00 29.40 ? 20   DT  C C5    1 
ATOM   406  C  C7    . DT  B 1 8   ? 9.201   -0.484  20.721  1.00 28.69 ? 20   DT  C C7    1 
ATOM   407  C  C6    . DT  B 1 8   ? 9.992   1.249   19.110  1.00 28.40 ? 20   DT  C C6    1 
ATOM   408  P  P     . DC  B 1 9   ? 11.991  7.151   17.994  1.00 41.03 ? 21   DC  C P     1 
ATOM   409  O  OP1   . DC  B 1 9   ? 13.086  8.059   17.563  1.00 42.98 ? 21   DC  C OP1   1 
ATOM   410  O  OP2   . DC  B 1 9   ? 11.607  7.070   19.420  1.00 42.76 ? 21   DC  C OP2   1 
ATOM   411  O  "O5'" . DC  B 1 9   ? 10.694  7.504   17.186  1.00 37.90 ? 21   DC  C "O5'" 1 
ATOM   412  C  "C5'" . DC  B 1 9   ? 10.105  6.480   16.447  1.00 34.52 ? 21   DC  C "C5'" 1 
ATOM   413  C  "C4'" . DC  B 1 9   ? 9.328   7.060   15.311  1.00 29.38 ? 21   DC  C "C4'" 1 
ATOM   414  O  "O4'" . DC  B 1 9   ? 8.468   5.960   15.018  1.00 31.82 ? 21   DC  C "O4'" 1 
ATOM   415  C  "C3'" . DC  B 1 9   ? 8.445   8.199   15.761  1.00 27.55 ? 21   DC  C "C3'" 1 
ATOM   416  O  "O3'" . DC  B 1 9   ? 8.488   9.276   14.872  1.00 30.72 ? 21   DC  C "O3'" 1 
ATOM   417  C  "C2'" . DC  B 1 9   ? 7.047   7.636   15.824  1.00 30.11 ? 21   DC  C "C2'" 1 
ATOM   418  C  "C1'" . DC  B 1 9   ? 7.124   6.235   15.294  1.00 29.10 ? 21   DC  C "C1'" 1 
ATOM   419  N  N1    . DC  B 1 9   ? 6.682   5.243   16.281  1.00 29.97 ? 21   DC  C N1    1 
ATOM   420  C  C2    . DC  B 1 9   ? 5.472   4.615   16.075  1.00 29.57 ? 21   DC  C C2    1 
ATOM   421  O  O2    . DC  B 1 9   ? 4.844   4.926   15.092  1.00 34.92 ? 21   DC  C O2    1 
ATOM   422  N  N3    . DC  B 1 9   ? 5.017   3.697   16.953  1.00 27.50 ? 21   DC  C N3    1 
ATOM   423  C  C4    . DC  B 1 9   ? 5.751   3.408   18.046  1.00 28.20 ? 21   DC  C C4    1 
ATOM   424  N  N4    . DC  B 1 9   ? 5.268   2.479   18.920  1.00 23.87 ? 21   DC  C N4    1 
ATOM   425  C  C5    . DC  B 1 9   ? 7.013   4.051   18.295  1.00 26.26 ? 21   DC  C C5    1 
ATOM   426  C  C6    . DC  B 1 9   ? 7.437   4.948   17.386  1.00 28.37 ? 21   DC  C C6    1 
ATOM   427  P  P     . DC  B 1 10  ? 8.062   10.725  15.397  1.00 32.79 ? 22   DC  C P     1 
ATOM   428  O  OP1   . DC  B 1 10  ? 8.422   11.683  14.322  1.00 33.45 ? 22   DC  C OP1   1 
ATOM   429  O  OP2   . DC  B 1 10  ? 8.597   10.939  16.776  1.00 34.82 ? 22   DC  C OP2   1 
ATOM   430  O  "O5'" . DC  B 1 10  ? 6.483   10.582  15.546  1.00 32.58 ? 22   DC  C "O5'" 1 
ATOM   431  C  "C5'" . DC  B 1 10  ? 5.701   10.347  14.399  1.00 34.63 ? 22   DC  C "C5'" 1 
ATOM   432  C  "C4'" . DC  B 1 10  ? 4.239   10.409  14.734  1.00 33.65 ? 22   DC  C "C4'" 1 
ATOM   433  O  "O4'" . DC  B 1 10  ? 3.829   9.164   15.317  1.00 34.77 ? 22   DC  C "O4'" 1 
ATOM   434  C  "C3'" . DC  B 1 10  ? 3.864   11.496  15.717  1.00 35.88 ? 22   DC  C "C3'" 1 
ATOM   435  O  "O3'" . DC  B 1 10  ? 2.688   12.140  15.226  1.00 41.66 ? 22   DC  C "O3'" 1 
ATOM   436  C  "C2'" . DC  B 1 10  ? 3.641   10.738  17.018  1.00 34.59 ? 22   DC  C "C2'" 1 
ATOM   437  C  "C1'" . DC  B 1 10  ? 3.137   9.387   16.530  1.00 33.77 ? 22   DC  C "C1'" 1 
ATOM   438  N  N1    . DC  B 1 10  ? 3.432   8.237   17.418  1.00 31.03 ? 22   DC  C N1    1 
ATOM   439  C  C2    . DC  B 1 10  ? 2.421   7.311   17.700  1.00 28.26 ? 22   DC  C C2    1 
ATOM   440  O  O2    . DC  B 1 10  ? 1.340   7.453   17.153  1.00 26.77 ? 22   DC  C O2    1 
ATOM   441  N  N3    . DC  B 1 10  ? 2.672   6.284   18.546  1.00 24.36 ? 22   DC  C N3    1 
ATOM   442  C  C4    . DC  B 1 10  ? 3.885   6.167   19.083  1.00 27.53 ? 22   DC  C C4    1 
ATOM   443  N  N4    . DC  B 1 10  ? 4.106   5.189   19.960  1.00 30.58 ? 22   DC  C N4    1 
ATOM   444  C  C5    . DC  B 1 10  ? 4.944   7.064   18.767  1.00 27.66 ? 22   DC  C C5    1 
ATOM   445  C  C6    . DC  B 1 10  ? 4.675   8.076   17.951  1.00 29.03 ? 22   DC  C C6    1 
ATOM   446  P  P     . DC  B 1 11  ? 2.121   13.449  15.972  1.00 45.28 ? 23   DC  C P     1 
ATOM   447  O  OP1   . DC  B 1 11  ? 0.817   13.756  15.375  1.00 44.83 ? 23   DC  C OP1   1 
ATOM   448  O  OP2   . DC  B 1 11  ? 3.159   14.499  16.064  1.00 42.92 ? 23   DC  C OP2   1 
ATOM   449  O  "O5'" . DC  B 1 11  ? 1.820   12.894  17.428  1.00 46.63 ? 23   DC  C "O5'" 1 
ATOM   450  C  "C5'" . DC  B 1 11  ? 0.630   13.248  18.121  1.00 49.71 ? 23   DC  C "C5'" 1 
ATOM   451  C  "C4'" . DC  B 1 11  ? -0.571  12.514  17.568  1.00 48.35 ? 23   DC  C "C4'" 1 
ATOM   452  O  "O4'" . DC  B 1 11  ? -0.298  11.103  17.476  1.00 47.79 ? 23   DC  C "O4'" 1 
ATOM   453  C  "C3'" . DC  B 1 11  ? -1.722  12.656  18.554  1.00 51.03 ? 23   DC  C "C3'" 1 
ATOM   454  O  "O3'" . DC  B 1 11  ? -2.848  13.317  18.037  1.00 55.38 ? 23   DC  C "O3'" 1 
ATOM   455  C  "C2'" . DC  B 1 11  ? -2.023  11.274  19.103  1.00 48.15 ? 23   DC  C "C2'" 1 
ATOM   456  C  "C1'" . DC  B 1 11  ? -1.080  10.333  18.398  1.00 44.88 ? 23   DC  C "C1'" 1 
ATOM   457  N  N1    . DC  B 1 11  ? -0.156  9.706   19.366  1.00 40.08 ? 23   DC  C N1    1 
ATOM   458  C  C2    . DC  B 1 11  ? -0.598  8.602   20.113  1.00 37.03 ? 23   DC  C C2    1 
ATOM   459  O  O2    . DC  B 1 11  ? -1.765  8.245   19.999  1.00 34.05 ? 23   DC  C O2    1 
ATOM   460  N  N3    . DC  B 1 11  ? 0.266   7.970   20.941  1.00 33.26 ? 23   DC  C N3    1 
ATOM   461  C  C4    . DC  B 1 11  ? 1.522   8.419   21.045  1.00 34.12 ? 23   DC  C C4    1 
ATOM   462  N  N4    . DC  B 1 11  ? 2.373   7.753   21.824  1.00 35.50 ? 23   DC  C N4    1 
ATOM   463  C  C5    . DC  B 1 11  ? 1.974   9.567   20.344  1.00 35.60 ? 23   DC  C C5    1 
ATOM   464  C  C6    . DC  B 1 11  ? 1.111   10.177  19.525  1.00 37.24 ? 23   DC  C C6    1 
ATOM   465  P  P     . DG  B 1 12  ? -3.276  14.686  18.739  1.00 57.17 ? 24   DG  C P     1 
ATOM   466  O  OP1   . DG  B 1 12  ? -4.425  15.215  17.976  1.00 57.43 ? 24   DG  C OP1   1 
ATOM   467  O  OP2   . DG  B 1 12  ? -2.018  15.484  18.816  1.00 56.54 ? 24   DG  C OP2   1 
ATOM   468  O  "O5'" . DG  B 1 12  ? -3.673  14.222  20.222  1.00 55.75 ? 24   DG  C "O5'" 1 
ATOM   469  C  "C5'" . DG  B 1 12  ? -4.628  13.166  20.444  1.00 54.88 ? 24   DG  C "C5'" 1 
ATOM   470  C  "C4'" . DG  B 1 12  ? -5.227  13.248  21.836  1.00 54.02 ? 24   DG  C "C4'" 1 
ATOM   471  O  "O4'" . DG  B 1 12  ? -4.395  12.665  22.880  1.00 53.61 ? 24   DG  C "O4'" 1 
ATOM   472  C  "C3'" . DG  B 1 12  ? -5.578  14.650  22.331  1.00 53.22 ? 24   DG  C "C3'" 1 
ATOM   473  O  "O3'" . DG  B 1 12  ? -6.688  14.363  23.156  1.00 55.91 ? 24   DG  C "O3'" 1 
ATOM   474  C  "C2'" . DG  B 1 12  ? -4.420  14.980  23.258  1.00 51.87 ? 24   DG  C "C2'" 1 
ATOM   475  C  "C1'" . DG  B 1 12  ? -4.195  13.629  23.920  1.00 48.92 ? 24   DG  C "C1'" 1 
ATOM   476  N  N9    . DG  B 1 12  ? -2.870  13.413  24.496  1.00 44.79 ? 24   DG  C N9    1 
ATOM   477  C  C8    . DG  B 1 12  ? -1.737  14.169  24.315  1.00 43.34 ? 24   DG  C C8    1 
ATOM   478  N  N7    . DG  B 1 12  ? -0.692  13.692  24.952  1.00 40.85 ? 24   DG  C N7    1 
ATOM   479  C  C5    . DG  B 1 12  ? -1.164  12.555  25.594  1.00 37.92 ? 24   DG  C C5    1 
ATOM   480  C  C6    . DG  B 1 12  ? -0.482  11.607  26.403  1.00 37.00 ? 24   DG  C C6    1 
ATOM   481  O  O6    . DG  B 1 12  ? 0.729   11.563  26.687  1.00 37.53 ? 24   DG  C O6    1 
ATOM   482  N  N1    . DG  B 1 12  ? -1.346  10.622  26.873  1.00 34.56 ? 24   DG  C N1    1 
ATOM   483  C  C2    . DG  B 1 12  ? -2.692  10.544  26.572  1.00 35.96 ? 24   DG  C C2    1 
ATOM   484  N  N2    . DG  B 1 12  ? -3.376  9.533   27.140  1.00 33.75 ? 24   DG  C N2    1 
ATOM   485  N  N3    . DG  B 1 12  ? -3.323  11.398  25.783  1.00 36.13 ? 24   DG  C N3    1 
ATOM   486  C  C4    . DG  B 1 12  ? -2.508  12.374  25.339  1.00 40.00 ? 24   DG  C C4    1 
ATOM   487  N  N     . PRO C 2 8   ? -1.763  -14.454 12.110  1.00 64.65 ? 450  PRO A N     1 
ATOM   488  C  CA    . PRO C 2 8   ? -1.767  -15.396 10.961  1.00 65.09 ? 450  PRO A CA    1 
ATOM   489  C  C     . PRO C 2 8   ? -3.125  -15.377 10.273  1.00 65.59 ? 450  PRO A C     1 
ATOM   490  O  O     . PRO C 2 8   ? -4.155  -15.171 10.927  1.00 66.40 ? 450  PRO A O     1 
ATOM   491  C  CB    . PRO C 2 8   ? -1.471  -16.783 11.502  1.00 64.36 ? 450  PRO A CB    1 
ATOM   492  C  CG    . PRO C 2 8   ? -0.752  -16.453 12.785  1.00 64.50 ? 450  PRO A CG    1 
ATOM   493  C  CD    . PRO C 2 8   ? -1.435  -15.186 13.341  1.00 64.78 ? 450  PRO A CD    1 
ATOM   494  N  N     . GLY C 2 9   ? -3.114  -15.590 8.955   1.00 65.45 ? 451  GLY A N     1 
ATOM   495  C  CA    . GLY C 2 9   ? -4.335  -15.589 8.166   1.00 64.52 ? 451  GLY A CA    1 
ATOM   496  C  C     . GLY C 2 9   ? -4.032  -15.548 6.678   1.00 64.24 ? 451  GLY A C     1 
ATOM   497  O  O     . GLY C 2 9   ? -2.868  -15.441 6.301   1.00 64.02 ? 451  GLY A O     1 
ATOM   498  N  N     . LYS C 2 10  ? -5.065  -15.663 5.839   1.00 63.92 ? 452  LYS A N     1 
ATOM   499  C  CA    . LYS C 2 10  ? -4.898  -15.625 4.395   1.00 63.28 ? 452  LYS A CA    1 
ATOM   500  C  C     . LYS C 2 10  ? -5.539  -14.380 3.808   1.00 62.88 ? 452  LYS A C     1 
ATOM   501  O  O     . LYS C 2 10  ? -6.585  -13.924 4.260   1.00 62.79 ? 452  LYS A O     1 
ATOM   502  C  CB    . LYS C 2 10  ? -5.481  -16.878 3.740   1.00 64.83 ? 452  LYS A CB    1 
ATOM   503  C  CG    . LYS C 2 10  ? -6.961  -17.107 3.978   1.00 66.99 ? 452  LYS A CG    1 
ATOM   504  C  CD    . LYS C 2 10  ? -7.417  -18.478 3.441   1.00 67.51 ? 452  LYS A CD    1 
ATOM   505  C  CE    . LYS C 2 10  ? -7.520  -18.489 1.919   1.00 67.87 ? 452  LYS A CE    1 
ATOM   506  N  NZ    . LYS C 2 10  ? -8.681  -17.688 1.399   1.00 67.99 ? 452  LYS A NZ    1 
ATOM   507  N  N     . ALA C 2 11  ? -4.896  -13.821 2.795   1.00 61.84 ? 453  ALA A N     1 
ATOM   508  C  CA    . ALA C 2 11  ? -5.404  -12.615 2.170   1.00 60.89 ? 453  ALA A CA    1 
ATOM   509  C  C     . ALA C 2 11  ? -6.556  -12.952 1.244   1.00 60.36 ? 453  ALA A C     1 
ATOM   510  O  O     . ALA C 2 11  ? -6.567  -14.005 0.616   1.00 60.07 ? 453  ALA A O     1 
ATOM   511  C  CB    . ALA C 2 11  ? -4.286  -11.929 1.394   1.00 60.79 ? 453  ALA A CB    1 
ATOM   512  N  N     . THR C 2 12  ? -7.530  -12.058 1.165   1.00 60.04 ? 454  THR A N     1 
ATOM   513  C  CA    . THR C 2 12  ? -8.679  -12.260 0.298   1.00 60.24 ? 454  THR A CA    1 
ATOM   514  C  C     . THR C 2 12  ? -9.177  -10.887 -0.066  1.00 61.23 ? 454  THR A C     1 
ATOM   515  O  O     . THR C 2 12  ? -8.633  -9.899  0.422   1.00 61.81 ? 454  THR A O     1 
ATOM   516  C  CB    . THR C 2 12  ? -9.811  -12.956 1.012   1.00 59.77 ? 454  THR A CB    1 
ATOM   517  O  OG1   . THR C 2 12  ? -10.400 -12.041 1.937   1.00 59.38 ? 454  THR A OG1   1 
ATOM   518  C  CG2   . THR C 2 12  ? -9.307  -14.181 1.767   1.00 60.15 ? 454  THR A CG2   1 
ATOM   519  N  N     . GLY C 2 13  ? -10.204 -10.822 -0.906  1.00 61.50 ? 455  GLY A N     1 
ATOM   520  C  CA    . GLY C 2 13  ? -10.772 -9.538  -1.276  1.00 63.40 ? 455  GLY A CA    1 
ATOM   521  C  C     . GLY C 2 13  ? -10.650 -9.242  -2.755  1.00 64.56 ? 455  GLY A C     1 
ATOM   522  O  O     . GLY C 2 13  ? -11.503 -9.623  -3.546  1.00 66.53 ? 455  GLY A O     1 
ATOM   523  N  N     . LYS C 2 14  ? -9.593  -8.544  -3.141  1.00 65.32 ? 456  LYS A N     1 
ATOM   524  C  CA    . LYS C 2 14  ? -9.384  -8.239  -4.550  1.00 65.25 ? 456  LYS A CA    1 
ATOM   525  C  C     . LYS C 2 14  ? -10.427 -7.233  -5.026  1.00 64.59 ? 456  LYS A C     1 
ATOM   526  O  O     . LYS C 2 14  ? -11.606 -7.578  -5.158  1.00 65.03 ? 456  LYS A O     1 
ATOM   527  C  CB    . LYS C 2 14  ? -9.468  -9.564  -5.326  1.00 65.67 ? 456  LYS A CB    1 
ATOM   528  C  CG    . LYS C 2 14  ? -8.733  -10.720 -4.591  1.00 64.28 ? 456  LYS A CG    1 
ATOM   529  C  CD    . LYS C 2 14  ? -9.366  -12.067 -4.864  1.00 63.55 ? 456  LYS A CD    1 
ATOM   530  C  CE    . LYS C 2 14  ? -9.223  -12.448 -6.313  1.00 63.40 ? 456  LYS A CE    1 
ATOM   531  N  NZ    . LYS C 2 14  ? -7.852  -12.896 -6.624  1.00 63.83 ? 456  LYS A NZ    1 
ATOM   532  N  N     . GLY C 2 15  ? -10.012 -5.992  -5.268  1.00 63.02 ? 457  GLY A N     1 
ATOM   533  C  CA    . GLY C 2 15  ? -10.984 -5.013  -5.701  1.00 62.21 ? 457  GLY A CA    1 
ATOM   534  C  C     . GLY C 2 15  ? -10.438 -3.685  -6.127  1.00 61.67 ? 457  GLY A C     1 
ATOM   535  O  O     . GLY C 2 15  ? -9.272  -3.398  -5.936  1.00 62.41 ? 457  GLY A O     1 
ATOM   536  N  N     . LYS C 2 16  ? -11.309 -2.882  -6.721  1.00 62.11 ? 458  LYS A N     1 
ATOM   537  C  CA    . LYS C 2 16  ? -10.997 -1.542  -7.214  1.00 61.01 ? 458  LYS A CA    1 
ATOM   538  C  C     . LYS C 2 16  ? -9.855  -1.481  -8.233  1.00 60.02 ? 458  LYS A C     1 
ATOM   539  O  O     . LYS C 2 16  ? -8.718  -1.861  -7.951  1.00 61.19 ? 458  LYS A O     1 
ATOM   540  C  CB    . LYS C 2 16  ? -10.737 -0.651  -6.018  1.00 61.01 ? 458  LYS A CB    1 
ATOM   541  C  CG    . LYS C 2 16  ? -11.618 -1.053  -4.826  1.00 62.98 ? 458  LYS A CG    1 
ATOM   542  C  CD    . LYS C 2 16  ? -13.112 -0.816  -5.050  1.00 63.52 ? 458  LYS A CD    1 
ATOM   543  C  CE    . LYS C 2 16  ? -13.439 0.668   -4.898  1.00 65.45 ? 458  LYS A CE    1 
ATOM   544  N  NZ    . LYS C 2 16  ? -12.799 1.261   -3.651  1.00 64.91 ? 458  LYS A NZ    1 
ATOM   545  N  N     . PRO C 2 17  ? -10.164 -1.057  -9.470  1.00 58.46 ? 459  PRO A N     1 
ATOM   546  C  CA    . PRO C 2 17  ? -9.117  -0.962  -10.503 1.00 56.51 ? 459  PRO A CA    1 
ATOM   547  C  C     . PRO C 2 17  ? -8.278  0.326   -10.284 1.00 54.54 ? 459  PRO A C     1 
ATOM   548  O  O     . PRO C 2 17  ? -8.731  1.276   -9.647  1.00 54.34 ? 459  PRO A O     1 
ATOM   549  C  CB    . PRO C 2 17  ? -9.920  -0.972  -11.807 1.00 56.82 ? 459  PRO A CB    1 
ATOM   550  C  CG    . PRO C 2 17  ? -11.194 -0.295  -11.425 1.00 57.37 ? 459  PRO A CG    1 
ATOM   551  C  CD    . PRO C 2 17  ? -11.505 -0.833  -10.040 1.00 57.59 ? 459  PRO A CD    1 
ATOM   552  N  N     . VAL C 2 18  ? -7.061  0.364   -10.804 1.00 52.74 ? 460  VAL A N     1 
ATOM   553  C  CA    . VAL C 2 18  ? -6.167  1.512   -10.573 1.00 51.15 ? 460  VAL A CA    1 
ATOM   554  C  C     . VAL C 2 18  ? -5.597  2.131   -11.849 1.00 49.07 ? 460  VAL A C     1 
ATOM   555  O  O     . VAL C 2 18  ? -5.513  1.466   -12.859 1.00 49.93 ? 460  VAL A O     1 
ATOM   556  C  CB    . VAL C 2 18  ? -4.988  1.062   -9.686  1.00 50.49 ? 460  VAL A CB    1 
ATOM   557  C  CG1   . VAL C 2 18  ? -4.009  2.166   -9.553  1.00 52.20 ? 460  VAL A CG1   1 
ATOM   558  C  CG2   . VAL C 2 18  ? -5.495  0.619   -8.327  1.00 50.29 ? 460  VAL A CG2   1 
ATOM   559  N  N     . ASN C 2 19  ? -5.219  3.395   -11.827 1.00 47.20 ? 461  ASN A N     1 
ATOM   560  C  CA    . ASN C 2 19  ? -4.638  3.965   -13.040 1.00 47.98 ? 461  ASN A CA    1 
ATOM   561  C  C     . ASN C 2 19  ? -3.186  4.454   -12.831 1.00 46.80 ? 461  ASN A C     1 
ATOM   562  O  O     . ASN C 2 19  ? -2.456  3.908   -12.002 1.00 46.66 ? 461  ASN A O     1 
ATOM   563  C  CB    . ASN C 2 19  ? -5.511  5.104   -13.553 1.00 47.67 ? 461  ASN A CB    1 
ATOM   564  C  CG    . ASN C 2 19  ? -5.728  6.144   -12.520 1.00 48.78 ? 461  ASN A CG    1 
ATOM   565  O  OD1   . ASN C 2 19  ? -6.255  7.210   -12.805 1.00 49.67 ? 461  ASN A OD1   1 
ATOM   566  N  ND2   . ASN C 2 19  ? -5.321  5.843   -11.286 1.00 50.12 ? 461  ASN A ND2   1 
ATOM   567  N  N     . ASN C 2 20  ? -2.760  5.477   -13.572 1.00 45.16 ? 462  ASN A N     1 
ATOM   568  C  CA    . ASN C 2 20  ? -1.388  5.961   -13.432 1.00 42.16 ? 462  ASN A CA    1 
ATOM   569  C  C     . ASN C 2 20  ? -1.249  7.067   -12.416 1.00 40.67 ? 462  ASN A C     1 
ATOM   570  O  O     . ASN C 2 20  ? -0.226  7.721   -12.332 1.00 40.94 ? 462  ASN A O     1 
ATOM   571  C  CB    . ASN C 2 20  ? -0.820  6.423   -14.772 1.00 40.79 ? 462  ASN A CB    1 
ATOM   572  C  CG    . ASN C 2 20  ? -1.557  7.625   -15.343 1.00 38.97 ? 462  ASN A CG    1 
ATOM   573  O  OD1   . ASN C 2 20  ? -0.952  8.434   -16.048 1.00 38.86 ? 462  ASN A OD1   1 
ATOM   574  N  ND2   . ASN C 2 20  ? -2.861  7.741   -15.061 1.00 36.16 ? 462  ASN A ND2   1 
ATOM   575  N  N     . LYS C 2 21  ? -2.294  7.281   -11.644 1.00 40.09 ? 463  LYS A N     1 
ATOM   576  C  CA    . LYS C 2 21  ? -2.246  8.276   -10.589 1.00 39.45 ? 463  LYS A CA    1 
ATOM   577  C  C     . LYS C 2 21  ? -2.722  7.563   -9.316  1.00 38.39 ? 463  LYS A C     1 
ATOM   578  O  O     . LYS C 2 21  ? -3.483  8.111   -8.524  1.00 38.51 ? 463  LYS A O     1 
ATOM   579  C  CB    . LYS C 2 21  ? -3.161  9.415   -10.953 1.00 40.03 ? 463  LYS A CB    1 
ATOM   580  C  CG    . LYS C 2 21  ? -2.595  10.261  -12.059 1.00 43.48 ? 463  LYS A CG    1 
ATOM   581  C  CD    . LYS C 2 21  ? -3.650  11.231  -12.564 1.00 44.80 ? 463  LYS A CD    1 
ATOM   582  C  CE    . LYS C 2 21  ? -3.279  11.803  -13.909 1.00 46.12 ? 463  LYS A CE    1 
ATOM   583  N  NZ    . LYS C 2 21  ? -4.504  12.393  -14.547 1.00 47.38 ? 463  LYS A NZ    1 
ATOM   584  N  N     . TRP C 2 22  ? -2.245  6.331   -9.139  1.00 36.86 ? 464  TRP A N     1 
ATOM   585  C  CA    . TRP C 2 22  ? -2.635  5.475   -8.022  1.00 34.30 ? 464  TRP A CA    1 
ATOM   586  C  C     . TRP C 2 22  ? -2.614  6.092   -6.644  1.00 32.04 ? 464  TRP A C     1 
ATOM   587  O  O     . TRP C 2 22  ? -3.610  6.031   -5.965  1.00 32.21 ? 464  TRP A O     1 
ATOM   588  C  CB    . TRP C 2 22  ? -1.796  4.177   -8.031  1.00 32.44 ? 464  TRP A CB    1 
ATOM   589  C  CG    . TRP C 2 22  ? -2.143  3.204   -6.906  1.00 30.80 ? 464  TRP A CG    1 
ATOM   590  C  CD1   . TRP C 2 22  ? -3.388  2.932   -6.392  1.00 29.43 ? 464  TRP A CD1   1 
ATOM   591  C  CD2   . TRP C 2 22  ? -1.218  2.396   -6.158  1.00 29.77 ? 464  TRP A CD2   1 
ATOM   592  N  NE1   . TRP C 2 22  ? -3.293  2.007   -5.370  1.00 30.44 ? 464  TRP A NE1   1 
ATOM   593  C  CE2   . TRP C 2 22  ? -1.974  1.667   -5.197  1.00 30.19 ? 464  TRP A CE2   1 
ATOM   594  C  CE3   . TRP C 2 22  ? 0.169   2.223   -6.198  1.00 28.95 ? 464  TRP A CE3   1 
ATOM   595  C  CZ2   . TRP C 2 22  ? -1.381  0.783   -4.284  1.00 28.10 ? 464  TRP A CZ2   1 
ATOM   596  C  CZ3   . TRP C 2 22  ? 0.765   1.329   -5.284  1.00 29.27 ? 464  TRP A CZ3   1 
ATOM   597  C  CH2   . TRP C 2 22  ? -0.019  0.628   -4.341  1.00 28.39 ? 464  TRP A CH2   1 
ATOM   598  N  N     . LEU C 2 23  ? -1.499  6.688   -6.247  1.00 30.85 ? 465  LEU A N     1 
ATOM   599  C  CA    . LEU C 2 23  ? -1.347  7.270   -4.913  1.00 30.87 ? 465  LEU A CA    1 
ATOM   600  C  C     . LEU C 2 23  ? -1.378  8.802   -4.918  1.00 32.44 ? 465  LEU A C     1 
ATOM   601  O  O     . LEU C 2 23  ? -1.007  9.462   -3.942  1.00 30.57 ? 465  LEU A O     1 
ATOM   602  C  CB    . LEU C 2 23  ? -0.021  6.779   -4.293  1.00 30.39 ? 465  LEU A CB    1 
ATOM   603  C  CG    . LEU C 2 23  ? -0.003  5.524   -3.410  1.00 30.30 ? 465  LEU A CG    1 
ATOM   604  C  CD1   . LEU C 2 23  ? -0.713  4.391   -4.013  1.00 26.80 ? 465  LEU A CD1   1 
ATOM   605  C  CD2   . LEU C 2 23  ? 1.435   5.149   -3.078  1.00 30.66 ? 465  LEU A CD2   1 
ATOM   606  N  N     . ASN C 2 24  ? -1.808  9.383   -6.025  1.00 34.61 ? 466  ASN A N     1 
ATOM   607  C  CA    . ASN C 2 24  ? -1.845  10.824  -6.094  1.00 37.13 ? 466  ASN A CA    1 
ATOM   608  C  C     . ASN C 2 24  ? -2.731  11.409  -5.052  1.00 37.43 ? 466  ASN A C     1 
ATOM   609  O  O     . ASN C 2 24  ? -2.521  12.546  -4.632  1.00 38.47 ? 466  ASN A O     1 
ATOM   610  C  CB    . ASN C 2 24  ? -2.299  11.257  -7.456  1.00 38.93 ? 466  ASN A CB    1 
ATOM   611  C  CG    . ASN C 2 24  ? -1.231  11.071  -8.444  1.00 41.85 ? 466  ASN A CG    1 
ATOM   612  O  OD1   . ASN C 2 24  ? -0.575  10.025  -8.447  1.00 44.03 ? 466  ASN A OD1   1 
ATOM   613  N  ND2   . ASN C 2 24  ? -1.013  12.064  -9.290  1.00 43.31 ? 466  ASN A ND2   1 
ATOM   614  N  N     . ASN C 2 25  ? -3.721  10.641  -4.631  1.00 36.82 ? 467  ASN A N     1 
ATOM   615  C  CA    . ASN C 2 25  ? -4.621  11.121  -3.607  1.00 37.57 ? 467  ASN A CA    1 
ATOM   616  C  C     . ASN C 2 25  ? -4.538  10.390  -2.280  1.00 37.95 ? 467  ASN A C     1 
ATOM   617  O  O     . ASN C 2 25  ? -5.377  10.599  -1.420  1.00 38.16 ? 467  ASN A O     1 
ATOM   618  C  CB    . ASN C 2 25  ? -6.056  11.090  -4.098  1.00 37.56 ? 467  ASN A CB    1 
ATOM   619  C  CG    . ASN C 2 25  ? -6.308  12.112  -5.139  1.00 37.54 ? 467  ASN A CG    1 
ATOM   620  O  OD1   . ASN C 2 25  ? -5.730  13.198  -5.093  1.00 38.67 ? 467  ASN A OD1   1 
ATOM   621  N  ND2   . ASN C 2 25  ? -7.173  11.781  -6.107  1.00 37.73 ? 467  ASN A ND2   1 
ATOM   622  N  N     . ALA C 2 26  ? -3.543  9.533   -2.103  1.00 38.40 ? 468  ALA A N     1 
ATOM   623  C  CA    . ALA C 2 26  ? -3.407  8.818   -0.827  1.00 39.93 ? 468  ALA A CA    1 
ATOM   624  C  C     . ALA C 2 26  ? -3.654  9.735   0.389   1.00 39.22 ? 468  ALA A C     1 
ATOM   625  O  O     . ALA C 2 26  ? -4.019  9.252   1.429   1.00 38.53 ? 468  ALA A O     1 
ATOM   626  C  CB    . ALA C 2 26  ? -2.008  8.164   -0.719  1.00 37.16 ? 468  ALA A CB    1 
ATOM   627  N  N     . GLY C 2 27  ? -3.455  11.046  0.236   1.00 40.78 ? 469  GLY A N     1 
ATOM   628  C  CA    . GLY C 2 27  ? -3.636  11.965  1.345   1.00 42.42 ? 469  GLY A CA    1 
ATOM   629  C  C     . GLY C 2 27  ? -5.046  12.498  1.571   1.00 44.02 ? 469  GLY A C     1 
ATOM   630  O  O     . GLY C 2 27  ? -5.271  13.422  2.358   1.00 43.91 ? 469  GLY A O     1 
ATOM   631  N  N     . LYS C 2 28  ? -5.998  11.906  0.873   1.00 44.98 ? 470  LYS A N     1 
ATOM   632  C  CA    . LYS C 2 28  ? -7.371  12.306  0.955   1.00 44.95 ? 470  LYS A CA    1 
ATOM   633  C  C     . LYS C 2 28  ? -8.267  11.134  1.305   1.00 45.64 ? 470  LYS A C     1 
ATOM   634  O  O     . LYS C 2 28  ? -8.116  10.001  0.804   1.00 43.26 ? 470  LYS A O     1 
ATOM   635  C  CB    . LYS C 2 28  ? -7.846  12.887  -0.375  1.00 45.83 ? 470  LYS A CB    1 
ATOM   636  C  CG    . LYS C 2 28  ? -7.274  14.242  -0.756  1.00 48.58 ? 470  LYS A CG    1 
ATOM   637  C  CD    . LYS C 2 28  ? -8.181  14.909  -1.813  1.00 50.73 ? 470  LYS A CD    1 
ATOM   638  C  CE    . LYS C 2 28  ? -7.480  16.020  -2.599  1.00 51.75 ? 470  LYS A CE    1 
ATOM   639  N  NZ    . LYS C 2 28  ? -6.592  15.482  -3.678  1.00 53.56 ? 470  LYS A NZ    1 
ATOM   640  N  N     . ASP C 2 29  ? -9.214  11.435  2.183   1.00 46.37 ? 471  ASP A N     1 
ATOM   641  C  CA    . ASP C 2 29  ? -10.206 10.466  2.581   1.00 46.80 ? 471  ASP A CA    1 
ATOM   642  C  C     . ASP C 2 29  ? -9.589  9.194   3.129   1.00 45.74 ? 471  ASP A C     1 
ATOM   643  O  O     . ASP C 2 29  ? -8.754  9.253   4.026   1.00 46.66 ? 471  ASP A O     1 
ATOM   644  C  CB    . ASP C 2 29  ? -11.110 10.147  1.379   1.00 49.63 ? 471  ASP A CB    1 
ATOM   645  C  CG    . ASP C 2 29  ? -11.957 11.346  0.934   1.00 51.51 ? 471  ASP A CG    1 
ATOM   646  O  OD1   . ASP C 2 29  ? -11.495 12.514  1.000   1.00 52.28 ? 471  ASP A OD1   1 
ATOM   647  O  OD2   . ASP C 2 29  ? -13.102 11.099  0.489   1.00 54.92 ? 471  ASP A OD2   1 
ATOM   648  N  N     . LEU C 2 30  ? -10.021 8.051   2.606   1.00 43.49 ? 472  LEU A N     1 
ATOM   649  C  CA    . LEU C 2 30  ? -9.529  6.780   3.077   1.00 42.48 ? 472  LEU A CA    1 
ATOM   650  C  C     . LEU C 2 30  ? -8.305  6.288   2.270   1.00 41.94 ? 472  LEU A C     1 
ATOM   651  O  O     . LEU C 2 30  ? -7.824  5.145   2.440   1.00 41.36 ? 472  LEU A O     1 
ATOM   652  C  CB    . LEU C 2 30  ? -10.672 5.762   3.029   1.00 43.96 ? 472  LEU A CB    1 
ATOM   653  C  CG    . LEU C 2 30  ? -10.968 5.010   4.343   1.00 45.03 ? 472  LEU A CG    1 
ATOM   654  C  CD1   . LEU C 2 30  ? -11.272 5.988   5.444   1.00 43.46 ? 472  LEU A CD1   1 
ATOM   655  C  CD2   . LEU C 2 30  ? -12.135 4.050   4.129   1.00 45.82 ? 472  LEU A CD2   1 
ATOM   656  N  N     . GLY C 2 31  ? -7.811  7.145   1.383   1.00 39.65 ? 473  GLY A N     1 
ATOM   657  C  CA    . GLY C 2 31  ? -6.645  6.791   0.606   1.00 38.50 ? 473  GLY A CA    1 
ATOM   658  C  C     . GLY C 2 31  ? -6.941  5.960   -0.614  1.00 37.30 ? 473  GLY A C     1 
ATOM   659  O  O     . GLY C 2 31  ? -8.068  5.962   -1.101  1.00 39.64 ? 473  GLY A O     1 
ATOM   660  N  N     . SER C 2 32  ? -5.925  5.252   -1.096  1.00 34.16 ? 474  SER A N     1 
ATOM   661  C  CA    . SER C 2 32  ? -6.030  4.417   -2.271  1.00 32.64 ? 474  SER A CA    1 
ATOM   662  C  C     . SER C 2 32  ? -6.195  2.995   -1.844  1.00 33.49 ? 474  SER A C     1 
ATOM   663  O  O     . SER C 2 32  ? -5.711  2.595   -0.783  1.00 32.57 ? 474  SER A O     1 
ATOM   664  C  CB    . SER C 2 32  ? -4.795  4.565   -3.137  1.00 31.35 ? 474  SER A CB    1 
ATOM   665  O  OG    . SER C 2 32  ? -4.505  5.940   -3.325  1.00 28.95 ? 474  SER A OG    1 
ATOM   666  N  N     . PRO C 2 33  ? -6.844  2.188   -2.691  1.00 33.45 ? 475  PRO A N     1 
ATOM   667  C  CA    . PRO C 2 33  ? -7.123  0.797   -2.422  1.00 33.78 ? 475  PRO A CA    1 
ATOM   668  C  C     . PRO C 2 33  ? -6.134  -0.117  -2.987  1.00 35.22 ? 475  PRO A C     1 
ATOM   669  O  O     . PRO C 2 33  ? -5.338  0.283   -3.816  1.00 37.32 ? 475  PRO A O     1 
ATOM   670  C  CB    . PRO C 2 33  ? -8.462  0.619   -3.079  1.00 33.24 ? 475  PRO A CB    1 
ATOM   671  C  CG    . PRO C 2 33  ? -8.204  1.277   -4.346  1.00 33.00 ? 475  PRO A CG    1 
ATOM   672  C  CD    . PRO C 2 33  ? -7.513  2.577   -3.934  1.00 33.60 ? 475  PRO A CD    1 
ATOM   673  N  N     . VAL C 2 34  ? -6.193  -1.356  -2.526  1.00 35.04 ? 476  VAL A N     1 
ATOM   674  C  CA    . VAL C 2 34  ? -5.298  -2.360  -3.005  1.00 36.27 ? 476  VAL A CA    1 
ATOM   675  C  C     . VAL C 2 34  ? -5.540  -2.599  -4.508  1.00 37.86 ? 476  VAL A C     1 
ATOM   676  O  O     . VAL C 2 34  ? -6.580  -3.090  -4.901  1.00 40.49 ? 476  VAL A O     1 
ATOM   677  C  CB    . VAL C 2 34  ? -5.540  -3.610  -2.193  1.00 35.63 ? 476  VAL A CB    1 
ATOM   678  C  CG1   . VAL C 2 34  ? -4.904  -4.808  -2.842  1.00 34.11 ? 476  VAL A CG1   1 
ATOM   679  C  CG2   . VAL C 2 34  ? -5.016  -3.384  -0.815  1.00 34.69 ? 476  VAL A CG2   1 
ATOM   680  N  N     . PRO C 2 35  ? -4.593  -2.228  -5.376  1.00 38.45 ? 477  PRO A N     1 
ATOM   681  C  CA    . PRO C 2 35  ? -4.878  -2.488  -6.791  1.00 39.23 ? 477  PRO A CA    1 
ATOM   682  C  C     . PRO C 2 35  ? -5.386  -3.920  -7.002  1.00 41.30 ? 477  PRO A C     1 
ATOM   683  O  O     . PRO C 2 35  ? -4.845  -4.886  -6.418  1.00 42.22 ? 477  PRO A O     1 
ATOM   684  C  CB    . PRO C 2 35  ? -3.532  -2.272  -7.459  1.00 37.80 ? 477  PRO A CB    1 
ATOM   685  C  CG    . PRO C 2 35  ? -2.881  -1.274  -6.586  1.00 37.89 ? 477  PRO A CG    1 
ATOM   686  C  CD    . PRO C 2 35  ? -3.211  -1.773  -5.202  1.00 37.91 ? 477  PRO A CD    1 
ATOM   687  N  N     . ASP C 2 36  ? -6.426  -4.061  -7.825  1.00 41.66 ? 478  ASP A N     1 
ATOM   688  C  CA    . ASP C 2 36  ? -6.993  -5.368  -8.102  1.00 41.67 ? 478  ASP A CA    1 
ATOM   689  C  C     . ASP C 2 36  ? -5.984  -6.359  -8.706  1.00 41.84 ? 478  ASP A C     1 
ATOM   690  O  O     . ASP C 2 36  ? -6.039  -7.537  -8.398  1.00 40.81 ? 478  ASP A O     1 
ATOM   691  C  CB    . ASP C 2 36  ? -8.230  -5.211  -8.996  1.00 44.55 ? 478  ASP A CB    1 
ATOM   692  C  CG    . ASP C 2 36  ? -7.927  -4.570  -10.347 1.00 46.33 ? 478  ASP A CG    1 
ATOM   693  O  OD1   . ASP C 2 36  ? -8.899  -4.415  -11.139 1.00 47.75 ? 478  ASP A OD1   1 
ATOM   694  O  OD2   . ASP C 2 36  ? -6.750  -4.223  -10.626 1.00 48.10 ? 478  ASP A OD2   1 
ATOM   695  N  N     . ARG C 2 37  ? -5.073  -5.886  -9.562  1.00 42.78 ? 479  ARG A N     1 
ATOM   696  C  CA    . ARG C 2 37  ? -4.023  -6.727  -10.168 1.00 43.57 ? 479  ARG A CA    1 
ATOM   697  C  C     . ARG C 2 37  ? -3.180  -7.357  -9.050  1.00 43.44 ? 479  ARG A C     1 
ATOM   698  O  O     . ARG C 2 37  ? -2.811  -8.538  -9.127  1.00 42.22 ? 479  ARG A O     1 
ATOM   699  C  CB    . ARG C 2 37  ? -3.059  -5.894  -11.032 1.00 45.69 ? 479  ARG A CB    1 
ATOM   700  C  CG    . ARG C 2 37  ? -3.452  -5.675  -12.477 1.00 48.36 ? 479  ARG A CG    1 
ATOM   701  C  CD    . ARG C 2 37  ? -2.286  -5.044  -13.282 1.00 49.40 ? 479  ARG A CD    1 
ATOM   702  N  NE    . ARG C 2 37  ? -1.926  -3.705  -12.793 1.00 49.59 ? 479  ARG A NE    1 
ATOM   703  C  CZ    . ARG C 2 37  ? -2.650  -2.609  -13.003 1.00 49.99 ? 479  ARG A CZ    1 
ATOM   704  N  NH1   . ARG C 2 37  ? -2.250  -1.449  -12.515 1.00 50.57 ? 479  ARG A NH1   1 
ATOM   705  N  NH2   . ARG C 2 37  ? -3.773  -2.668  -13.707 1.00 48.93 ? 479  ARG A NH2   1 
ATOM   706  N  N     . ILE C 2 38  ? -2.848  -6.530  -8.044  1.00 41.93 ? 480  ILE A N     1 
ATOM   707  C  CA    . ILE C 2 38  ? -2.064  -6.941  -6.887  1.00 40.64 ? 480  ILE A CA    1 
ATOM   708  C  C     . ILE C 2 38  ? -2.886  -7.917  -6.052  1.00 40.11 ? 480  ILE A C     1 
ATOM   709  O  O     . ILE C 2 38  ? -2.425  -9.003  -5.717  1.00 39.87 ? 480  ILE A O     1 
ATOM   710  C  CB    . ILE C 2 38  ? -1.651  -5.704  -6.008  1.00 40.96 ? 480  ILE A CB    1 
ATOM   711  C  CG1   . ILE C 2 38  ? -0.351  -5.102  -6.534  1.00 39.55 ? 480  ILE A CG1   1 
ATOM   712  C  CG2   . ILE C 2 38  ? -1.448  -6.109  -4.549  1.00 39.71 ? 480  ILE A CG2   1 
ATOM   713  C  CD1   . ILE C 2 38  ? -0.513  -4.307  -7.737  1.00 41.73 ? 480  ILE A CD1   1 
ATOM   714  N  N     . ALA C 2 39  ? -4.112  -7.534  -5.721  1.00 39.46 ? 481  ALA A N     1 
ATOM   715  C  CA    . ALA C 2 39  ? -4.970  -8.408  -4.942  1.00 40.94 ? 481  ALA A CA    1 
ATOM   716  C  C     . ALA C 2 39  ? -5.073  -9.823  -5.549  1.00 43.03 ? 481  ALA A C     1 
ATOM   717  O  O     . ALA C 2 39  ? -5.089  -10.833 -4.825  1.00 45.02 ? 481  ALA A O     1 
ATOM   718  C  CB    . ALA C 2 39  ? -6.352  -7.787  -4.803  1.00 38.58 ? 481  ALA A CB    1 
ATOM   719  N  N     . ASN C 2 40  ? -5.144  -9.923  -6.871  1.00 44.18 ? 482  ASN A N     1 
ATOM   720  C  CA    . ASN C 2 40  ? -5.237  -11.243 -7.483  1.00 45.30 ? 482  ASN A CA    1 
ATOM   721  C  C     . ASN C 2 40  ? -3.955  -12.022 -7.272  1.00 46.26 ? 482  ASN A C     1 
ATOM   722  O  O     . ASN C 2 40  ? -3.960  -13.254 -7.191  1.00 46.89 ? 482  ASN A O     1 
ATOM   723  C  CB    . ASN C 2 40  ? -5.547  -11.132 -8.975  1.00 44.16 ? 482  ASN A CB    1 
ATOM   724  C  CG    . ASN C 2 40  ? -6.874  -10.480 -9.231  1.00 44.39 ? 482  ASN A CG    1 
ATOM   725  O  OD1   . ASN C 2 40  ? -7.827  -10.645 -8.450  1.00 42.32 ? 482  ASN A OD1   1 
ATOM   726  N  ND2   . ASN C 2 40  ? -6.960  -9.729  -10.334 1.00 45.10 ? 482  ASN A ND2   1 
ATOM   727  N  N     . LYS C 2 41  ? -2.843  -11.307 -7.186  1.00 47.26 ? 483  LYS A N     1 
ATOM   728  C  CA    . LYS C 2 41  ? -1.584  -11.970 -6.952  1.00 48.21 ? 483  LYS A CA    1 
ATOM   729  C  C     . LYS C 2 41  ? -1.455  -12.409 -5.496  1.00 47.73 ? 483  LYS A C     1 
ATOM   730  O  O     . LYS C 2 41  ? -0.728  -13.353 -5.197  1.00 47.90 ? 483  LYS A O     1 
ATOM   731  C  CB    . LYS C 2 41  ? -0.420  -11.043 -7.315  1.00 49.76 ? 483  LYS A CB    1 
ATOM   732  C  CG    . LYS C 2 41  ? -0.498  -10.475 -8.729  1.00 53.26 ? 483  LYS A CG    1 
ATOM   733  C  CD    . LYS C 2 41  ? -0.140  -11.483 -9.816  1.00 55.73 ? 483  LYS A CD    1 
ATOM   734  C  CE    . LYS C 2 41  ? 1.320   -11.957 -9.709  1.00 56.88 ? 483  LYS A CE    1 
ATOM   735  N  NZ    . LYS C 2 41  ? 1.651   -12.990 -10.769 1.00 57.53 ? 483  LYS A NZ    1 
ATOM   736  N  N     . LEU C 2 42  ? -2.165  -11.763 -4.578  1.00 48.44 ? 484  LEU A N     1 
ATOM   737  C  CA    . LEU C 2 42  ? -1.993  -12.132 -3.164  1.00 48.64 ? 484  LEU A CA    1 
ATOM   738  C  C     . LEU C 2 42  ? -3.121  -12.964 -2.577  1.00 49.84 ? 484  LEU A C     1 
ATOM   739  O  O     . LEU C 2 42  ? -2.937  -13.631 -1.540  1.00 48.72 ? 484  LEU A O     1 
ATOM   740  C  CB    . LEU C 2 42  ? -1.788  -10.871 -2.304  1.00 46.23 ? 484  LEU A CB    1 
ATOM   741  C  CG    . LEU C 2 42  ? -0.689  -9.883  -2.724  1.00 41.89 ? 484  LEU A CG    1 
ATOM   742  C  CD1   . LEU C 2 42  ? -0.802  -8.606  -1.955  1.00 39.03 ? 484  LEU A CD1   1 
ATOM   743  C  CD2   . LEU C 2 42  ? 0.623   -10.516 -2.517  1.00 40.44 ? 484  LEU A CD2   1 
ATOM   744  N  N     . ARG C 2 43  ? -4.273  -12.939 -3.247  1.00 50.47 ? 485  ARG A N     1 
ATOM   745  C  CA    . ARG C 2 43  ? -5.438  -13.676 -2.769  1.00 52.52 ? 485  ARG A CA    1 
ATOM   746  C  C     . ARG C 2 43  ? -5.128  -15.142 -2.415  1.00 51.63 ? 485  ARG A C     1 
ATOM   747  O  O     . ARG C 2 43  ? -4.362  -15.813 -3.092  1.00 49.27 ? 485  ARG A O     1 
ATOM   748  C  CB    . ARG C 2 43  ? -6.575  -13.584 -3.799  1.00 55.72 ? 485  ARG A CB    1 
ATOM   749  C  CG    . ARG C 2 43  ? -7.895  -14.221 -3.366  1.00 59.34 ? 485  ARG A CG    1 
ATOM   750  C  CD    . ARG C 2 43  ? -8.222  -15.443 -4.237  1.00 63.54 ? 485  ARG A CD    1 
ATOM   751  N  NE    . ARG C 2 43  ? -8.885  -15.128 -5.513  1.00 66.03 ? 485  ARG A NE    1 
ATOM   752  C  CZ    . ARG C 2 43  ? -8.852  -15.904 -6.605  1.00 67.00 ? 485  ARG A CZ    1 
ATOM   753  N  NH1   . ARG C 2 43  ? -8.174  -17.054 -6.604  1.00 66.67 ? 485  ARG A NH1   1 
ATOM   754  N  NH2   . ARG C 2 43  ? -9.520  -15.540 -7.701  1.00 66.29 ? 485  ARG A NH2   1 
ATOM   755  N  N     . ASP C 2 44  ? -5.709  -15.595 -1.310  1.00 52.01 ? 486  ASP A N     1 
ATOM   756  C  CA    . ASP C 2 44  ? -5.531  -16.950 -0.807  1.00 52.77 ? 486  ASP A CA    1 
ATOM   757  C  C     . ASP C 2 44  ? -4.131  -17.270 -0.324  1.00 52.26 ? 486  ASP A C     1 
ATOM   758  O  O     . ASP C 2 44  ? -3.876  -18.390 0.074   1.00 53.37 ? 486  ASP A O     1 
ATOM   759  C  CB    . ASP C 2 44  ? -5.951  -17.975 -1.868  1.00 53.84 ? 486  ASP A CB    1 
ATOM   760  C  CG    . ASP C 2 44  ? -7.408  -17.801 -2.314  1.00 54.90 ? 486  ASP A CG    1 
ATOM   761  O  OD1   . ASP C 2 44  ? -7.751  -18.315 -3.396  1.00 55.75 ? 486  ASP A OD1   1 
ATOM   762  O  OD2   . ASP C 2 44  ? -8.214  -17.161 -1.594  1.00 56.08 ? 486  ASP A OD2   1 
ATOM   763  N  N     . LYS C 2 45  ? -3.215  -16.308 -0.330  1.00 52.40 ? 487  LYS A N     1 
ATOM   764  C  CA    . LYS C 2 45  ? -1.853  -16.594 0.128   1.00 50.82 ? 487  LYS A CA    1 
ATOM   765  C  C     . LYS C 2 45  ? -1.800  -16.647 1.645   1.00 50.49 ? 487  LYS A C     1 
ATOM   766  O  O     . LYS C 2 45  ? -2.634  -16.038 2.314   1.00 49.98 ? 487  LYS A O     1 
ATOM   767  C  CB    . LYS C 2 45  ? -0.895  -15.528 -0.365  1.00 50.57 ? 487  LYS A CB    1 
ATOM   768  C  CG    . LYS C 2 45  ? -0.639  -15.582 -1.833  1.00 50.53 ? 487  LYS A CG    1 
ATOM   769  C  CD    . LYS C 2 45  ? 0.798   -15.984 -2.075  1.00 50.82 ? 487  LYS A CD    1 
ATOM   770  C  CE    . LYS C 2 45  ? 1.178   -15.835 -3.535  1.00 50.01 ? 487  LYS A CE    1 
ATOM   771  N  NZ    . LYS C 2 45  ? 2.524   -16.450 -3.771  1.00 49.61 ? 487  LYS A NZ    1 
ATOM   772  N  N     . GLU C 2 46  ? -0.814  -17.367 2.181   1.00 49.80 ? 488  GLU A N     1 
ATOM   773  C  CA    . GLU C 2 46  ? -0.643  -17.498 3.634   1.00 48.98 ? 488  GLU A CA    1 
ATOM   774  C  C     . GLU C 2 46  ? 0.389   -16.529 4.215   1.00 46.99 ? 488  GLU A C     1 
ATOM   775  O  O     . GLU C 2 46  ? 1.533   -16.512 3.787   1.00 45.46 ? 488  GLU A O     1 
ATOM   776  C  CB    . GLU C 2 46  ? -0.231  -18.938 3.993   1.00 50.64 ? 488  GLU A CB    1 
ATOM   777  C  CG    . GLU C 2 46  ? -1.356  -19.793 4.553   1.00 53.11 ? 488  GLU A CG    1 
ATOM   778  C  CD    . GLU C 2 46  ? -2.032  -19.112 5.736   1.00 56.15 ? 488  GLU A CD    1 
ATOM   779  O  OE1   . GLU C 2 46  ? -3.254  -18.862 5.636   1.00 56.04 ? 488  GLU A OE1   1 
ATOM   780  O  OE2   . GLU C 2 46  ? -1.344  -18.818 6.754   1.00 55.88 ? 488  GLU A OE2   1 
ATOM   781  N  N     . PHE C 2 47  ? -0.022  -15.725 5.198   1.00 46.13 ? 489  PHE A N     1 
ATOM   782  C  CA    . PHE C 2 47  ? 0.880   -14.769 5.861   1.00 43.84 ? 489  PHE A CA    1 
ATOM   783  C  C     . PHE C 2 47  ? 0.943   -15.028 7.357   1.00 42.60 ? 489  PHE A C     1 
ATOM   784  O  O     . PHE C 2 47  ? -0.086  -15.275 7.973   1.00 41.28 ? 489  PHE A O     1 
ATOM   785  C  CB    . PHE C 2 47  ? 0.406   -13.343 5.614   1.00 43.85 ? 489  PHE A CB    1 
ATOM   786  C  CG    . PHE C 2 47  ? 0.387   -12.972 4.172   1.00 42.35 ? 489  PHE A CG    1 
ATOM   787  C  CD1   . PHE C 2 47  ? 1.565   -12.854 3.467   1.00 41.80 ? 489  PHE A CD1   1 
ATOM   788  C  CD2   . PHE C 2 47  ? -0.803  -12.859 3.493   1.00 42.57 ? 489  PHE A CD2   1 
ATOM   789  C  CE1   . PHE C 2 47  ? 1.558   -12.640 2.106   1.00 41.75 ? 489  PHE A CE1   1 
ATOM   790  C  CE2   . PHE C 2 47  ? -0.813  -12.645 2.126   1.00 43.21 ? 489  PHE A CE2   1 
ATOM   791  C  CZ    . PHE C 2 47  ? 0.369   -12.542 1.435   1.00 41.67 ? 489  PHE A CZ    1 
ATOM   792  N  N     . LYS C 2 48  ? 2.146   -14.948 7.938   1.00 41.97 ? 490  LYS A N     1 
ATOM   793  C  CA    . LYS C 2 48  ? 2.328   -15.186 9.379   1.00 39.96 ? 490  LYS A CA    1 
ATOM   794  C  C     . LYS C 2 48  ? 2.005   -13.961 10.260  1.00 39.23 ? 490  LYS A C     1 
ATOM   795  O  O     . LYS C 2 48  ? 1.618   -14.120 11.421  1.00 39.83 ? 490  LYS A O     1 
ATOM   796  C  CB    . LYS C 2 48  ? 3.755   -15.633 9.659   1.00 40.05 ? 490  LYS A CB    1 
ATOM   797  C  CG    . LYS C 2 48  ? 4.230   -16.789 8.824   1.00 40.61 ? 490  LYS A CG    1 
ATOM   798  C  CD    . LYS C 2 48  ? 3.798   -18.087 9.429   1.00 39.93 ? 490  LYS A CD    1 
ATOM   799  C  CE    . LYS C 2 48  ? 4.463   -19.233 8.715   1.00 40.43 ? 490  LYS A CE    1 
ATOM   800  N  NZ    . LYS C 2 48  ? 4.304   -20.497 9.478   1.00 41.74 ? 490  LYS A NZ    1 
ATOM   801  N  N     . SER C 2 49  ? 2.169   -12.750 9.729   1.00 35.92 ? 491  SER A N     1 
ATOM   802  C  CA    . SER C 2 49  ? 1.874   -11.537 10.489  1.00 34.47 ? 491  SER A CA    1 
ATOM   803  C  C     . SER C 2 49  ? 1.483   -10.469 9.484   1.00 34.80 ? 491  SER A C     1 
ATOM   804  O  O     . SER C 2 49  ? 1.756   -10.627 8.311   1.00 37.09 ? 491  SER A O     1 
ATOM   805  C  CB    . SER C 2 49  ? 3.109   -11.062 11.269  1.00 33.36 ? 491  SER A CB    1 
ATOM   806  O  OG    . SER C 2 49  ? 4.164   -10.578 10.402  1.00 30.39 ? 491  SER A OG    1 
ATOM   807  N  N     . PHE C 2 50  ? 0.887   -9.369  9.926   1.00 35.01 ? 492  PHE A N     1 
ATOM   808  C  CA    . PHE C 2 50  ? 0.488   -8.340  8.983   1.00 34.88 ? 492  PHE A CA    1 
ATOM   809  C  C     . PHE C 2 50  ? 1.726   -7.755  8.367   1.00 35.15 ? 492  PHE A C     1 
ATOM   810  O  O     . PHE C 2 50  ? 1.700   -7.324  7.220   1.00 35.91 ? 492  PHE A O     1 
ATOM   811  C  CB    . PHE C 2 50  ? -0.320  -7.231  9.664   1.00 34.09 ? 492  PHE A CB    1 
ATOM   812  C  CG    . PHE C 2 50  ? -0.851  -6.207  8.704   1.00 34.90 ? 492  PHE A CG    1 
ATOM   813  C  CD1   . PHE C 2 50  ? -0.253  -4.950  8.607   1.00 32.87 ? 492  PHE A CD1   1 
ATOM   814  C  CD2   . PHE C 2 50  ? -1.891  -6.536  7.807   1.00 34.36 ? 492  PHE A CD2   1 
ATOM   815  C  CE1   . PHE C 2 50  ? -0.658  -4.030  7.643   1.00 32.73 ? 492  PHE A CE1   1 
ATOM   816  C  CE2   . PHE C 2 50  ? -2.307  -5.607  6.820   1.00 34.11 ? 492  PHE A CE2   1 
ATOM   817  C  CZ    . PHE C 2 50  ? -1.682  -4.347  6.740   1.00 33.64 ? 492  PHE A CZ    1 
ATOM   818  N  N     . ASP C 2 51  ? 2.829   -7.791  9.108   1.00 35.94 ? 493  ASP A N     1 
ATOM   819  C  CA    . ASP C 2 51  ? 4.084   -7.240  8.605   1.00 35.76 ? 493  ASP A CA    1 
ATOM   820  C  C     . ASP C 2 51  ? 4.536   -7.982  7.366   1.00 36.34 ? 493  ASP A C     1 
ATOM   821  O  O     . ASP C 2 51  ? 5.050   -7.379  6.427   1.00 37.88 ? 493  ASP A O     1 
ATOM   822  C  CB    . ASP C 2 51  ? 5.163   -7.274  9.686   1.00 34.03 ? 493  ASP A CB    1 
ATOM   823  C  CG    . ASP C 2 51  ? 5.068   -6.090  10.656  1.00 35.73 ? 493  ASP A CG    1 
ATOM   824  O  OD1   . ASP C 2 51  ? 5.714   -6.150  11.720  1.00 33.29 ? 493  ASP A OD1   1 
ATOM   825  O  OD2   . ASP C 2 51  ? 4.354   -5.096  10.343  1.00 36.07 ? 493  ASP A OD2   1 
ATOM   826  N  N     . ASP C 2 52  ? 4.338   -9.287  7.336   1.00 37.92 ? 494  ASP A N     1 
ATOM   827  C  CA    . ASP C 2 52  ? 4.729   -10.048 6.160   1.00 39.27 ? 494  ASP A CA    1 
ATOM   828  C  C     . ASP C 2 52  ? 3.873   -9.663  5.003   1.00 37.84 ? 494  ASP A C     1 
ATOM   829  O  O     . ASP C 2 52  ? 4.355   -9.445  3.906   1.00 37.54 ? 494  ASP A O     1 
ATOM   830  C  CB    . ASP C 2 52  ? 4.627   -11.518 6.474   1.00 42.59 ? 494  ASP A CB    1 
ATOM   831  C  CG    . ASP C 2 52  ? 5.532   -11.871 7.597   1.00 47.12 ? 494  ASP A CG    1 
ATOM   832  O  OD1   . ASP C 2 52  ? 6.732   -11.507 7.489   1.00 47.95 ? 494  ASP A OD1   1 
ATOM   833  O  OD2   . ASP C 2 52  ? 5.061   -12.449 8.599   1.00 51.37 ? 494  ASP A OD2   1 
ATOM   834  N  N     . PHE C 2 53  ? 2.587   -9.540  5.263   1.00 36.40 ? 495  PHE A N     1 
ATOM   835  C  CA    . PHE C 2 53  ? 1.692   -9.130  4.211   1.00 35.35 ? 495  PHE A CA    1 
ATOM   836  C  C     . PHE C 2 53  ? 2.205   -7.806  3.640   1.00 34.37 ? 495  PHE A C     1 
ATOM   837  O  O     . PHE C 2 53  ? 2.386   -7.673  2.429   1.00 36.75 ? 495  PHE A O     1 
ATOM   838  C  CB    . PHE C 2 53  ? 0.266   -8.965  4.760   1.00 33.76 ? 495  PHE A CB    1 
ATOM   839  C  CG    . PHE C 2 53  ? -0.669  -8.342  3.794   1.00 32.90 ? 495  PHE A CG    1 
ATOM   840  C  CD1   . PHE C 2 53  ? -1.223  -9.090  2.769   1.00 32.60 ? 495  PHE A CD1   1 
ATOM   841  C  CD2   . PHE C 2 53  ? -0.926  -6.975  3.846   1.00 32.62 ? 495  PHE A CD2   1 
ATOM   842  C  CE1   . PHE C 2 53  ? -2.020  -8.472  1.792   1.00 33.54 ? 495  PHE A CE1   1 
ATOM   843  C  CE2   . PHE C 2 53  ? -1.720  -6.346  2.883   1.00 32.97 ? 495  PHE A CE2   1 
ATOM   844  C  CZ    . PHE C 2 53  ? -2.264  -7.091  1.849   1.00 34.09 ? 495  PHE A CZ    1 
ATOM   845  N  N     . ARG C 2 54  ? 2.444   -6.832  4.509   1.00 32.09 ? 496  ARG A N     1 
ATOM   846  C  CA    . ARG C 2 54  ? 2.907   -5.533  4.074   1.00 30.16 ? 496  ARG A CA    1 
ATOM   847  C  C     . ARG C 2 54  ? 4.170   -5.708  3.256   1.00 30.37 ? 496  ARG A C     1 
ATOM   848  O  O     . ARG C 2 54  ? 4.393   -5.000  2.270   1.00 32.59 ? 496  ARG A O     1 
ATOM   849  C  CB    . ARG C 2 54  ? 3.195   -4.623  5.284   1.00 27.55 ? 496  ARG A CB    1 
ATOM   850  C  CG    . ARG C 2 54  ? 3.572   -3.207  4.921   1.00 24.45 ? 496  ARG A CG    1 
ATOM   851  C  CD    . ARG C 2 54  ? 4.072   -2.386  6.138   1.00 24.50 ? 496  ARG A CD    1 
ATOM   852  N  NE    . ARG C 2 54  ? 5.288   -2.974  6.667   1.00 22.05 ? 496  ARG A NE    1 
ATOM   853  C  CZ    . ARG C 2 54  ? 5.460   -3.345  7.925   1.00 21.64 ? 496  ARG A CZ    1 
ATOM   854  N  NH1   . ARG C 2 54  ? 6.612   -3.905  8.289   1.00 18.37 ? 496  ARG A NH1   1 
ATOM   855  N  NH2   . ARG C 2 54  ? 4.488   -3.145  8.820   1.00 20.94 ? 496  ARG A NH2   1 
ATOM   856  N  N     . LYS C 2 55  ? 5.009   -6.652  3.659   1.00 30.72 ? 497  LYS A N     1 
ATOM   857  C  CA    . LYS C 2 55  ? 6.280   -6.882  2.953   1.00 30.51 ? 497  LYS A CA    1 
ATOM   858  C  C     . LYS C 2 55  ? 5.977   -7.494  1.568   1.00 29.66 ? 497  LYS A C     1 
ATOM   859  O  O     . LYS C 2 55  ? 6.522   -7.039  0.550   1.00 29.99 ? 497  LYS A O     1 
ATOM   860  C  CB    . LYS C 2 55  ? 7.195   -7.771  3.811   1.00 31.79 ? 497  LYS A CB    1 
ATOM   861  C  CG    . LYS C 2 55  ? 8.677   -7.628  3.522   1.00 35.23 ? 497  LYS A CG    1 
ATOM   862  C  CD    . LYS C 2 55  ? 9.169   -8.735  2.593   1.00 38.19 ? 497  LYS A CD    1 
ATOM   863  C  CE    . LYS C 2 55  ? 10.442  -9.443  3.138   1.00 41.04 ? 497  LYS A CE    1 
ATOM   864  N  NZ    . LYS C 2 55  ? 10.251  -10.167 4.489   1.00 42.33 ? 497  LYS A NZ    1 
ATOM   865  N  N     . LYS C 2 56  ? 5.111   -8.502  1.522   1.00 27.97 ? 498  LYS A N     1 
ATOM   866  C  CA    . LYS C 2 56  ? 4.722   -9.043  0.232   1.00 30.46 ? 498  LYS A CA    1 
ATOM   867  C  C     . LYS C 2 56  ? 4.023   -7.987  -0.643  1.00 30.72 ? 498  LYS A C     1 
ATOM   868  O  O     . LYS C 2 56  ? 4.385   -7.811  -1.811  1.00 30.79 ? 498  LYS A O     1 
ATOM   869  C  CB    . LYS C 2 56  ? 3.791   -10.214 0.390   1.00 33.33 ? 498  LYS A CB    1 
ATOM   870  C  CG    . LYS C 2 56  ? 4.498   -11.534 0.406   1.00 38.29 ? 498  LYS A CG    1 
ATOM   871  C  CD    . LYS C 2 56  ? 5.094   -11.836 -0.958  1.00 41.89 ? 498  LYS A CD    1 
ATOM   872  C  CE    . LYS C 2 56  ? 6.289   -12.747 -0.769  1.00 45.15 ? 498  LYS A CE    1 
ATOM   873  N  NZ    . LYS C 2 56  ? 7.127   -12.197 0.383   1.00 46.26 ? 498  LYS A NZ    1 
ATOM   874  N  N     . PHE C 2 57  ? 3.045   -7.271  -0.080  1.00 29.98 ? 499  PHE A N     1 
ATOM   875  C  CA    . PHE C 2 57  ? 2.299   -6.270  -0.846  1.00 29.19 ? 499  PHE A CA    1 
ATOM   876  C  C     . PHE C 2 57  ? 3.199   -5.314  -1.639  1.00 29.27 ? 499  PHE A C     1 
ATOM   877  O  O     . PHE C 2 57  ? 3.040   -5.166  -2.847  1.00 27.82 ? 499  PHE A O     1 
ATOM   878  C  CB    . PHE C 2 57  ? 1.397   -5.488  0.091   1.00 28.08 ? 499  PHE A CB    1 
ATOM   879  C  CG    . PHE C 2 57  ? 0.607   -4.397  -0.577  1.00 28.02 ? 499  PHE A CG    1 
ATOM   880  C  CD1   . PHE C 2 57  ? 1.099   -3.102  -0.651  1.00 28.46 ? 499  PHE A CD1   1 
ATOM   881  C  CD2   . PHE C 2 57  ? -0.648  -4.651  -1.099  1.00 27.67 ? 499  PHE A CD2   1 
ATOM   882  C  CE1   . PHE C 2 57  ? 0.339   -2.068  -1.232  1.00 29.06 ? 499  PHE A CE1   1 
ATOM   883  C  CE2   . PHE C 2 57  ? -1.407  -3.637  -1.678  1.00 29.01 ? 499  PHE A CE2   1 
ATOM   884  C  CZ    . PHE C 2 57  ? -0.909  -2.330  -1.744  1.00 29.57 ? 499  PHE A CZ    1 
ATOM   885  N  N     . TRP C 2 58  ? 4.173   -4.708  -0.968  1.00 30.05 ? 500  TRP A N     1 
ATOM   886  C  CA    . TRP C 2 58  ? 5.034   -3.758  -1.634  1.00 31.05 ? 500  TRP A CA    1 
ATOM   887  C  C     . TRP C 2 58  ? 5.928   -4.418  -2.673  1.00 33.38 ? 500  TRP A C     1 
ATOM   888  O  O     . TRP C 2 58  ? 6.373   -3.781  -3.640  1.00 35.17 ? 500  TRP A O     1 
ATOM   889  C  CB    . TRP C 2 58  ? 5.846   -2.991  -0.605  1.00 28.65 ? 500  TRP A CB    1 
ATOM   890  C  CG    . TRP C 2 58  ? 5.033   -2.009  0.164   1.00 28.51 ? 500  TRP A CG    1 
ATOM   891  C  CD1   . TRP C 2 58  ? 4.813   -2.011  1.509   1.00 26.98 ? 500  TRP A CD1   1 
ATOM   892  C  CD2   . TRP C 2 58  ? 4.279   -0.910  -0.365  1.00 26.52 ? 500  TRP A CD2   1 
ATOM   893  N  NE1   . TRP C 2 58  ? 3.973   -0.979  1.851   1.00 27.23 ? 500  TRP A NE1   1 
ATOM   894  C  CE2   . TRP C 2 58  ? 3.628   -0.289  0.724   1.00 27.80 ? 500  TRP A CE2   1 
ATOM   895  C  CE3   . TRP C 2 58  ? 4.098   -0.387  -1.643  1.00 28.17 ? 500  TRP A CE3   1 
ATOM   896  C  CZ2   . TRP C 2 58  ? 2.784   0.829   0.566   1.00 27.50 ? 500  TRP A CZ2   1 
ATOM   897  C  CZ3   . TRP C 2 58  ? 3.250   0.742   -1.811  1.00 27.47 ? 500  TRP A CZ3   1 
ATOM   898  C  CH2   . TRP C 2 58  ? 2.612   1.335   -0.707  1.00 26.35 ? 500  TRP A CH2   1 
ATOM   899  N  N     . GLU C 2 59  ? 6.207   -5.700  -2.484  1.00 34.39 ? 501  GLU A N     1 
ATOM   900  C  CA    . GLU C 2 59  ? 7.009   -6.392  -3.473  1.00 35.13 ? 501  GLU A CA    1 
ATOM   901  C  C     . GLU C 2 59  ? 6.162   -6.550  -4.762  1.00 36.85 ? 501  GLU A C     1 
ATOM   902  O  O     . GLU C 2 59  ? 6.677   -6.402  -5.879  1.00 37.70 ? 501  GLU A O     1 
ATOM   903  C  CB    . GLU C 2 59  ? 7.460   -7.744  -2.922  1.00 32.98 ? 501  GLU A CB    1 
ATOM   904  C  CG    . GLU C 2 59  ? 8.786   -7.620  -2.244  1.00 33.08 ? 501  GLU A CG    1 
ATOM   905  C  CD    . GLU C 2 59  ? 9.120   -8.732  -1.278  1.00 33.44 ? 501  GLU A CD    1 
ATOM   906  O  OE1   . GLU C 2 59  ? 10.196  -8.621  -0.616  1.00 31.00 ? 501  GLU A OE1   1 
ATOM   907  O  OE2   . GLU C 2 59  ? 8.319   -9.694  -1.180  1.00 33.60 ? 501  GLU A OE2   1 
ATOM   908  N  N     . GLU C 2 60  ? 4.861   -6.822  -4.592  1.00 36.50 ? 502  GLU A N     1 
ATOM   909  C  CA    . GLU C 2 60  ? 3.973   -6.996  -5.714  1.00 35.37 ? 502  GLU A CA    1 
ATOM   910  C  C     . GLU C 2 60  ? 3.881   -5.737  -6.503  1.00 34.89 ? 502  GLU A C     1 
ATOM   911  O  O     . GLU C 2 60  ? 3.853   -5.773  -7.735  1.00 37.02 ? 502  GLU A O     1 
ATOM   912  C  CB    . GLU C 2 60  ? 2.578   -7.428  -5.259  1.00 36.36 ? 502  GLU A CB    1 
ATOM   913  C  CG    . GLU C 2 60  ? 2.489   -8.913  -4.994  1.00 39.30 ? 502  GLU A CG    1 
ATOM   914  C  CD    . GLU C 2 60  ? 3.015   -9.763  -6.155  1.00 38.72 ? 502  GLU A CD    1 
ATOM   915  O  OE1   . GLU C 2 60  ? 3.688   -10.791 -5.906  1.00 40.25 ? 502  GLU A OE1   1 
ATOM   916  O  OE2   . GLU C 2 60  ? 2.745   -9.409  -7.315  1.00 41.77 ? 502  GLU A OE2   1 
ATOM   917  N  N     . VAL C 2 61  ? 3.837   -4.615  -5.803  1.00 32.40 ? 503  VAL A N     1 
ATOM   918  C  CA    . VAL C 2 61  ? 3.758   -3.347  -6.477  1.00 31.08 ? 503  VAL A CA    1 
ATOM   919  C  C     . VAL C 2 61  ? 5.020   -3.166  -7.299  1.00 32.71 ? 503  VAL A C     1 
ATOM   920  O  O     . VAL C 2 61  ? 4.964   -2.551  -8.354  1.00 33.65 ? 503  VAL A O     1 
ATOM   921  C  CB    . VAL C 2 61  ? 3.630   -2.213  -5.470  1.00 28.25 ? 503  VAL A CB    1 
ATOM   922  C  CG1   . VAL C 2 61  ? 3.581   -0.908  -6.147  1.00 21.98 ? 503  VAL A CG1   1 
ATOM   923  C  CG2   . VAL C 2 61  ? 2.419   -2.464  -4.616  1.00 28.55 ? 503  VAL A CG2   1 
ATOM   924  N  N     . SER C 2 62  ? 6.154   -3.718  -6.864  1.00 33.32 ? 504  SER A N     1 
ATOM   925  C  CA    . SER C 2 62  ? 7.383   -3.497  -7.665  1.00 35.73 ? 504  SER A CA    1 
ATOM   926  C  C     . SER C 2 62  ? 7.475   -4.389  -8.909  1.00 35.88 ? 504  SER A C     1 
ATOM   927  O  O     . SER C 2 62  ? 8.277   -4.132  -9.795  1.00 35.42 ? 504  SER A O     1 
ATOM   928  C  CB    . SER C 2 62  ? 8.653   -3.688  -6.823  1.00 33.87 ? 504  SER A CB    1 
ATOM   929  O  OG    . SER C 2 62  ? 9.104   -5.021  -6.910  1.00 37.20 ? 504  SER A OG    1 
ATOM   930  N  N     . LYS C 2 63  ? 6.648   -5.423  -8.965  1.00 36.20 ? 505  LYS A N     1 
ATOM   931  C  CA    . LYS C 2 63  ? 6.675   -6.325  -10.095 1.00 38.53 ? 505  LYS A CA    1 
ATOM   932  C  C     . LYS C 2 63  ? 5.544   -6.036  -11.083 1.00 38.82 ? 505  LYS A C     1 
ATOM   933  O  O     . LYS C 2 63  ? 5.426   -6.683  -12.120 1.00 39.61 ? 505  LYS A O     1 
ATOM   934  C  CB    . LYS C 2 63  ? 6.635   -7.763  -9.583  1.00 37.78 ? 505  LYS A CB    1 
ATOM   935  C  CG    . LYS C 2 63  ? 7.668   -7.970  -8.487  1.00 38.69 ? 505  LYS A CG    1 
ATOM   936  C  CD    . LYS C 2 63  ? 7.976   -9.413  -8.206  1.00 38.67 ? 505  LYS A CD    1 
ATOM   937  C  CE    . LYS C 2 63  ? 6.902   -10.100 -7.438  1.00 39.82 ? 505  LYS A CE    1 
ATOM   938  N  NZ    . LYS C 2 63  ? 7.401   -11.475 -7.037  1.00 40.71 ? 505  LYS A NZ    1 
ATOM   939  N  N     . ASP C 2 64  ? 4.714   -5.052  -10.767 1.00 40.04 ? 506  ASP A N     1 
ATOM   940  C  CA    . ASP C 2 64  ? 3.621   -4.696  -11.654 1.00 41.38 ? 506  ASP A CA    1 
ATOM   941  C  C     . ASP C 2 64  ? 4.011   -3.435  -12.402 1.00 41.82 ? 506  ASP A C     1 
ATOM   942  O  O     . ASP C 2 64  ? 3.946   -2.357  -11.872 1.00 41.54 ? 506  ASP A O     1 
ATOM   943  C  CB    . ASP C 2 64  ? 2.345   -4.475  -10.863 1.00 42.62 ? 506  ASP A CB    1 
ATOM   944  C  CG    . ASP C 2 64  ? 1.223   -3.928  -11.717 1.00 43.08 ? 506  ASP A CG    1 
ATOM   945  O  OD1   . ASP C 2 64  ? 1.419   -2.851  -12.299 1.00 45.38 ? 506  ASP A OD1   1 
ATOM   946  O  OD2   . ASP C 2 64  ? 0.150   -4.562  -11.803 1.00 44.44 ? 506  ASP A OD2   1 
ATOM   947  N  N     . PRO C 2 65  ? 4.410   -3.571  -13.670 1.00 43.22 ? 507  PRO A N     1 
ATOM   948  C  CA    . PRO C 2 65  ? 4.843   -2.484  -14.556 1.00 43.54 ? 507  PRO A CA    1 
ATOM   949  C  C     . PRO C 2 65  ? 3.972   -1.212  -14.599 1.00 44.46 ? 507  PRO A C     1 
ATOM   950  O  O     . PRO C 2 65  ? 4.487   -0.093  -14.688 1.00 44.76 ? 507  PRO A O     1 
ATOM   951  C  CB    . PRO C 2 65  ? 4.933   -3.179  -15.916 1.00 43.46 ? 507  PRO A CB    1 
ATOM   952  C  CG    . PRO C 2 65  ? 5.325   -4.606  -15.535 1.00 43.64 ? 507  PRO A CG    1 
ATOM   953  C  CD    . PRO C 2 65  ? 4.385   -4.862  -14.390 1.00 43.44 ? 507  PRO A CD    1 
ATOM   954  N  N     . GLU C 2 66  ? 2.661   -1.383  -14.552 1.00 43.21 ? 508  GLU A N     1 
ATOM   955  C  CA    . GLU C 2 66  ? 1.757   -0.255  -14.595 1.00 43.35 ? 508  GLU A CA    1 
ATOM   956  C  C     . GLU C 2 66  ? 1.865   0.614   -13.334 1.00 42.31 ? 508  GLU A C     1 
ATOM   957  O  O     . GLU C 2 66  ? 1.606   1.832   -13.357 1.00 41.18 ? 508  GLU A O     1 
ATOM   958  C  CB    . GLU C 2 66  ? 0.337   -0.792  -14.739 1.00 47.28 ? 508  GLU A CB    1 
ATOM   959  C  CG    . GLU C 2 66  ? -0.765  0.134   -14.258 1.00 51.60 ? 508  GLU A CG    1 
ATOM   960  C  CD    . GLU C 2 66  ? -0.802  1.415   -15.039 1.00 55.42 ? 508  GLU A CD    1 
ATOM   961  O  OE1   . GLU C 2 66  ? -0.316  1.414   -16.209 1.00 56.28 ? 508  GLU A OE1   1 
ATOM   962  O  OE2   . GLU C 2 66  ? -1.327  2.413   -14.486 1.00 57.38 ? 508  GLU A OE2   1 
ATOM   963  N  N     . LEU C 2 67  ? 2.221   -0.031  -12.228 1.00 39.15 ? 509  LEU A N     1 
ATOM   964  C  CA    . LEU C 2 67  ? 2.368   0.637   -10.947 1.00 37.07 ? 509  LEU A CA    1 
ATOM   965  C  C     . LEU C 2 67  ? 3.828   1.106   -10.695 1.00 35.47 ? 509  LEU A C     1 
ATOM   966  O  O     . LEU C 2 67  ? 4.056   2.230   -10.284 1.00 33.12 ? 509  LEU A O     1 
ATOM   967  C  CB    . LEU C 2 67  ? 1.914   -0.303  -9.826  1.00 35.16 ? 509  LEU A CB    1 
ATOM   968  C  CG    . LEU C 2 67  ? 0.454   -0.274  -9.364  1.00 36.83 ? 509  LEU A CG    1 
ATOM   969  C  CD1   . LEU C 2 67  ? -0.360  0.819   -10.059 1.00 35.11 ? 509  LEU A CD1   1 
ATOM   970  C  CD2   . LEU C 2 67  ? -0.138  -1.621  -9.604  1.00 36.84 ? 509  LEU A CD2   1 
ATOM   971  N  N     . SER C 2 68  ? 4.792   0.236   -10.961 1.00 34.33 ? 510  SER A N     1 
ATOM   972  C  CA    . SER C 2 68  ? 6.179   0.558   -10.743 1.00 35.50 ? 510  SER A CA    1 
ATOM   973  C  C     . SER C 2 68  ? 6.583   1.893   -11.387 1.00 36.48 ? 510  SER A C     1 
ATOM   974  O  O     . SER C 2 68  ? 7.377   2.667   -10.808 1.00 36.48 ? 510  SER A O     1 
ATOM   975  C  CB    . SER C 2 68  ? 7.091   -0.574  -11.242 1.00 35.14 ? 510  SER A CB    1 
ATOM   976  O  OG    . SER C 2 68  ? 7.622   -0.320  -12.536 1.00 37.15 ? 510  SER A OG    1 
ATOM   977  N  N     . LYS C 2 69  ? 6.019   2.208   -12.550 1.00 36.43 ? 511  LYS A N     1 
ATOM   978  C  CA    . LYS C 2 69  ? 6.411   3.444   -13.199 1.00 36.31 ? 511  LYS A CA    1 
ATOM   979  C  C     . LYS C 2 69  ? 5.913   4.721   -12.521 1.00 35.61 ? 511  LYS A C     1 
ATOM   980  O  O     . LYS C 2 69  ? 6.372   5.831   -12.846 1.00 35.19 ? 511  LYS A O     1 
ATOM   981  C  CB    . LYS C 2 69  ? 6.033   3.406   -14.696 1.00 38.53 ? 511  LYS A CB    1 
ATOM   982  C  CG    . LYS C 2 69  ? 4.668   2.838   -15.039 1.00 40.56 ? 511  LYS A CG    1 
ATOM   983  C  CD    . LYS C 2 69  ? 4.398   2.866   -16.579 1.00 41.57 ? 511  LYS A CD    1 
ATOM   984  C  CE    . LYS C 2 69  ? 5.486   2.069   -17.384 1.00 42.63 ? 511  LYS A CE    1 
ATOM   985  N  NZ    . LYS C 2 69  ? 5.207   1.761   -18.851 1.00 41.91 ? 511  LYS A NZ    1 
ATOM   986  N  N     . GLN C 2 70  ? 4.992   4.576   -11.570 1.00 34.69 ? 512  GLN A N     1 
ATOM   987  C  CA    . GLN C 2 70  ? 4.472   5.736   -10.839 1.00 34.41 ? 512  GLN A CA    1 
ATOM   988  C  C     . GLN C 2 70  ? 5.400   6.034   -9.679  1.00 34.20 ? 512  GLN A C     1 
ATOM   989  O  O     . GLN C 2 70  ? 5.082   6.866   -8.839  1.00 37.35 ? 512  GLN A O     1 
ATOM   990  C  CB    . GLN C 2 70  ? 3.046   5.477   -10.303 1.00 34.25 ? 512  GLN A CB    1 
ATOM   991  C  CG    . GLN C 2 70  ? 2.005   5.277   -11.380 1.00 32.84 ? 512  GLN A CG    1 
ATOM   992  C  CD    . GLN C 2 70  ? 0.670   4.799   -10.851 1.00 34.01 ? 512  GLN A CD    1 
ATOM   993  O  OE1   . GLN C 2 70  ? 0.207   3.740   -11.260 1.00 36.98 ? 512  GLN A OE1   1 
ATOM   994  N  NE2   . GLN C 2 70  ? 0.029   5.572   -9.954  1.00 31.67 ? 512  GLN A NE2   1 
ATOM   995  N  N     . PHE C 2 71  ? 6.544   5.356   -9.625  1.00 31.68 ? 513  PHE A N     1 
ATOM   996  C  CA    . PHE C 2 71  ? 7.510   5.587   -8.554  1.00 29.92 ? 513  PHE A CA    1 
ATOM   997  C  C     . PHE C 2 71  ? 8.914   5.809   -9.103  1.00 29.33 ? 513  PHE A C     1 
ATOM   998  O  O     . PHE C 2 71  ? 9.247   5.360   -10.222 1.00 29.62 ? 513  PHE A O     1 
ATOM   999  C  CB    . PHE C 2 71  ? 7.522   4.403   -7.579  1.00 27.17 ? 513  PHE A CB    1 
ATOM   1000 C  CG    . PHE C 2 71  ? 6.208   4.192   -6.865  1.00 27.29 ? 513  PHE A CG    1 
ATOM   1001 C  CD1   . PHE C 2 71  ? 5.924   4.869   -5.682  1.00 24.26 ? 513  PHE A CD1   1 
ATOM   1002 C  CD2   . PHE C 2 71  ? 5.263   3.281   -7.358  1.00 25.91 ? 513  PHE A CD2   1 
ATOM   1003 C  CE1   . PHE C 2 71  ? 4.708   4.639   -4.989  1.00 22.32 ? 513  PHE A CE1   1 
ATOM   1004 C  CE2   . PHE C 2 71  ? 4.054   3.048   -6.673  1.00 26.17 ? 513  PHE A CE2   1 
ATOM   1005 C  CZ    . PHE C 2 71  ? 3.776   3.730   -5.483  1.00 22.56 ? 513  PHE A CZ    1 
ATOM   1006 N  N     . SER C 2 72  ? 9.733   6.502   -8.318  1.00 27.23 ? 514  SER A N     1 
ATOM   1007 C  CA    . SER C 2 72  ? 11.115  6.797   -8.687  1.00 28.35 ? 514  SER A CA    1 
ATOM   1008 C  C     . SER C 2 72  ? 11.987  5.564   -8.565  1.00 27.96 ? 514  SER A C     1 
ATOM   1009 O  O     . SER C 2 72  ? 11.572  4.559   -8.002  1.00 28.05 ? 514  SER A O     1 
ATOM   1010 C  CB    . SER C 2 72  ? 11.686  7.853   -7.743  1.00 30.96 ? 514  SER A CB    1 
ATOM   1011 O  OG    . SER C 2 72  ? 11.523  7.432   -6.394  1.00 33.55 ? 514  SER A OG    1 
ATOM   1012 N  N     . ARG C 2 73  ? 13.194  5.645   -9.096  1.00 28.44 ? 515  ARG A N     1 
ATOM   1013 C  CA    . ARG C 2 73  ? 14.143  4.538   -8.991  1.00 30.52 ? 515  ARG A CA    1 
ATOM   1014 C  C     . ARG C 2 73  ? 14.340  4.185   -7.515  1.00 29.69 ? 515  ARG A C     1 
ATOM   1015 O  O     . ARG C 2 73  ? 14.274  3.009   -7.126  1.00 30.01 ? 515  ARG A O     1 
ATOM   1016 C  CB    . ARG C 2 73  ? 15.502  4.929   -9.585  1.00 33.15 ? 515  ARG A CB    1 
ATOM   1017 C  CG    . ARG C 2 73  ? 16.607  3.955   -9.256  1.00 36.81 ? 515  ARG A CG    1 
ATOM   1018 C  CD    . ARG C 2 73  ? 16.519  2.755   -10.147 1.00 41.72 ? 515  ARG A CD    1 
ATOM   1019 N  NE    . ARG C 2 73  ? 17.297  1.604   -9.656  1.00 47.30 ? 515  ARG A NE    1 
ATOM   1020 C  CZ    . ARG C 2 73  ? 18.615  1.584   -9.440  1.00 48.59 ? 515  ARG A CZ    1 
ATOM   1021 N  NH1   . ARG C 2 73  ? 19.369  2.660   -9.664  1.00 48.66 ? 515  ARG A NH1   1 
ATOM   1022 N  NH2   . ARG C 2 73  ? 19.172  0.479   -8.974  1.00 49.36 ? 515  ARG A NH2   1 
ATOM   1023 N  N     . ASN C 2 74  ? 14.584  5.197   -6.692  1.00 28.76 ? 516  ASN A N     1 
ATOM   1024 C  CA    . ASN C 2 74  ? 14.776  4.945   -5.264  1.00 29.35 ? 516  ASN A CA    1 
ATOM   1025 C  C     . ASN C 2 74  ? 13.604  4.151   -4.655  1.00 28.04 ? 516  ASN A C     1 
ATOM   1026 O  O     . ASN C 2 74  ? 13.809  3.109   -4.014  1.00 27.57 ? 516  ASN A O     1 
ATOM   1027 C  CB    . ASN C 2 74  ? 14.997  6.270   -4.523  1.00 29.40 ? 516  ASN A CB    1 
ATOM   1028 C  CG    . ASN C 2 74  ? 15.347  6.074   -3.055  1.00 31.19 ? 516  ASN A CG    1 
ATOM   1029 O  OD1   . ASN C 2 74  ? 16.389  6.535   -2.594  1.00 32.55 ? 516  ASN A OD1   1 
ATOM   1030 N  ND2   . ASN C 2 74  ? 14.477  5.394   -2.312  1.00 30.62 ? 516  ASN A ND2   1 
ATOM   1031 N  N     . ASN C 2 75  ? 12.376  4.596   -4.895  1.00 28.09 ? 517  ASN A N     1 
ATOM   1032 C  CA    . ASN C 2 75  ? 11.222  3.892   -4.333  1.00 28.21 ? 517  ASN A CA    1 
ATOM   1033 C  C     . ASN C 2 75  ? 11.023  2.457   -4.819  1.00 28.94 ? 517  ASN A C     1 
ATOM   1034 O  O     . ASN C 2 75  ? 10.588  1.579   -4.041  1.00 31.17 ? 517  ASN A O     1 
ATOM   1035 C  CB    . ASN C 2 75  ? 9.937   4.687   -4.577  1.00 27.33 ? 517  ASN A CB    1 
ATOM   1036 C  CG    . ASN C 2 75  ? 9.704   5.749   -3.523  1.00 29.03 ? 517  ASN A CG    1 
ATOM   1037 O  OD1   . ASN C 2 75  ? 10.136  5.581   -2.369  1.00 26.87 ? 517  ASN A OD1   1 
ATOM   1038 N  ND2   . ASN C 2 75  ? 9.019   6.842   -3.897  1.00 25.17 ? 517  ASN A ND2   1 
ATOM   1039 N  N     . ASN C 2 76  ? 11.308  2.196   -6.088  1.00 28.06 ? 518  ASN A N     1 
ATOM   1040 C  CA    . ASN C 2 76  ? 11.147  0.827   -6.594  1.00 29.75 ? 518  ASN A CA    1 
ATOM   1041 C  C     . ASN C 2 76  ? 12.196  -0.040  -5.905  1.00 28.75 ? 518  ASN A C     1 
ATOM   1042 O  O     . ASN C 2 76  ? 11.965  -1.220  -5.660  1.00 30.41 ? 518  ASN A O     1 
ATOM   1043 C  CB    . ASN C 2 76  ? 11.366  0.712   -8.125  1.00 29.05 ? 518  ASN A CB    1 
ATOM   1044 C  CG    . ASN C 2 76  ? 10.229  1.255   -8.915  1.00 29.50 ? 518  ASN A CG    1 
ATOM   1045 O  OD1   . ASN C 2 76  ? 10.241  2.429   -9.336  1.00 28.02 ? 518  ASN A OD1   1 
ATOM   1046 N  ND2   . ASN C 2 76  ? 9.211   0.419   -9.126  1.00 26.88 ? 518  ASN A ND2   1 
ATOM   1047 N  N     . ASP C 2 77  ? 13.372  0.518   -5.642  1.00 27.80 ? 519  ASP A N     1 
ATOM   1048 C  CA    . ASP C 2 77  ? 14.361  -0.300  -4.963  1.00 28.43 ? 519  ASP A CA    1 
ATOM   1049 C  C     . ASP C 2 77  ? 13.775  -0.660  -3.595  1.00 26.64 ? 519  ASP A C     1 
ATOM   1050 O  O     . ASP C 2 77  ? 13.811  -1.815  -3.195  1.00 28.04 ? 519  ASP A O     1 
ATOM   1051 C  CB    . ASP C 2 77  ? 15.680  0.437   -4.778  1.00 30.93 ? 519  ASP A CB    1 
ATOM   1052 C  CG    . ASP C 2 77  ? 16.510  0.514   -6.055  1.00 32.77 ? 519  ASP A CG    1 
ATOM   1053 O  OD1   . ASP C 2 77  ? 17.530  1.217   -6.023  1.00 35.90 ? 519  ASP A OD1   1 
ATOM   1054 O  OD2   . ASP C 2 77  ? 16.174  -0.109  -7.080  1.00 34.29 ? 519  ASP A OD2   1 
ATOM   1055 N  N     . ARG C 2 78  ? 13.191  0.324   -2.911  1.00 23.65 ? 520  ARG A N     1 
ATOM   1056 C  CA    . ARG C 2 78  ? 12.618  0.078   -1.605  1.00 22.50 ? 520  ARG A CA    1 
ATOM   1057 C  C     . ARG C 2 78  ? 11.607  -1.030  -1.651  1.00 22.87 ? 520  ARG A C     1 
ATOM   1058 O  O     . ARG C 2 78  ? 11.624  -1.948  -0.827  1.00 20.18 ? 520  ARG A O     1 
ATOM   1059 C  CB    . ARG C 2 78  ? 11.941  1.338   -1.042  1.00 21.22 ? 520  ARG A CB    1 
ATOM   1060 C  CG    . ARG C 2 78  ? 12.892  2.401   -0.581  1.00 19.81 ? 520  ARG A CG    1 
ATOM   1061 C  CD    . ARG C 2 78  ? 12.171  3.627   -0.118  1.00 25.27 ? 520  ARG A CD    1 
ATOM   1062 N  NE    . ARG C 2 78  ? 12.321  3.843   1.315   1.00 31.91 ? 520  ARG A NE    1 
ATOM   1063 C  CZ    . ARG C 2 78  ? 11.680  3.132   2.224   1.00 33.26 ? 520  ARG A CZ    1 
ATOM   1064 N  NH1   . ARG C 2 78  ? 11.826  3.343   3.518   1.00 34.26 ? 520  ARG A NH1   1 
ATOM   1065 N  NH2   . ARG C 2 78  ? 10.859  2.202   1.820   1.00 38.58 ? 520  ARG A NH2   1 
ATOM   1066 N  N     . MET C 2 79  ? 10.702  -0.941  -2.623  1.00 24.10 ? 521  MET A N     1 
ATOM   1067 C  CA    . MET C 2 79  ? 9.649   -1.947  -2.711  1.00 26.22 ? 521  MET A CA    1 
ATOM   1068 C  C     . MET C 2 79  ? 10.125  -3.353  -3.113  1.00 28.00 ? 521  MET A C     1 
ATOM   1069 O  O     . MET C 2 79  ? 9.469   -4.352  -2.770  1.00 27.39 ? 521  MET A O     1 
ATOM   1070 C  CB    . MET C 2 79  ? 8.506   -1.455  -3.635  1.00 24.95 ? 521  MET A CB    1 
ATOM   1071 C  CG    . MET C 2 79  ? 7.906   -0.143  -3.199  1.00 23.18 ? 521  MET A CG    1 
ATOM   1072 S  SD    . MET C 2 79  ? 6.593   0.569   -4.289  1.00 25.46 ? 521  MET A SD    1 
ATOM   1073 C  CE    . MET C 2 79  ? 7.498   0.904   -5.836  1.00 22.48 ? 521  MET A CE    1 
ATOM   1074 N  N     . LYS C 2 80  ? 11.251  -3.445  -3.830  1.00 30.02 ? 522  LYS A N     1 
ATOM   1075 C  CA    . LYS C 2 80  ? 11.758  -4.771  -4.221  1.00 32.01 ? 522  LYS A CA    1 
ATOM   1076 C  C     . LYS C 2 80  ? 12.099  -5.559  -2.964  1.00 31.06 ? 522  LYS A C     1 
ATOM   1077 O  O     . LYS C 2 80  ? 11.942  -6.772  -2.925  1.00 30.72 ? 522  LYS A O     1 
ATOM   1078 C  CB    . LYS C 2 80  ? 13.020  -4.673  -5.094  1.00 35.05 ? 522  LYS A CB    1 
ATOM   1079 C  CG    . LYS C 2 80  ? 12.789  -4.132  -6.485  1.00 37.52 ? 522  LYS A CG    1 
ATOM   1080 C  CD    . LYS C 2 80  ? 14.004  -4.353  -7.375  1.00 38.69 ? 522  LYS A CD    1 
ATOM   1081 C  CE    . LYS C 2 80  ? 13.752  -3.764  -8.772  1.00 40.22 ? 522  LYS A CE    1 
ATOM   1082 N  NZ    . LYS C 2 80  ? 13.899  -2.238  -8.757  1.00 44.04 ? 522  LYS A NZ    1 
ATOM   1083 N  N     . VAL C 2 81  ? 12.584  -4.870  -1.943  1.00 30.61 ? 523  VAL A N     1 
ATOM   1084 C  CA    . VAL C 2 81  ? 12.911  -5.553  -0.706  1.00 30.65 ? 523  VAL A CA    1 
ATOM   1085 C  C     . VAL C 2 81  ? 11.847  -5.367  0.383   1.00 32.03 ? 523  VAL A C     1 
ATOM   1086 O  O     . VAL C 2 81  ? 12.120  -5.540  1.567   1.00 32.41 ? 523  VAL A O     1 
ATOM   1087 C  CB    . VAL C 2 81  ? 14.311  -5.144  -0.179  1.00 30.44 ? 523  VAL A CB    1 
ATOM   1088 C  CG1   . VAL C 2 81  ? 15.375  -5.435  -1.260  1.00 31.28 ? 523  VAL A CG1   1 
ATOM   1089 C  CG2   . VAL C 2 81  ? 14.356  -3.683  0.201   1.00 28.42 ? 523  VAL A CG2   1 
ATOM   1090 N  N     . GLY C 2 82  ? 10.621  -5.029  -0.017  1.00 32.89 ? 524  GLY A N     1 
ATOM   1091 C  CA    . GLY C 2 82  ? 9.538   -4.892  0.959   1.00 31.55 ? 524  GLY A CA    1 
ATOM   1092 C  C     . GLY C 2 82  ? 9.411   -3.600  1.775   1.00 31.11 ? 524  GLY A C     1 
ATOM   1093 O  O     . GLY C 2 82  ? 8.668   -3.554  2.733   1.00 31.27 ? 524  GLY A O     1 
ATOM   1094 N  N     . LYS C 2 83  ? 10.123  -2.544  1.432   1.00 29.88 ? 525  LYS A N     1 
ATOM   1095 C  CA    . LYS C 2 83  ? 9.963   -1.332  2.208   1.00 28.31 ? 525  LYS A CA    1 
ATOM   1096 C  C     . LYS C 2 83  ? 8.914   -0.472  1.536   1.00 27.96 ? 525  LYS A C     1 
ATOM   1097 O  O     . LYS C 2 83  ? 8.741   -0.533  0.342   1.00 28.11 ? 525  LYS A O     1 
ATOM   1098 C  CB    . LYS C 2 83  ? 11.273  -0.576  2.290   1.00 28.97 ? 525  LYS A CB    1 
ATOM   1099 C  CG    . LYS C 2 83  ? 12.407  -1.461  2.763   1.00 33.07 ? 525  LYS A CG    1 
ATOM   1100 C  CD    . LYS C 2 83  ? 13.550  -0.705  3.330   1.00 33.39 ? 525  LYS A CD    1 
ATOM   1101 C  CE    . LYS C 2 83  ? 14.718  -1.624  3.381   1.00 34.65 ? 525  LYS A CE    1 
ATOM   1102 N  NZ    . LYS C 2 83  ? 15.760  -1.002  4.207   1.00 36.55 ? 525  LYS A NZ    1 
ATOM   1103 N  N     . ALA C 2 84  ? 8.228   0.346   2.307   1.00 25.77 ? 526  ALA A N     1 
ATOM   1104 C  CA    . ALA C 2 84  ? 7.210   1.199   1.765   1.00 25.30 ? 526  ALA A CA    1 
ATOM   1105 C  C     . ALA C 2 84  ? 7.831   2.425   1.101   1.00 23.33 ? 526  ALA A C     1 
ATOM   1106 O  O     . ALA C 2 84  ? 8.684   3.063   1.677   1.00 25.05 ? 526  ALA A O     1 
ATOM   1107 C  CB    . ALA C 2 84  ? 6.249   1.651   2.902   1.00 24.20 ? 526  ALA A CB    1 
ATOM   1108 N  N     . PRO C 2 85  ? 7.373   2.794   -0.092  1.00 21.52 ? 527  PRO A N     1 
ATOM   1109 C  CA    . PRO C 2 85  ? 7.927   3.977   -0.772  1.00 21.54 ? 527  PRO A CA    1 
ATOM   1110 C  C     . PRO C 2 85  ? 7.725   5.294   -0.023  1.00 21.65 ? 527  PRO A C     1 
ATOM   1111 O  O     . PRO C 2 85  ? 6.718   5.522   0.655   1.00 23.04 ? 527  PRO A O     1 
ATOM   1112 C  CB    . PRO C 2 85  ? 7.206   3.987   -2.102  1.00 22.10 ? 527  PRO A CB    1 
ATOM   1113 C  CG    . PRO C 2 85  ? 5.862   3.378   -1.769  1.00 23.80 ? 527  PRO A CG    1 
ATOM   1114 C  CD    . PRO C 2 85  ? 6.246   2.206   -0.836  1.00 21.89 ? 527  PRO A CD    1 
ATOM   1115 N  N     . LYS C 2 86  ? 8.697   6.179   -0.145  1.00 22.49 ? 528  LYS A N     1 
ATOM   1116 C  CA    . LYS C 2 86  ? 8.613   7.476   0.513   1.00 24.06 ? 528  LYS A CA    1 
ATOM   1117 C  C     . LYS C 2 86  ? 7.471   8.309   -0.069  1.00 23.91 ? 528  LYS A C     1 
ATOM   1118 O  O     . LYS C 2 86  ? 7.145   8.159   -1.231  1.00 21.49 ? 528  LYS A O     1 
ATOM   1119 C  CB    . LYS C 2 86  ? 9.939   8.208   0.337   1.00 23.68 ? 528  LYS A CB    1 
ATOM   1120 C  CG    . LYS C 2 86  ? 11.088  7.490   0.989   1.00 27.85 ? 528  LYS A CG    1 
ATOM   1121 C  CD    . LYS C 2 86  ? 11.027  7.668   2.475   1.00 28.25 ? 528  LYS A CD    1 
ATOM   1122 C  CE    . LYS C 2 86  ? 12.125  6.936   3.139   1.00 30.34 ? 528  LYS A CE    1 
ATOM   1123 N  NZ    . LYS C 2 86  ? 11.930  7.063   4.614   1.00 30.57 ? 528  LYS A NZ    1 
ATOM   1124 N  N     . THR C 2 87  ? 6.858   9.172   0.739   1.00 24.92 ? 529  THR A N     1 
ATOM   1125 C  CA    . THR C 2 87  ? 5.787   10.020  0.239   1.00 24.20 ? 529  THR A CA    1 
ATOM   1126 C  C     . THR C 2 87  ? 6.458   11.325  -0.070  1.00 25.77 ? 529  THR A C     1 
ATOM   1127 O  O     . THR C 2 87  ? 7.610   11.534  0.335   1.00 25.37 ? 529  THR A O     1 
ATOM   1128 C  CB    . THR C 2 87  ? 4.756   10.390  1.286   1.00 24.51 ? 529  THR A CB    1 
ATOM   1129 O  OG1   . THR C 2 87  ? 5.430   11.009  2.394   1.00 24.62 ? 529  THR A OG1   1 
ATOM   1130 C  CG2   . THR C 2 87  ? 3.927   9.175   1.718   1.00 22.04 ? 529  THR A CG2   1 
ATOM   1131 N  N     . ARG C 2 88  ? 5.749   12.193  -0.794  1.00 27.74 ? 530  ARG A N     1 
ATOM   1132 C  CA    . ARG C 2 88  ? 6.265   13.532  -1.085  1.00 32.39 ? 530  ARG A CA    1 
ATOM   1133 C  C     . ARG C 2 88  ? 6.434   14.176  0.289   1.00 34.29 ? 530  ARG A C     1 
ATOM   1134 O  O     . ARG C 2 88  ? 5.601   14.000  1.186   1.00 33.18 ? 530  ARG A O     1 
ATOM   1135 C  CB    . ARG C 2 88  ? 5.263   14.376  -1.889  1.00 34.38 ? 530  ARG A CB    1 
ATOM   1136 C  CG    . ARG C 2 88  ? 5.197   14.084  -3.400  1.00 36.47 ? 530  ARG A CG    1 
ATOM   1137 C  CD    . ARG C 2 88  ? 4.084   14.919  -4.043  1.00 36.71 ? 530  ARG A CD    1 
ATOM   1138 N  NE    . ARG C 2 88  ? 2.817   14.691  -3.361  1.00 38.70 ? 530  ARG A NE    1 
ATOM   1139 C  CZ    . ARG C 2 88  ? 1.663   15.320  -3.600  1.00 38.96 ? 530  ARG A CZ    1 
ATOM   1140 N  NH1   . ARG C 2 88  ? 1.543   16.269  -4.546  1.00 37.46 ? 530  ARG A NH1   1 
ATOM   1141 N  NH2   . ARG C 2 88  ? 0.617   15.000  -2.846  1.00 35.71 ? 530  ARG A NH2   1 
ATOM   1142 N  N     . THR C 2 89  ? 7.501   14.940  0.442   1.00 36.35 ? 531  THR A N     1 
ATOM   1143 C  CA    . THR C 2 89  ? 7.785   15.569  1.714   1.00 38.16 ? 531  THR A CA    1 
ATOM   1144 C  C     . THR C 2 89  ? 6.589   16.253  2.385   1.00 39.27 ? 531  THR A C     1 
ATOM   1145 O  O     . THR C 2 89  ? 6.435   16.180  3.602   1.00 40.71 ? 531  THR A O     1 
ATOM   1146 C  CB    . THR C 2 89  ? 8.986   16.513  1.538   1.00 39.33 ? 531  THR A CB    1 
ATOM   1147 O  OG1   . THR C 2 89  ? 10.153  15.715  1.246   1.00 40.94 ? 531  THR A OG1   1 
ATOM   1148 C  CG2   . THR C 2 89  ? 9.241   17.307  2.785   1.00 39.10 ? 531  THR A CG2   1 
ATOM   1149 N  N     . GLN C 2 90  ? 5.710   16.879  1.611   1.00 40.72 ? 532  GLN A N     1 
ATOM   1150 C  CA    . GLN C 2 90  ? 4.549   17.561  2.194   1.00 40.91 ? 532  GLN A CA    1 
ATOM   1151 C  C     . GLN C 2 90  ? 3.565   16.603  2.900   1.00 41.22 ? 532  GLN A C     1 
ATOM   1152 O  O     . GLN C 2 90  ? 2.690   17.025  3.688   1.00 41.20 ? 532  GLN A O     1 
ATOM   1153 C  CB    . GLN C 2 90  ? 3.804   18.305  1.096   1.00 42.63 ? 532  GLN A CB    1 
ATOM   1154 C  CG    . GLN C 2 90  ? 3.424   17.429  -0.069  1.00 42.94 ? 532  GLN A CG    1 
ATOM   1155 C  CD    . GLN C 2 90  ? 2.555   18.151  -1.053  1.00 45.29 ? 532  GLN A CD    1 
ATOM   1156 O  OE1   . GLN C 2 90  ? 1.329   18.229  -0.887  1.00 45.60 ? 532  GLN A OE1   1 
ATOM   1157 N  NE2   . GLN C 2 90  ? 3.184   18.717  -2.087  1.00 45.25 ? 532  GLN A NE2   1 
ATOM   1158 N  N     . ASP C 2 91  ? 3.692   15.310  2.617   1.00 39.03 ? 533  ASP A N     1 
ATOM   1159 C  CA    . ASP C 2 91  ? 2.782   14.352  3.225   1.00 37.32 ? 533  ASP A CA    1 
ATOM   1160 C  C     . ASP C 2 91  ? 3.324   13.536  4.388   1.00 35.39 ? 533  ASP A C     1 
ATOM   1161 O  O     . ASP C 2 91  ? 2.627   12.642  4.869   1.00 36.84 ? 533  ASP A O     1 
ATOM   1162 C  CB    . ASP C 2 91  ? 2.247   13.405  2.156   1.00 36.34 ? 533  ASP A CB    1 
ATOM   1163 C  CG    . ASP C 2 91  ? 1.417   14.117  1.150   1.00 36.72 ? 533  ASP A CG    1 
ATOM   1164 O  OD1   . ASP C 2 91  ? 1.539   13.769  -0.056  1.00 36.67 ? 533  ASP A OD1   1 
ATOM   1165 O  OD2   . ASP C 2 91  ? 0.642   15.015  1.583   1.00 36.06 ? 533  ASP A OD2   1 
ATOM   1166 N  N     . VAL C 2 92  ? 4.548   13.815  4.824   1.00 32.48 ? 534  VAL A N     1 
ATOM   1167 C  CA    . VAL C 2 92  ? 5.118   13.065  5.931   1.00 32.15 ? 534  VAL A CA    1 
ATOM   1168 C  C     . VAL C 2 92  ? 4.556   13.539  7.242   1.00 30.54 ? 534  VAL A C     1 
ATOM   1169 O  O     . VAL C 2 92  ? 3.835   14.514  7.318   1.00 29.37 ? 534  VAL A O     1 
ATOM   1170 C  CB    . VAL C 2 92  ? 6.623   13.233  6.063   1.00 34.60 ? 534  VAL A CB    1 
ATOM   1171 C  CG1   . VAL C 2 92  ? 7.310   12.780  4.797   1.00 34.64 ? 534  VAL A CG1   1 
ATOM   1172 C  CG2   . VAL C 2 92  ? 6.967   14.737  6.402   1.00 33.53 ? 534  VAL A CG2   1 
ATOM   1173 N  N     . SER C 2 93  ? 4.899   12.824  8.289   1.00 31.42 ? 535  SER A N     1 
ATOM   1174 C  CA    . SER C 2 93  ? 4.440   13.202  9.619   1.00 32.45 ? 535  SER A CA    1 
ATOM   1175 C  C     . SER C 2 93  ? 5.579   12.899  10.534  1.00 31.04 ? 535  SER A C     1 
ATOM   1176 O  O     . SER C 2 93  ? 5.762   11.747  10.896  1.00 33.57 ? 535  SER A O     1 
ATOM   1177 C  CB    . SER C 2 93  ? 3.223   12.363  10.035  1.00 33.76 ? 535  SER A CB    1 
ATOM   1178 O  OG    . SER C 2 93  ? 2.875   12.698  11.358  1.00 34.87 ? 535  SER A OG    1 
ATOM   1179 N  N     . GLY C 2 94  ? 6.353   13.895  10.920  1.00 30.38 ? 536  GLY A N     1 
ATOM   1180 C  CA    . GLY C 2 94  ? 7.464   13.574  11.800  1.00 30.06 ? 536  GLY A CA    1 
ATOM   1181 C  C     . GLY C 2 94  ? 8.324   12.530  11.110  1.00 32.24 ? 536  GLY A C     1 
ATOM   1182 O  O     . GLY C 2 94  ? 8.535   12.651  9.894   1.00 33.59 ? 536  GLY A O     1 
ATOM   1183 N  N     . LYS C 2 95  ? 8.780   11.497  11.832  1.00 31.66 ? 537  LYS A N     1 
ATOM   1184 C  CA    . LYS C 2 95  ? 9.650   10.478  11.257  1.00 31.33 ? 537  LYS A CA    1 
ATOM   1185 C  C     . LYS C 2 95  ? 8.956   9.377   10.481  1.00 29.59 ? 537  LYS A C     1 
ATOM   1186 O  O     . LYS C 2 95  ? 9.591   8.460   9.992   1.00 29.48 ? 537  LYS A O     1 
ATOM   1187 C  CB    . LYS C 2 95  ? 10.539  9.870   12.358  1.00 33.50 ? 537  LYS A CB    1 
ATOM   1188 C  CG    . LYS C 2 95  ? 11.761  10.740  12.721  1.00 37.20 ? 537  LYS A CG    1 
ATOM   1189 C  CD    . LYS C 2 95  ? 12.352  10.392  14.109  1.00 39.36 ? 537  LYS A CD    1 
ATOM   1190 C  CE    . LYS C 2 95  ? 13.795  10.924  14.299  1.00 41.35 ? 537  LYS A CE    1 
ATOM   1191 N  NZ    . LYS C 2 95  ? 13.926  12.428  14.246  1.00 42.05 ? 537  LYS A NZ    1 
ATOM   1192 N  N     . ARG C 2 96  ? 7.643   9.413   10.396  1.00 27.96 ? 538  ARG A N     1 
ATOM   1193 C  CA    . ARG C 2 96  ? 6.967   8.388   9.599   1.00 26.76 ? 538  ARG A CA    1 
ATOM   1194 C  C     . ARG C 2 96  ? 6.883   9.070   8.246   1.00 25.48 ? 538  ARG A C     1 
ATOM   1195 O  O     . ARG C 2 96  ? 6.046   9.953   8.061   1.00 28.39 ? 538  ARG A O     1 
ATOM   1196 C  CB    . ARG C 2 96  ? 5.570   8.111   10.133  1.00 28.02 ? 538  ARG A CB    1 
ATOM   1197 C  CG    . ARG C 2 96  ? 5.582   7.455   11.480  1.00 30.86 ? 538  ARG A CG    1 
ATOM   1198 C  CD    . ARG C 2 96  ? 4.303   7.720   12.187  1.00 33.45 ? 538  ARG A CD    1 
ATOM   1199 N  NE    . ARG C 2 96  ? 3.197   6.963   11.629  1.00 37.34 ? 538  ARG A NE    1 
ATOM   1200 C  CZ    . ARG C 2 96  ? 1.991   6.909   12.200  1.00 38.17 ? 538  ARG A CZ    1 
ATOM   1201 N  NH1   . ARG C 2 96  ? 1.789   7.585   13.321  1.00 37.04 ? 538  ARG A NH1   1 
ATOM   1202 N  NH2   . ARG C 2 96  ? 1.016   6.147   11.688  1.00 35.05 ? 538  ARG A NH2   1 
ATOM   1203 N  N     . THR C 2 97  ? 7.737   8.657   7.318   1.00 22.69 ? 539  THR A N     1 
ATOM   1204 C  CA    . THR C 2 97  ? 7.830   9.262   6.011   1.00 22.24 ? 539  THR A CA    1 
ATOM   1205 C  C     . THR C 2 97  ? 7.503   8.395   4.821   1.00 23.02 ? 539  THR A C     1 
ATOM   1206 O  O     . THR C 2 97  ? 7.892   8.713   3.715   1.00 23.56 ? 539  THR A O     1 
ATOM   1207 C  CB    . THR C 2 97  ? 9.206   9.743   5.803   1.00 22.50 ? 539  THR A CB    1 
ATOM   1208 O  OG1   . THR C 2 97  ? 10.089  8.629   5.966   1.00 23.94 ? 539  THR A OG1   1 
ATOM   1209 C  CG2   . THR C 2 97  ? 9.526   10.812  6.803   1.00 19.53 ? 539  THR A CG2   1 
ATOM   1210 N  N     . SER C 2 98  ? 6.776   7.317   5.025   1.00 23.90 ? 540  SER A N     1 
ATOM   1211 C  CA    . SER C 2 98  ? 6.489   6.459   3.918   1.00 24.75 ? 540  SER A CA    1 
ATOM   1212 C  C     . SER C 2 98  ? 5.026   6.000   3.946   1.00 25.48 ? 540  SER A C     1 
ATOM   1213 O  O     . SER C 2 98  ? 4.403   5.961   4.991   1.00 28.81 ? 540  SER A O     1 
ATOM   1214 C  CB    . SER C 2 98  ? 7.469   5.299   3.976   1.00 23.76 ? 540  SER A CB    1 
ATOM   1215 O  OG    . SER C 2 98  ? 7.057   4.318   4.888   1.00 24.41 ? 540  SER A OG    1 
ATOM   1216 N  N     . PHE C 2 99  ? 4.472   5.651   2.808   1.00 25.15 ? 541  PHE A N     1 
ATOM   1217 C  CA    . PHE C 2 99  ? 3.078   5.271   2.760   1.00 25.61 ? 541  PHE A CA    1 
ATOM   1218 C  C     . PHE C 2 99  ? 2.727   4.173   3.735   1.00 26.76 ? 541  PHE A C     1 
ATOM   1219 O  O     . PHE C 2 99  ? 3.473   3.220   3.933   1.00 24.25 ? 541  PHE A O     1 
ATOM   1220 C  CB    . PHE C 2 99  ? 2.734   4.913   1.319   1.00 26.64 ? 541  PHE A CB    1 
ATOM   1221 C  CG    . PHE C 2 99  ? 2.787   6.110   0.377   1.00 26.89 ? 541  PHE A CG    1 
ATOM   1222 C  CD1   . PHE C 2 99  ? 1.705   6.980   0.263   1.00 26.22 ? 541  PHE A CD1   1 
ATOM   1223 C  CD2   . PHE C 2 99  ? 3.915   6.358   -0.400  1.00 26.95 ? 541  PHE A CD2   1 
ATOM   1224 C  CE1   . PHE C 2 99  ? 1.762   8.107   -0.645  1.00 28.13 ? 541  PHE A CE1   1 
ATOM   1225 C  CE2   . PHE C 2 99  ? 3.981   7.476   -1.296  1.00 26.42 ? 541  PHE A CE2   1 
ATOM   1226 C  CZ    . PHE C 2 99  ? 2.919   8.335   -1.420  1.00 25.99 ? 541  PHE A CZ    1 
ATOM   1227 N  N     . GLU C 2 100 ? 1.576   4.304   4.385   1.00 28.73 ? 542  GLU A N     1 
ATOM   1228 C  CA    . GLU C 2 100 ? 1.232   3.286   5.362   1.00 29.01 ? 542  GLU A CA    1 
ATOM   1229 C  C     . GLU C 2 100 ? -0.018  2.587   4.927   1.00 29.79 ? 542  GLU A C     1 
ATOM   1230 O  O     . GLU C 2 100 ? -0.761  3.108   4.090   1.00 31.82 ? 542  GLU A O     1 
ATOM   1231 C  CB    . GLU C 2 100 ? 1.019   3.918   6.720   1.00 29.15 ? 542  GLU A CB    1 
ATOM   1232 C  CG    . GLU C 2 100 ? 2.116   4.862   7.092   1.00 29.80 ? 542  GLU A CG    1 
ATOM   1233 C  CD    . GLU C 2 100 ? 1.978   5.349   8.500   1.00 29.76 ? 542  GLU A CD    1 
ATOM   1234 O  OE1   . GLU C 2 100 ? 2.957   5.875   9.073   1.00 28.39 ? 542  GLU A OE1   1 
ATOM   1235 O  OE2   . GLU C 2 100 ? 0.871   5.205   9.039   1.00 31.35 ? 542  GLU A OE2   1 
ATOM   1236 N  N     . LEU C 2 101 ? -0.240  1.399   5.470   1.00 28.52 ? 543  LEU A N     1 
ATOM   1237 C  CA    . LEU C 2 101 ? -1.416  0.663   5.130   1.00 29.83 ? 543  LEU A CA    1 
ATOM   1238 C  C     . LEU C 2 101 ? -2.447  0.860   6.266   1.00 32.87 ? 543  LEU A C     1 
ATOM   1239 O  O     . LEU C 2 101 ? -2.146  0.641   7.428   1.00 30.44 ? 543  LEU A O     1 
ATOM   1240 C  CB    . LEU C 2 101 ? -1.090  -0.804  4.945   1.00 27.37 ? 543  LEU A CB    1 
ATOM   1241 C  CG    . LEU C 2 101 ? -0.175  -1.254  3.810   1.00 26.71 ? 543  LEU A CG    1 
ATOM   1242 C  CD1   . LEU C 2 101 ? -0.158  -2.769  3.688   1.00 23.67 ? 543  LEU A CD1   1 
ATOM   1243 C  CD2   . LEU C 2 101 ? -0.641  -0.669  2.567   1.00 26.01 ? 543  LEU A CD2   1 
ATOM   1244 N  N     . HIS C 2 102 ? -3.659  1.308   5.931   1.00 35.46 ? 544  HIS A N     1 
ATOM   1245 C  CA    . HIS C 2 102 ? -4.664  1.492   6.964   1.00 38.37 ? 544  HIS A CA    1 
ATOM   1246 C  C     . HIS C 2 102 ? -5.735  0.410   6.923   1.00 39.32 ? 544  HIS A C     1 
ATOM   1247 O  O     . HIS C 2 102 ? -6.098  -0.046  5.858   1.00 38.38 ? 544  HIS A O     1 
ATOM   1248 C  CB    . HIS C 2 102 ? -5.334  2.838   6.817   1.00 38.53 ? 544  HIS A CB    1 
ATOM   1249 C  CG    . HIS C 2 102 ? -6.612  2.940   7.575   1.00 40.20 ? 544  HIS A CG    1 
ATOM   1250 N  ND1   . HIS C 2 102 ? -6.658  3.226   8.920   1.00 41.89 ? 544  HIS A ND1   1 
ATOM   1251 C  CD2   . HIS C 2 102 ? -7.891  2.739   7.183   1.00 40.57 ? 544  HIS A CD2   1 
ATOM   1252 C  CE1   . HIS C 2 102 ? -7.915  3.205   9.326   1.00 42.26 ? 544  HIS A CE1   1 
ATOM   1253 N  NE2   . HIS C 2 102 ? -8.681  2.910   8.290   1.00 43.52 ? 544  HIS A NE2   1 
ATOM   1254 N  N     . GLU C 2 103 ? -6.222  0.001   8.092   1.00 42.48 ? 545  GLU A N     1 
ATOM   1255 C  CA    . GLU C 2 103 ? -7.285  -1.006  8.203   1.00 45.71 ? 545  GLU A CA    1 
ATOM   1256 C  C     . GLU C 2 103 ? -8.584  -0.314  8.615   1.00 48.09 ? 545  GLU A C     1 
ATOM   1257 O  O     . GLU C 2 103 ? -8.555  0.644   9.393   1.00 46.91 ? 545  GLU A O     1 
ATOM   1258 C  CB    . GLU C 2 103 ? -6.958  -2.039  9.277   1.00 46.02 ? 545  GLU A CB    1 
ATOM   1259 C  CG    . GLU C 2 103 ? -5.839  -2.962  8.957   1.00 48.03 ? 545  GLU A CG    1 
ATOM   1260 C  CD    . GLU C 2 103 ? -6.257  -4.155  8.129   1.00 49.90 ? 545  GLU A CD    1 
ATOM   1261 O  OE1   . GLU C 2 103 ? -5.333  -4.869  7.662   1.00 51.92 ? 545  GLU A OE1   1 
ATOM   1262 O  OE2   . GLU C 2 103 ? -7.482  -4.402  7.951   1.00 49.05 ? 545  GLU A OE2   1 
ATOM   1263 N  N     . GLU C 2 104 ? -9.716  -0.807  8.113   1.00 52.22 ? 546  GLU A N     1 
ATOM   1264 C  CA    . GLU C 2 104 ? -11.038 -0.241  8.453   1.00 57.27 ? 546  GLU A CA    1 
ATOM   1265 C  C     . GLU C 2 104 ? -11.773 -1.092  9.516   1.00 59.11 ? 546  GLU A C     1 
ATOM   1266 O  O     . GLU C 2 104 ? -12.270 -2.189  9.213   1.00 59.51 ? 546  GLU A O     1 
ATOM   1267 C  CB    . GLU C 2 104 ? -11.907 -0.132  7.191   1.00 57.92 ? 546  GLU A CB    1 
ATOM   1268 C  CG    . GLU C 2 104 ? -11.781 1.176   6.435   1.00 61.09 ? 546  GLU A CG    1 
ATOM   1269 C  CD    . GLU C 2 104 ? -12.214 2.404   7.253   1.00 63.66 ? 546  GLU A CD    1 
ATOM   1270 O  OE1   . GLU C 2 104 ? -11.425 2.849   8.123   1.00 62.74 ? 546  GLU A OE1   1 
ATOM   1271 O  OE2   . GLU C 2 104 ? -13.351 2.922   7.025   1.00 65.14 ? 546  GLU A OE2   1 
ATOM   1272 N  N     . LYS C 2 105 ? -11.819 -0.583  10.753  1.00 61.09 ? 547  LYS A N     1 
ATOM   1273 C  CA    . LYS C 2 105 ? -12.479 -1.262  11.887  1.00 63.40 ? 547  LYS A CA    1 
ATOM   1274 C  C     . LYS C 2 105 ? -13.851 -0.627  12.237  1.00 63.79 ? 547  LYS A C     1 
ATOM   1275 O  O     . LYS C 2 105 ? -14.342 -0.710  13.376  1.00 63.66 ? 547  LYS A O     1 
ATOM   1276 C  CB    . LYS C 2 105 ? -11.567 -1.232  13.136  1.00 64.55 ? 547  LYS A CB    1 
ATOM   1277 C  CG    . LYS C 2 105 ? -10.928 -2.567  13.482  1.00 64.87 ? 547  LYS A CG    1 
ATOM   1278 C  CD    . LYS C 2 105 ? -9.989  -3.016  12.387  1.00 65.40 ? 547  LYS A CD    1 
ATOM   1279 C  CE    . LYS C 2 105 ? -9.644  -4.500  12.515  1.00 66.61 ? 547  LYS A CE    1 
ATOM   1280 N  NZ    . LYS C 2 105 ? -10.834 -5.394  12.318  1.00 66.44 ? 547  LYS A NZ    1 
ATOM   1281 N  N     . VAL C 2 113 ? -7.863  -9.231  9.191   1.00 51.14 ? 555  VAL A N     1 
ATOM   1282 C  CA    . VAL C 2 113 ? -6.766  -8.275  9.017   1.00 51.83 ? 555  VAL A CA    1 
ATOM   1283 C  C     . VAL C 2 113 ? -6.104  -8.373  7.607   1.00 51.24 ? 555  VAL A C     1 
ATOM   1284 O  O     . VAL C 2 113 ? -5.357  -7.475  7.198   1.00 50.86 ? 555  VAL A O     1 
ATOM   1285 C  CB    . VAL C 2 113 ? -5.663  -8.438  10.155  1.00 52.29 ? 555  VAL A CB    1 
ATOM   1286 C  CG1   . VAL C 2 113 ? -6.334  -8.656  11.508  1.00 51.93 ? 555  VAL A CG1   1 
ATOM   1287 C  CG2   . VAL C 2 113 ? -4.698  -9.587  9.843   1.00 52.85 ? 555  VAL A CG2   1 
ATOM   1288 N  N     . TYR C 2 114 ? -6.403  -9.446  6.865   1.00 49.98 ? 556  TYR A N     1 
ATOM   1289 C  CA    . TYR C 2 114 ? -5.860  -9.631  5.510   1.00 48.67 ? 556  TYR A CA    1 
ATOM   1290 C  C     . TYR C 2 114 ? -6.937  -9.474  4.423   1.00 47.66 ? 556  TYR A C     1 
ATOM   1291 O  O     . TYR C 2 114 ? -6.824  -9.998  3.304   1.00 46.01 ? 556  TYR A O     1 
ATOM   1292 C  CB    . TYR C 2 114 ? -5.208  -11.002 5.403   1.00 48.05 ? 556  TYR A CB    1 
ATOM   1293 C  CG    . TYR C 2 114 ? -4.142  -11.199 6.448   1.00 48.92 ? 556  TYR A CG    1 
ATOM   1294 C  CD1   . TYR C 2 114 ? -2.950  -10.477 6.416   1.00 48.03 ? 556  TYR A CD1   1 
ATOM   1295 C  CD2   . TYR C 2 114 ? -4.339  -12.098 7.490   1.00 48.03 ? 556  TYR A CD2   1 
ATOM   1296 C  CE1   . TYR C 2 114 ? -1.981  -10.661 7.403   1.00 48.48 ? 556  TYR A CE1   1 
ATOM   1297 C  CE2   . TYR C 2 114 ? -3.400  -12.283 8.462   1.00 48.91 ? 556  TYR A CE2   1 
ATOM   1298 C  CZ    . TYR C 2 114 ? -2.215  -11.572 8.425   1.00 48.83 ? 556  TYR A CZ    1 
ATOM   1299 O  OH    . TYR C 2 114 ? -1.283  -11.838 9.406   1.00 48.44 ? 556  TYR A OH    1 
ATOM   1300 N  N     . ASP C 2 115 ? -7.975  -8.732  4.781   1.00 46.68 ? 557  ASP A N     1 
ATOM   1301 C  CA    . ASP C 2 115 ? -9.104  -8.474  3.914   1.00 46.17 ? 557  ASP A CA    1 
ATOM   1302 C  C     . ASP C 2 115 ? -8.747  -7.254  3.052   1.00 45.77 ? 557  ASP A C     1 
ATOM   1303 O  O     . ASP C 2 115 ? -9.106  -6.106  3.343   1.00 44.88 ? 557  ASP A O     1 
ATOM   1304 C  CB    . ASP C 2 115 ? -10.325 -8.238  4.812   1.00 47.32 ? 557  ASP A CB    1 
ATOM   1305 C  CG    . ASP C 2 115 ? -11.581 -7.949  4.038   1.00 48.69 ? 557  ASP A CG    1 
ATOM   1306 O  OD1   . ASP C 2 115 ? -12.602 -7.658  4.705   1.00 48.83 ? 557  ASP A OD1   1 
ATOM   1307 O  OD2   . ASP C 2 115 ? -11.558 -8.005  2.783   1.00 49.76 ? 557  ASP A OD2   1 
ATOM   1308 N  N     . MET C 2 116 ? -8.028  -7.531  1.972   1.00 44.83 ? 558  MET A N     1 
ATOM   1309 C  CA    . MET C 2 116 ? -7.568  -6.495  1.079   1.00 43.51 ? 558  MET A CA    1 
ATOM   1310 C  C     . MET C 2 116 ? -8.582  -5.466  0.621   1.00 44.33 ? 558  MET A C     1 
ATOM   1311 O  O     . MET C 2 116 ? -8.206  -4.468  0.002   1.00 43.94 ? 558  MET A O     1 
ATOM   1312 C  CB    . MET C 2 116 ? -6.903  -7.112  -0.125  1.00 42.89 ? 558  MET A CB    1 
ATOM   1313 C  CG    . MET C 2 116 ? -5.755  -7.935  0.250   1.00 40.93 ? 558  MET A CG    1 
ATOM   1314 S  SD    . MET C 2 116 ? -5.085  -8.588  -1.211  1.00 42.56 ? 558  MET A SD    1 
ATOM   1315 C  CE    . MET C 2 116 ? -6.103  -9.963  -1.405  1.00 43.28 ? 558  MET A CE    1 
ATOM   1316 N  N     . ASP C 2 117 ? -9.861  -5.685  0.883   1.00 44.47 ? 559  ASP A N     1 
ATOM   1317 C  CA    . ASP C 2 117 ? -10.818 -4.666  0.480   1.00 44.65 ? 559  ASP A CA    1 
ATOM   1318 C  C     . ASP C 2 117 ? -11.008 -3.726  1.638   1.00 45.24 ? 559  ASP A C     1 
ATOM   1319 O  O     . ASP C 2 117 ? -11.559 -2.646  1.483   1.00 45.18 ? 559  ASP A O     1 
ATOM   1320 C  CB    . ASP C 2 117 ? -12.132 -5.283  0.026   1.00 43.20 ? 559  ASP A CB    1 
ATOM   1321 C  CG    . ASP C 2 117 ? -12.050 -5.784  -1.399  1.00 45.45 ? 559  ASP A CG    1 
ATOM   1322 O  OD1   . ASP C 2 117 ? -11.592 -4.972  -2.267  1.00 44.04 ? 559  ASP A OD1   1 
ATOM   1323 O  OD2   . ASP C 2 117 ? -12.419 -6.978  -1.646  1.00 44.31 ? 559  ASP A OD2   1 
ATOM   1324 N  N     . ASN C 2 118 ? -10.498 -4.136  2.796   1.00 45.77 ? 560  ASN A N     1 
ATOM   1325 C  CA    . ASN C 2 118 ? -10.575 -3.318  4.001   1.00 45.85 ? 560  ASN A CA    1 
ATOM   1326 C  C     . ASN C 2 118 ? -9.263  -2.590  4.211   1.00 43.56 ? 560  ASN A C     1 
ATOM   1327 O  O     . ASN C 2 118 ? -9.151  -1.774  5.115   1.00 45.42 ? 560  ASN A O     1 
ATOM   1328 C  CB    . ASN C 2 118 ? -10.864 -4.186  5.218   1.00 48.90 ? 560  ASN A CB    1 
ATOM   1329 C  CG    . ASN C 2 118 ? -12.244 -4.805  5.164   1.00 53.02 ? 560  ASN A CG    1 
ATOM   1330 O  OD1   . ASN C 2 118 ? -12.716 -5.195  4.090   1.00 54.94 ? 560  ASN A OD1   1 
ATOM   1331 N  ND2   . ASN C 2 118 ? -12.900 -4.919  6.328   1.00 56.29 ? 560  ASN A ND2   1 
ATOM   1332 N  N     . ILE C 2 119 ? -8.273  -2.876  3.367   1.00 39.94 ? 561  ILE A N     1 
ATOM   1333 C  CA    . ILE C 2 119 ? -6.955  -2.260  3.476   1.00 35.15 ? 561  ILE A CA    1 
ATOM   1334 C  C     . ILE C 2 119 ? -6.809  -1.161  2.440   1.00 34.46 ? 561  ILE A C     1 
ATOM   1335 O  O     . ILE C 2 119 ? -7.265  -1.305  1.326   1.00 34.37 ? 561  ILE A O     1 
ATOM   1336 C  CB    . ILE C 2 119 ? -5.842  -3.299  3.223   1.00 31.62 ? 561  ILE A CB    1 
ATOM   1337 C  CG1   . ILE C 2 119 ? -5.944  -4.415  4.252   1.00 29.78 ? 561  ILE A CG1   1 
ATOM   1338 C  CG2   . ILE C 2 119 ? -4.483  -2.606  3.263   1.00 31.51 ? 561  ILE A CG2   1 
ATOM   1339 C  CD1   . ILE C 2 119 ? -5.275  -5.712  3.875   1.00 30.70 ? 561  ILE A CD1   1 
ATOM   1340 N  N     . SER C 2 120 ? -6.183  -0.060  2.817   1.00 33.69 ? 562  SER A N     1 
ATOM   1341 C  CA    . SER C 2 120 ? -5.949  1.011   1.894   1.00 32.27 ? 562  SER A CA    1 
ATOM   1342 C  C     . SER C 2 120 ? -4.580  1.658   2.211   1.00 31.56 ? 562  SER A C     1 
ATOM   1343 O  O     . SER C 2 120 ? -4.058  1.564   3.333   1.00 31.14 ? 562  SER A O     1 
ATOM   1344 C  CB    . SER C 2 120 ? -7.108  2.034   1.948   1.00 32.31 ? 562  SER A CB    1 
ATOM   1345 O  OG    . SER C 2 120 ? -7.112  2.812   3.133   1.00 32.20 ? 562  SER A OG    1 
ATOM   1346 N  N     . VAL C 2 121 ? -4.027  2.320   1.202   1.00 30.41 ? 563  VAL A N     1 
ATOM   1347 C  CA    . VAL C 2 121 ? -2.743  2.966   1.272   1.00 28.92 ? 563  VAL A CA    1 
ATOM   1348 C  C     . VAL C 2 121 ? -3.000  4.438   1.524   1.00 30.00 ? 563  VAL A C     1 
ATOM   1349 O  O     . VAL C 2 121 ? -3.797  5.032   0.829   1.00 32.31 ? 563  VAL A O     1 
ATOM   1350 C  CB    . VAL C 2 121 ? -1.949  2.761   -0.081  1.00 28.06 ? 563  VAL A CB    1 
ATOM   1351 C  CG1   . VAL C 2 121 ? -0.551  3.397   0.018   1.00 25.78 ? 563  VAL A CG1   1 
ATOM   1352 C  CG2   . VAL C 2 121 ? -1.808  1.273   -0.392  1.00 23.39 ? 563  VAL A CG2   1 
ATOM   1353 N  N     . VAL C 2 122 ? -2.348  5.027   2.526   1.00 29.20 ? 564  VAL A N     1 
ATOM   1354 C  CA    . VAL C 2 122 ? -2.532  6.443   2.841   1.00 29.90 ? 564  VAL A CA    1 
ATOM   1355 C  C     . VAL C 2 122 ? -1.226  7.053   3.297   1.00 30.99 ? 564  VAL A C     1 
ATOM   1356 O  O     . VAL C 2 122 ? -0.287  6.377   3.755   1.00 31.48 ? 564  VAL A O     1 
ATOM   1357 C  CB    . VAL C 2 122 ? -3.477  6.655   4.022   1.00 31.60 ? 564  VAL A CB    1 
ATOM   1358 C  CG1   . VAL C 2 122 ? -4.848  6.164   3.688   1.00 29.97 ? 564  VAL A CG1   1 
ATOM   1359 C  CG2   . VAL C 2 122 ? -2.905  5.901   5.280   1.00 30.66 ? 564  VAL A CG2   1 
ATOM   1360 N  N     . THR C 2 123 ? -1.183  8.356   3.224   1.00 31.03 ? 565  THR A N     1 
ATOM   1361 C  CA    . THR C 2 123 ? 0.010   9.031   3.647   1.00 32.99 ? 565  THR A CA    1 
ATOM   1362 C  C     . THR C 2 123 ? 0.099   9.133   5.172   1.00 33.57 ? 565  THR A C     1 
ATOM   1363 O  O     . THR C 2 123 ? -0.909  9.168   5.879   1.00 31.55 ? 565  THR A O     1 
ATOM   1364 C  CB    . THR C 2 123 ? 0.030   10.425  3.078   1.00 32.82 ? 565  THR A CB    1 
ATOM   1365 O  OG1   . THR C 2 123 ? -1.002  11.206  3.711   1.00 36.00 ? 565  THR A OG1   1 
ATOM   1366 C  CG2   . THR C 2 123 ? -0.225  10.359  1.566   1.00 31.89 ? 565  THR A CG2   1 
ATOM   1367 N  N     . PRO C 2 124 ? 1.320   9.188   5.690   1.00 34.48 ? 566  PRO A N     1 
ATOM   1368 C  CA    . PRO C 2 124 ? 1.429   9.296   7.139   1.00 35.04 ? 566  PRO A CA    1 
ATOM   1369 C  C     . PRO C 2 124 ? 0.536   10.424  7.657   1.00 34.57 ? 566  PRO A C     1 
ATOM   1370 O  O     . PRO C 2 124 ? -0.317  10.190  8.502   1.00 34.37 ? 566  PRO A O     1 
ATOM   1371 C  CB    . PRO C 2 124 ? 2.918   9.556   7.345   1.00 34.83 ? 566  PRO A CB    1 
ATOM   1372 C  CG    . PRO C 2 124 ? 3.532   8.694   6.247   1.00 34.88 ? 566  PRO A CG    1 
ATOM   1373 C  CD    . PRO C 2 124 ? 2.642   9.064   5.050   1.00 34.53 ? 566  PRO A CD    1 
ATOM   1374 N  N     . LYS C 2 125 ? 0.713   11.636  7.142   1.00 35.15 ? 567  LYS A N     1 
ATOM   1375 C  CA    . LYS C 2 125 ? -0.093  12.775  7.598   1.00 36.33 ? 567  LYS A CA    1 
ATOM   1376 C  C     . LYS C 2 125 ? -1.575  12.494  7.581   1.00 36.93 ? 567  LYS A C     1 
ATOM   1377 O  O     . LYS C 2 125 ? -2.262  12.766  8.549   1.00 37.60 ? 567  LYS A O     1 
ATOM   1378 C  CB    . LYS C 2 125 ? 0.182   14.038  6.758   1.00 37.00 ? 567  LYS A CB    1 
ATOM   1379 C  CG    . LYS C 2 125 ? -0.853  15.147  6.920   1.00 36.61 ? 567  LYS A CG    1 
ATOM   1380 C  CD    . LYS C 2 125 ? -0.475  16.406  6.162   1.00 39.01 ? 567  LYS A CD    1 
ATOM   1381 C  CE    . LYS C 2 125 ? 0.714   17.107  6.800   1.00 43.28 ? 567  LYS A CE    1 
ATOM   1382 N  NZ    . LYS C 2 125 ? 1.150   18.410  6.145   1.00 46.00 ? 567  LYS A NZ    1 
ATOM   1383 N  N     . ARG C 2 126 ? -2.068  11.947  6.476   1.00 38.57 ? 568  ARG A N     1 
ATOM   1384 C  CA    . ARG C 2 126 ? -3.480  11.628  6.354   1.00 38.68 ? 568  ARG A CA    1 
ATOM   1385 C  C     . ARG C 2 126 ? -3.887  10.483  7.301   1.00 39.05 ? 568  ARG A C     1 
ATOM   1386 O  O     . ARG C 2 126 ? -4.980  10.493  7.890   1.00 40.81 ? 568  ARG A O     1 
ATOM   1387 C  CB    . ARG C 2 126 ? -3.788  11.292  4.896   1.00 39.81 ? 568  ARG A CB    1 
ATOM   1388 C  CG    . ARG C 2 126 ? -5.243  10.893  4.610   1.00 41.49 ? 568  ARG A CG    1 
ATOM   1389 C  CD    . ARG C 2 126 ? -6.212  12.013  4.960   1.00 41.84 ? 568  ARG A CD    1 
ATOM   1390 N  NE    . ARG C 2 126 ? -7.571  11.492  5.111   1.00 42.36 ? 568  ARG A NE    1 
ATOM   1391 C  CZ    . ARG C 2 126 ? -8.500  12.070  5.869   1.00 42.97 ? 568  ARG A CZ    1 
ATOM   1392 N  NH1   . ARG C 2 126 ? -9.713  11.527  5.976   1.00 39.54 ? 568  ARG A NH1   1 
ATOM   1393 N  NH2   . ARG C 2 126 ? -8.198  13.201  6.513   1.00 41.34 ? 568  ARG A NH2   1 
ATOM   1394 N  N     . HIS C 2 127 ? -3.018  9.492   7.459   1.00 37.92 ? 569  HIS A N     1 
ATOM   1395 C  CA    . HIS C 2 127 ? -3.329  8.376   8.353   1.00 35.96 ? 569  HIS A CA    1 
ATOM   1396 C  C     . HIS C 2 127 ? -3.562  8.874   9.767   1.00 35.52 ? 569  HIS A C     1 
ATOM   1397 O  O     . HIS C 2 127 ? -4.442  8.373   10.455  1.00 33.96 ? 569  HIS A O     1 
ATOM   1398 C  CB    . HIS C 2 127 ? -2.202  7.331   8.388   1.00 33.58 ? 569  HIS A CB    1 
ATOM   1399 C  CG    . HIS C 2 127 ? -2.670  5.975   8.804   1.00 31.06 ? 569  HIS A CG    1 
ATOM   1400 N  ND1   . HIS C 2 127 ? -1.878  4.857   8.738   1.00 30.63 ? 569  HIS A ND1   1 
ATOM   1401 C  CD2   . HIS C 2 127 ? -3.892  5.540   9.187   1.00 31.73 ? 569  HIS A CD2   1 
ATOM   1402 C  CE1   . HIS C 2 127 ? -2.586  3.789   9.050   1.00 30.10 ? 569  HIS A CE1   1 
ATOM   1403 N  NE2   . HIS C 2 127 ? -3.814  4.178   9.327   1.00 30.34 ? 569  HIS A NE2   1 
ATOM   1404 N  N     . ILE C 2 128 ? -2.752  9.831   10.205  1.00 36.56 ? 570  ILE A N     1 
ATOM   1405 C  CA    . ILE C 2 128 ? -2.904  10.376  11.552  1.00 39.02 ? 570  ILE A CA    1 
ATOM   1406 C  C     . ILE C 2 128 ? -4.335  10.909  11.728  1.00 41.08 ? 570  ILE A C     1 
ATOM   1407 O  O     . ILE C 2 128 ? -5.077  10.455  12.623  1.00 43.18 ? 570  ILE A O     1 
ATOM   1408 C  CB    . ILE C 2 128 ? -1.911  11.560  11.843  1.00 38.43 ? 570  ILE A CB    1 
ATOM   1409 C  CG1   . ILE C 2 128 ? -0.702  11.099  12.640  1.00 37.36 ? 570  ILE A CG1   1 
ATOM   1410 C  CG2   . ILE C 2 128 ? -2.581  12.595  12.742  1.00 38.86 ? 570  ILE A CG2   1 
ATOM   1411 C  CD1   . ILE C 2 128 ? 0.127   10.108  11.988  1.00 37.48 ? 570  ILE A CD1   1 
ATOM   1412 N  N     . ASP C 2 129 ? -4.733  11.849  10.862  1.00 41.80 ? 571  ASP A N     1 
ATOM   1413 C  CA    . ASP C 2 129 ? -6.054  12.469  10.975  1.00 42.72 ? 571  ASP A CA    1 
ATOM   1414 C  C     . ASP C 2 129 ? -7.185  11.454  10.974  1.00 43.84 ? 571  ASP A C     1 
ATOM   1415 O  O     . ASP C 2 129 ? -8.113  11.594  11.745  1.00 44.60 ? 571  ASP A O     1 
ATOM   1416 C  CB    . ASP C 2 129 ? -6.286  13.505  9.875   1.00 41.95 ? 571  ASP A CB    1 
ATOM   1417 C  CG    . ASP C 2 129 ? -5.357  14.711  9.992   1.00 44.13 ? 571  ASP A CG    1 
ATOM   1418 O  OD1   . ASP C 2 129 ? -4.697  14.898  11.028  1.00 44.45 ? 571  ASP A OD1   1 
ATOM   1419 O  OD2   . ASP C 2 129 ? -5.276  15.501  9.033   1.00 45.41 ? 571  ASP A OD2   1 
ATOM   1420 N  N     . ILE C 2 130 ? -7.104  10.427  10.132  1.00 44.30 ? 572  ILE A N     1 
ATOM   1421 C  CA    . ILE C 2 130 ? -8.172  9.444   10.088  1.00 43.85 ? 572  ILE A CA    1 
ATOM   1422 C  C     . ILE C 2 130 ? -8.369  8.825   11.453  1.00 44.21 ? 572  ILE A C     1 
ATOM   1423 O  O     . ILE C 2 130 ? -9.495  8.667   11.894  1.00 44.54 ? 572  ILE A O     1 
ATOM   1424 C  CB    . ILE C 2 130 ? -7.897  8.302   9.072   1.00 43.41 ? 572  ILE A CB    1 
ATOM   1425 C  CG1   . ILE C 2 130 ? -7.780  8.859   7.672   1.00 43.76 ? 572  ILE A CG1   1 
ATOM   1426 C  CG2   . ILE C 2 130 ? -9.028  7.300   9.049   1.00 42.55 ? 572  ILE A CG2   1 
ATOM   1427 C  CD1   . ILE C 2 130 ? -7.647  7.768   6.620   1.00 43.48 ? 572  ILE A CD1   1 
ATOM   1428 N  N     . HIS C 2 131 ? -7.290  8.497   12.142  1.00 44.61 ? 573  HIS A N     1 
ATOM   1429 C  CA    . HIS C 2 131 ? -7.473  7.864   13.424  1.00 45.82 ? 573  HIS A CA    1 
ATOM   1430 C  C     . HIS C 2 131 ? -7.935  8.791   14.531  1.00 47.13 ? 573  HIS A C     1 
ATOM   1431 O  O     . HIS C 2 131 ? -8.532  8.332   15.496  1.00 48.03 ? 573  HIS A O     1 
ATOM   1432 C  CB    . HIS C 2 131 ? -6.220  7.086   13.817  1.00 45.13 ? 573  HIS A CB    1 
ATOM   1433 C  CG    . HIS C 2 131 ? -6.114  5.756   13.141  1.00 44.85 ? 573  HIS A CG    1 
ATOM   1434 N  ND1   . HIS C 2 131 ? -6.950  4.703   13.442  1.00 45.34 ? 573  HIS A ND1   1 
ATOM   1435 C  CD2   . HIS C 2 131 ? -5.330  5.336   12.118  1.00 44.69 ? 573  HIS A CD2   1 
ATOM   1436 C  CE1   . HIS C 2 131 ? -6.690  3.691   12.627  1.00 44.80 ? 573  HIS A CE1   1 
ATOM   1437 N  NE2   . HIS C 2 131 ? -5.712  4.052   11.814  1.00 45.27 ? 573  HIS A NE2   1 
ATOM   1438 N  N     . ARG C 2 132 ? -7.691  10.088  14.406  1.00 48.12 ? 574  ARG A N     1 
ATOM   1439 C  CA    . ARG C 2 132 ? -8.168  10.994  15.440  1.00 48.81 ? 574  ARG A CA    1 
ATOM   1440 C  C     . ARG C 2 132 ? -9.372  11.825  14.952  1.00 48.87 ? 574  ARG A C     1 
ATOM   1441 O  O     . ARG C 2 132 ? -9.520  12.956  15.460  1.00 50.62 ? 574  ARG A O     1 
ATOM   1442 C  CB    . ARG C 2 132 ? -7.042  11.933  15.898  1.00 48.66 ? 574  ARG A CB    1 
ATOM   1443 C  CG    . ARG C 2 132 ? -6.720  12.991  14.885  1.00 48.68 ? 574  ARG A CG    1 
ATOM   1444 C  CD    . ARG C 2 132 ? -5.609  13.917  15.350  1.00 48.30 ? 574  ARG A CD    1 
ATOM   1445 N  NE    . ARG C 2 132 ? -5.074  14.675  14.230  1.00 47.34 ? 574  ARG A NE    1 
ATOM   1446 C  CZ    . ARG C 2 132 ? -3.889  15.269  14.236  1.00 49.71 ? 574  ARG A CZ    1 
ATOM   1447 N  NH1   . ARG C 2 132 ? -3.116  15.198  15.325  1.00 48.16 ? 574  ARG A NH1   1 
ATOM   1448 N  NH2   . ARG C 2 132 ? -3.455  15.897  13.137  1.00 48.54 ? 574  ARG A NH2   1 
HETATM 1449 ZN ZN    . ZN  D 3 .   ? -5.266  3.112   10.051  1.00 37.64 ? 1500 ZN  A ZN    1 
HETATM 1450 O  O     . HOH E 4 .   ? 3.390   0.273   4.231   1.00 20.90 ? 13   HOH B O     1 
HETATM 1451 O  O     . HOH E 4 .   ? 14.256  -7.121  7.255   1.00 32.89 ? 14   HOH B O     1 
HETATM 1452 O  O     . HOH E 4 .   ? 5.031   -4.631  13.911  1.00 27.82 ? 15   HOH B O     1 
HETATM 1453 O  O     . HOH E 4 .   ? 16.414  -17.065 12.783  1.00 42.15 ? 16   HOH B O     1 
HETATM 1454 O  O     . HOH E 4 .   ? 10.048  -7.487  9.701   1.00 41.67 ? 17   HOH B O     1 
HETATM 1455 O  O     . HOH E 4 .   ? 13.619  -0.416  12.722  1.00 37.55 ? 18   HOH B O     1 
HETATM 1456 O  O     . HOH E 4 .   ? 6.101   3.500   12.073  1.00 44.25 ? 19   HOH B O     1 
HETATM 1457 O  O     . HOH F 4 .   ? 16.540  -19.953 2.204   1.00 24.41 ? 25   HOH C O     1 
HETATM 1458 O  O     . HOH F 4 .   ? 11.640  -2.530  22.305  1.00 31.84 ? 26   HOH C O     1 
HETATM 1459 O  O     . HOH F 4 .   ? 8.539   7.340   19.935  1.00 36.83 ? 27   HOH C O     1 
HETATM 1460 O  O     . HOH F 4 .   ? 11.693  -18.657 8.235   1.00 26.46 ? 28   HOH C O     1 
HETATM 1461 O  O     . HOH F 4 .   ? 7.671   -18.752 11.331  1.00 39.65 ? 29   HOH C O     1 
HETATM 1462 O  O     . HOH F 4 .   ? 12.086  -0.375  23.118  1.00 33.20 ? 30   HOH C O     1 
HETATM 1463 O  O     . HOH F 4 .   ? 13.720  -16.625 3.301   1.00 30.82 ? 31   HOH C O     1 
HETATM 1464 O  O     . HOH F 4 .   ? 8.414   4.701   12.299  1.00 30.10 ? 32   HOH C O     1 
HETATM 1465 O  O     . HOH G 4 .   ? 15.239  7.667   -7.567  1.00 26.36 ? 5    HOH A O     1 
HETATM 1466 O  O     . HOH G 4 .   ? 13.632  2.644   5.548   1.00 20.74 ? 6    HOH A O     1 
HETATM 1467 O  O     . HOH G 4 .   ? 9.665   -2.207  -9.441  1.00 32.91 ? 7    HOH A O     1 
HETATM 1468 O  O     . HOH G 4 .   ? 1.657   8.856   -10.071 1.00 29.62 ? 8    HOH A O     1 
HETATM 1469 O  O     . HOH G 4 .   ? -6.783  7.521   -3.492  1.00 31.45 ? 11   HOH A O     1 
HETATM 1470 O  O     . HOH G 4 .   ? 0.471   -6.758  -10.484 1.00 25.39 ? 12   HOH A O     1 
HETATM 1471 O  O     . HOH G 4 .   ? 8.867   10.625  2.436   1.00 26.73 ? 13   HOH A O     1 
HETATM 1472 O  O     . HOH G 4 .   ? 4.639   -10.268 -3.718  1.00 33.58 ? 17   HOH A O     1 
HETATM 1473 O  O     . HOH G 4 .   ? 16.586  -3.202  -4.181  1.00 26.53 ? 19   HOH A O     1 
HETATM 1474 O  O     . HOH G 4 .   ? -1.307  14.114  10.330  1.00 45.46 ? 20   HOH A O     1 
HETATM 1475 O  O     . HOH G 4 .   ? -9.663  0.682   0.049   1.00 42.74 ? 21   HOH A O     1 
HETATM 1476 O  O     . HOH G 4 .   ? 8.000   6.154   7.389   1.00 29.93 ? 22   HOH A O     1 
HETATM 1477 O  O     . HOH G 4 .   ? -1.047  16.408  14.231  1.00 56.56 ? 25   HOH A O     1 
HETATM 1478 O  O     . HOH G 4 .   ? 10.645  12.529  3.732   1.00 41.71 ? 27   HOH A O     1 
HETATM 1479 O  O     . HOH G 4 .   ? 0.690   6.458   -7.774  1.00 27.99 ? 28   HOH A O     1 
HETATM 1480 O  O     . HOH G 4 .   ? -10.417 0.738   2.869   1.00 47.09 ? 29   HOH A O     1 
HETATM 1481 O  O     . HOH G 4 .   ? 2.292   7.785   -14.364 1.00 60.43 ? 31   HOH A O     1 
HETATM 1482 O  O     . HOH G 4 .   ? 12.609  -4.932  4.594   1.00 37.30 ? 32   HOH A O     1 
# 
loop_
_pdbx_poly_seq_scheme.asym_id 
_pdbx_poly_seq_scheme.entity_id 
_pdbx_poly_seq_scheme.seq_id 
_pdbx_poly_seq_scheme.mon_id 
_pdbx_poly_seq_scheme.ndb_seq_num 
_pdbx_poly_seq_scheme.pdb_seq_num 
_pdbx_poly_seq_scheme.auth_seq_num 
_pdbx_poly_seq_scheme.pdb_mon_id 
_pdbx_poly_seq_scheme.auth_mon_id 
_pdbx_poly_seq_scheme.pdb_strand_id 
_pdbx_poly_seq_scheme.pdb_ins_code 
_pdbx_poly_seq_scheme.hetero 
A 1 1   DC  1   1   1   DC  C   B . n 
A 1 2   DG  2   2   2   DG  G   B . n 
A 1 3   DG  3   3   3   DG  G   B . n 
A 1 4   DG  4   4   4   DG  G   B . n 
A 1 5   DA  5   5   5   DA  A   B . n 
A 1 6   DT  6   6   6   DT  T   B . n 
A 1 7   DA  7   7   7   DA  A   B . n 
A 1 8   DT  8   8   8   DT  T   B . n 
A 1 9   DC  9   9   9   DC  C   B . n 
A 1 10  DC  10  10  10  DC  C   B . n 
A 1 11  DC  11  11  11  DC  C   B . n 
A 1 12  DG  12  12  12  DG  G   B . n 
B 1 1   DC  1   13  13  DC  C   C . n 
B 1 2   DG  2   14  14  DG  G   C . n 
B 1 3   DG  3   15  15  DG  G   C . n 
B 1 4   DG  4   16  16  DG  G   C . n 
B 1 5   DA  5   17  17  DA  A   C . n 
B 1 6   DT  6   18  18  DT  T   C . n 
B 1 7   DA  7   19  19  DA  A   C . n 
B 1 8   DT  8   20  20  DT  T   C . n 
B 1 9   DC  9   21  21  DC  C   C . n 
B 1 10  DC  10  22  22  DC  C   C . n 
B 1 11  DC  11  23  23  DC  C   C . n 
B 1 12  DG  12  24  24  DG  G   C . n 
C 2 1   MET 1   443 ?   ?   ?   A . n 
C 2 2   GLU 2   444 ?   ?   ?   A . n 
C 2 3   SER 3   445 ?   ?   ?   A . n 
C 2 4   LYS 4   446 ?   ?   ?   A . n 
C 2 5   ARG 5   447 ?   ?   ?   A . n 
C 2 6   ASN 6   448 ?   ?   ?   A . n 
C 2 7   LYS 7   449 ?   ?   ?   A . n 
C 2 8   PRO 8   450 450 PRO PRO A . n 
C 2 9   GLY 9   451 451 GLY GLY A . n 
C 2 10  LYS 10  452 452 LYS LYS A . n 
C 2 11  ALA 11  453 453 ALA ALA A . n 
C 2 12  THR 12  454 454 THR THR A . n 
C 2 13  GLY 13  455 455 GLY GLY A . n 
C 2 14  LYS 14  456 456 LYS LYS A . n 
C 2 15  GLY 15  457 457 GLY GLY A . n 
C 2 16  LYS 16  458 458 LYS LYS A . n 
C 2 17  PRO 17  459 459 PRO PRO A . n 
C 2 18  VAL 18  460 460 VAL VAL A . n 
C 2 19  ASN 19  461 461 ASN ASN A . n 
C 2 20  ASN 20  462 462 ASN ASN A . n 
C 2 21  LYS 21  463 463 LYS LYS A . n 
C 2 22  TRP 22  464 464 TRP TRP A . n 
C 2 23  LEU 23  465 465 LEU LEU A . n 
C 2 24  ASN 24  466 466 ASN ASN A . n 
C 2 25  ASN 25  467 467 ASN ASN A . n 
C 2 26  ALA 26  468 468 ALA ALA A . n 
C 2 27  GLY 27  469 469 GLY GLY A . n 
C 2 28  LYS 28  470 470 LYS LYS A . n 
C 2 29  ASP 29  471 471 ASP ASP A . n 
C 2 30  LEU 30  472 472 LEU LEU A . n 
C 2 31  GLY 31  473 473 GLY GLY A . n 
C 2 32  SER 32  474 474 SER SER A . n 
C 2 33  PRO 33  475 475 PRO PRO A . n 
C 2 34  VAL 34  476 476 VAL VAL A . n 
C 2 35  PRO 35  477 477 PRO PRO A . n 
C 2 36  ASP 36  478 478 ASP ASP A . n 
C 2 37  ARG 37  479 479 ARG ARG A . n 
C 2 38  ILE 38  480 480 ILE ILE A . n 
C 2 39  ALA 39  481 481 ALA ALA A . n 
C 2 40  ASN 40  482 482 ASN ASN A . n 
C 2 41  LYS 41  483 483 LYS LYS A . n 
C 2 42  LEU 42  484 484 LEU LEU A . n 
C 2 43  ARG 43  485 485 ARG ARG A . n 
C 2 44  ASP 44  486 486 ASP ASP A . n 
C 2 45  LYS 45  487 487 LYS LYS A . n 
C 2 46  GLU 46  488 488 GLU GLU A . n 
C 2 47  PHE 47  489 489 PHE PHE A . n 
C 2 48  LYS 48  490 490 LYS LYS A . n 
C 2 49  SER 49  491 491 SER SER A . n 
C 2 50  PHE 50  492 492 PHE PHE A . n 
C 2 51  ASP 51  493 493 ASP ASP A . n 
C 2 52  ASP 52  494 494 ASP ASP A . n 
C 2 53  PHE 53  495 495 PHE PHE A . n 
C 2 54  ARG 54  496 496 ARG ARG A . n 
C 2 55  LYS 55  497 497 LYS LYS A . n 
C 2 56  LYS 56  498 498 LYS LYS A . n 
C 2 57  PHE 57  499 499 PHE PHE A . n 
C 2 58  TRP 58  500 500 TRP TRP A . n 
C 2 59  GLU 59  501 501 GLU GLU A . n 
C 2 60  GLU 60  502 502 GLU GLU A . n 
C 2 61  VAL 61  503 503 VAL VAL A . n 
C 2 62  SER 62  504 504 SER SER A . n 
C 2 63  LYS 63  505 505 LYS LYS A . n 
C 2 64  ASP 64  506 506 ASP ASP A . n 
C 2 65  PRO 65  507 507 PRO PRO A . n 
C 2 66  GLU 66  508 508 GLU GLU A . n 
C 2 67  LEU 67  509 509 LEU LEU A . n 
C 2 68  SER 68  510 510 SER SER A . n 
C 2 69  LYS 69  511 511 LYS LYS A . n 
C 2 70  GLN 70  512 512 GLN GLN A . n 
C 2 71  PHE 71  513 513 PHE PHE A . n 
C 2 72  SER 72  514 514 SER SER A . n 
C 2 73  ARG 73  515 515 ARG ARG A . n 
C 2 74  ASN 74  516 516 ASN ASN A . n 
C 2 75  ASN 75  517 517 ASN ASN A . n 
C 2 76  ASN 76  518 518 ASN ASN A . n 
C 2 77  ASP 77  519 519 ASP ASP A . n 
C 2 78  ARG 78  520 520 ARG ARG A . n 
C 2 79  MET 79  521 521 MET MET A . n 
C 2 80  LYS 80  522 522 LYS LYS A . n 
C 2 81  VAL 81  523 523 VAL VAL A . n 
C 2 82  GLY 82  524 524 GLY GLY A . n 
C 2 83  LYS 83  525 525 LYS LYS A . n 
C 2 84  ALA 84  526 526 ALA ALA A . n 
C 2 85  PRO 85  527 527 PRO PRO A . n 
C 2 86  LYS 86  528 528 LYS LYS A . n 
C 2 87  THR 87  529 529 THR THR A . n 
C 2 88  ARG 88  530 530 ARG ARG A . n 
C 2 89  THR 89  531 531 THR THR A . n 
C 2 90  GLN 90  532 532 GLN GLN A . n 
C 2 91  ASP 91  533 533 ASP ASP A . n 
C 2 92  VAL 92  534 534 VAL VAL A . n 
C 2 93  SER 93  535 535 SER SER A . n 
C 2 94  GLY 94  536 536 GLY GLY A . n 
C 2 95  LYS 95  537 537 LYS LYS A . n 
C 2 96  ARG 96  538 538 ARG ARG A . n 
C 2 97  THR 97  539 539 THR THR A . n 
C 2 98  SER 98  540 540 SER SER A . n 
C 2 99  PHE 99  541 541 PHE PHE A . n 
C 2 100 GLU 100 542 542 GLU GLU A . n 
C 2 101 LEU 101 543 543 LEU LEU A . n 
C 2 102 HIS 102 544 544 HIS HIS A . n 
C 2 103 GLU 103 545 545 GLU GLU A . n 
C 2 104 GLU 104 546 546 GLU GLU A . n 
C 2 105 LYS 105 547 547 LYS LYS A . n 
C 2 106 PRO 106 548 ?   ?   ?   A . n 
C 2 107 ILE 107 549 ?   ?   ?   A . n 
C 2 108 SER 108 550 ?   ?   ?   A . n 
C 2 109 GLN 109 551 ?   ?   ?   A . n 
C 2 110 ASN 110 552 ?   ?   ?   A . n 
C 2 111 GLY 111 553 ?   ?   ?   A . n 
C 2 112 GLY 112 554 ?   ?   ?   A . n 
C 2 113 VAL 113 555 555 VAL VAL A . n 
C 2 114 TYR 114 556 556 TYR TYR A . n 
C 2 115 ASP 115 557 557 ASP ASP A . n 
C 2 116 MET 116 558 558 MET MET A . n 
C 2 117 ASP 117 559 559 ASP ASP A . n 
C 2 118 ASN 118 560 560 ASN ASN A . n 
C 2 119 ILE 119 561 561 ILE ILE A . n 
C 2 120 SER 120 562 562 SER SER A . n 
C 2 121 VAL 121 563 563 VAL VAL A . n 
C 2 122 VAL 122 564 564 VAL VAL A . n 
C 2 123 THR 123 565 565 THR THR A . n 
C 2 124 PRO 124 566 566 PRO PRO A . n 
C 2 125 LYS 125 567 567 LYS LYS A . n 
C 2 126 ARG 126 568 568 ARG ARG A . n 
C 2 127 HIS 127 569 569 HIS HIS A . n 
C 2 128 ILE 128 570 570 ILE ILE A . n 
C 2 129 ASP 129 571 571 ASP ASP A . n 
C 2 130 ILE 130 572 572 ILE ILE A . n 
C 2 131 HIS 131 573 573 HIS HIS A . n 
C 2 132 ARG 132 574 574 ARG ARG A . n 
C 2 133 GLY 133 575 ?   ?   ?   A . n 
C 2 134 LYS 134 576 ?   ?   ?   A . n 
# 
loop_
_pdbx_nonpoly_scheme.asym_id 
_pdbx_nonpoly_scheme.entity_id 
_pdbx_nonpoly_scheme.mon_id 
_pdbx_nonpoly_scheme.ndb_seq_num 
_pdbx_nonpoly_scheme.pdb_seq_num 
_pdbx_nonpoly_scheme.auth_seq_num 
_pdbx_nonpoly_scheme.pdb_mon_id 
_pdbx_nonpoly_scheme.auth_mon_id 
_pdbx_nonpoly_scheme.pdb_strand_id 
_pdbx_nonpoly_scheme.pdb_ins_code 
D 3 ZN  1  1500 1500 ZN  ZN  A . 
E 4 HOH 1  13   1    HOH HOH B . 
E 4 HOH 2  14   2    HOH HOH B . 
E 4 HOH 3  15   4    HOH HOH B . 
E 4 HOH 4  16   14   HOH HOH B . 
E 4 HOH 5  17   15   HOH HOH B . 
E 4 HOH 6  18   24   HOH HOH B . 
E 4 HOH 7  19   33   HOH HOH B . 
F 4 HOH 1  25   3    HOH HOH C . 
F 4 HOH 2  26   9    HOH HOH C . 
F 4 HOH 3  27   10   HOH HOH C . 
F 4 HOH 4  28   16   HOH HOH C . 
F 4 HOH 5  29   18   HOH HOH C . 
F 4 HOH 6  30   23   HOH HOH C . 
F 4 HOH 7  31   26   HOH HOH C . 
F 4 HOH 8  32   30   HOH HOH C . 
G 4 HOH 1  5    5    HOH HOH A . 
G 4 HOH 2  6    6    HOH HOH A . 
G 4 HOH 3  7    7    HOH HOH A . 
G 4 HOH 4  8    8    HOH HOH A . 
G 4 HOH 5  11   11   HOH HOH A . 
G 4 HOH 6  12   12   HOH HOH A . 
G 4 HOH 7  13   13   HOH HOH A . 
G 4 HOH 8  17   17   HOH HOH A . 
G 4 HOH 9  19   19   HOH HOH A . 
G 4 HOH 10 20   20   HOH HOH A . 
G 4 HOH 11 21   21   HOH HOH A . 
G 4 HOH 12 22   22   HOH HOH A . 
G 4 HOH 13 25   25   HOH HOH A . 
G 4 HOH 14 27   27   HOH HOH A . 
G 4 HOH 15 28   28   HOH HOH A . 
G 4 HOH 16 29   29   HOH HOH A . 
G 4 HOH 17 31   31   HOH HOH A . 
G 4 HOH 18 32   32   HOH HOH A . 
# 
_pdbx_struct_assembly.id                   1 
_pdbx_struct_assembly.details              author_defined_assembly 
_pdbx_struct_assembly.method_details       ? 
_pdbx_struct_assembly.oligomeric_details   trimeric 
_pdbx_struct_assembly.oligomeric_count     3 
# 
_pdbx_struct_assembly_gen.assembly_id       1 
_pdbx_struct_assembly_gen.oper_expression   1 
_pdbx_struct_assembly_gen.asym_id_list      A,B,C,D,E,F,G 
# 
_pdbx_struct_oper_list.id                   1 
_pdbx_struct_oper_list.type                 'identity operation' 
_pdbx_struct_oper_list.name                 1_555 
_pdbx_struct_oper_list.symmetry_operation   x,y,z 
_pdbx_struct_oper_list.matrix[1][1]         1.0000000000 
_pdbx_struct_oper_list.matrix[1][2]         0.0000000000 
_pdbx_struct_oper_list.matrix[1][3]         0.0000000000 
_pdbx_struct_oper_list.vector[1]            0.0000000000 
_pdbx_struct_oper_list.matrix[2][1]         0.0000000000 
_pdbx_struct_oper_list.matrix[2][2]         1.0000000000 
_pdbx_struct_oper_list.matrix[2][3]         0.0000000000 
_pdbx_struct_oper_list.vector[2]            0.0000000000 
_pdbx_struct_oper_list.matrix[3][1]         0.0000000000 
_pdbx_struct_oper_list.matrix[3][2]         0.0000000000 
_pdbx_struct_oper_list.matrix[3][3]         1.0000000000 
_pdbx_struct_oper_list.vector[3]            0.0000000000 
# 
loop_
_pdbx_struct_conn_angle.id 
_pdbx_struct_conn_angle.ptnr1_label_atom_id 
_pdbx_struct_conn_angle.ptnr1_label_alt_id 
_pdbx_struct_conn_angle.ptnr1_label_asym_id 
_pdbx_struct_conn_angle.ptnr1_label_comp_id 
_pdbx_struct_conn_angle.ptnr1_label_seq_id 
_pdbx_struct_conn_angle.ptnr1_auth_atom_id 
_pdbx_struct_conn_angle.ptnr1_auth_asym_id 
_pdbx_struct_conn_angle.ptnr1_auth_comp_id 
_pdbx_struct_conn_angle.ptnr1_auth_seq_id 
_pdbx_struct_conn_angle.ptnr1_PDB_ins_code 
_pdbx_struct_conn_angle.ptnr1_symmetry 
_pdbx_struct_conn_angle.ptnr2_label_atom_id 
_pdbx_struct_conn_angle.ptnr2_label_alt_id 
_pdbx_struct_conn_angle.ptnr2_label_asym_id 
_pdbx_struct_conn_angle.ptnr2_label_comp_id 
_pdbx_struct_conn_angle.ptnr2_label_seq_id 
_pdbx_struct_conn_angle.ptnr2_auth_atom_id 
_pdbx_struct_conn_angle.ptnr2_auth_asym_id 
_pdbx_struct_conn_angle.ptnr2_auth_comp_id 
_pdbx_struct_conn_angle.ptnr2_auth_seq_id 
_pdbx_struct_conn_angle.ptnr2_PDB_ins_code 
_pdbx_struct_conn_angle.ptnr2_symmetry 
_pdbx_struct_conn_angle.ptnr3_label_atom_id 
_pdbx_struct_conn_angle.ptnr3_label_alt_id 
_pdbx_struct_conn_angle.ptnr3_label_asym_id 
_pdbx_struct_conn_angle.ptnr3_label_comp_id 
_pdbx_struct_conn_angle.ptnr3_label_seq_id 
_pdbx_struct_conn_angle.ptnr3_auth_atom_id 
_pdbx_struct_conn_angle.ptnr3_auth_asym_id 
_pdbx_struct_conn_angle.ptnr3_auth_comp_id 
_pdbx_struct_conn_angle.ptnr3_auth_seq_id 
_pdbx_struct_conn_angle.ptnr3_PDB_ins_code 
_pdbx_struct_conn_angle.ptnr3_symmetry 
_pdbx_struct_conn_angle.value 
_pdbx_struct_conn_angle.value_esd 
1 OP1 ? A DA  5   ? B DA  5   ? 1_555 ZN ? D ZN . ? A ZN 1500 ? 1_555 ND1 ? C HIS 102 ? A HIS 544 ? 1_555 114.2 ? 
2 OP1 ? A DA  5   ? B DA  5   ? 1_555 ZN ? D ZN . ? A ZN 1500 ? 1_555 NE2 ? C HIS 127 ? A HIS 569 ? 1_555 110.5 ? 
3 ND1 ? C HIS 102 ? A HIS 544 ? 1_555 ZN ? D ZN . ? A ZN 1500 ? 1_555 NE2 ? C HIS 127 ? A HIS 569 ? 1_555 108.0 ? 
4 OP1 ? A DA  5   ? B DA  5   ? 1_555 ZN ? D ZN . ? A ZN 1500 ? 1_555 NE2 ? C HIS 131 ? A HIS 573 ? 1_555 110.1 ? 
5 ND1 ? C HIS 102 ? A HIS 544 ? 1_555 ZN ? D ZN . ? A ZN 1500 ? 1_555 NE2 ? C HIS 131 ? A HIS 573 ? 1_555 110.1 ? 
6 NE2 ? C HIS 127 ? A HIS 569 ? 1_555 ZN ? D ZN . ? A ZN 1500 ? 1_555 NE2 ? C HIS 131 ? A HIS 573 ? 1_555 103.4 ? 
# 
loop_
_pdbx_audit_revision_history.ordinal 
_pdbx_audit_revision_history.data_content_type 
_pdbx_audit_revision_history.major_revision 
_pdbx_audit_revision_history.minor_revision 
_pdbx_audit_revision_history.revision_date 
1 'Structure model' 1 0 2006-03-14 
2 'Structure model' 1 1 2008-04-30 
3 'Structure model' 1 2 2011-07-13 
4 'Structure model' 1 3 2021-11-10 
5 'Structure model' 1 4 2023-10-25 
# 
_pdbx_audit_revision_details.ordinal             1 
_pdbx_audit_revision_details.revision_ordinal    1 
_pdbx_audit_revision_details.data_content_type   'Structure model' 
_pdbx_audit_revision_details.provider            repository 
_pdbx_audit_revision_details.type                'Initial release' 
_pdbx_audit_revision_details.description         ? 
_pdbx_audit_revision_details.details             ? 
# 
loop_
_pdbx_audit_revision_group.ordinal 
_pdbx_audit_revision_group.revision_ordinal 
_pdbx_audit_revision_group.data_content_type 
_pdbx_audit_revision_group.group 
1 2 'Structure model' 'Version format compliance' 
2 3 'Structure model' 'Source and taxonomy'       
3 3 'Structure model' 'Version format compliance' 
4 4 'Structure model' 'Database references'       
5 4 'Structure model' 'Derived calculations'      
6 5 'Structure model' 'Data collection'           
7 5 'Structure model' 'Refinement description'    
# 
loop_
_pdbx_audit_revision_category.ordinal 
_pdbx_audit_revision_category.revision_ordinal 
_pdbx_audit_revision_category.data_content_type 
_pdbx_audit_revision_category.category 
1 4 'Structure model' database_2                    
2 4 'Structure model' pdbx_struct_conn_angle        
3 4 'Structure model' struct_conn                   
4 4 'Structure model' struct_ref_seq_dif            
5 4 'Structure model' struct_site                   
6 5 'Structure model' chem_comp_atom                
7 5 'Structure model' chem_comp_bond                
8 5 'Structure model' pdbx_initial_refinement_model 
# 
loop_
_pdbx_audit_revision_item.ordinal 
_pdbx_audit_revision_item.revision_ordinal 
_pdbx_audit_revision_item.data_content_type 
_pdbx_audit_revision_item.item 
1  4 'Structure model' '_database_2.pdbx_DOI'                        
2  4 'Structure model' '_database_2.pdbx_database_accession'         
3  4 'Structure model' '_pdbx_struct_conn_angle.ptnr1_auth_asym_id'  
4  4 'Structure model' '_pdbx_struct_conn_angle.ptnr1_auth_comp_id'  
5  4 'Structure model' '_pdbx_struct_conn_angle.ptnr1_auth_seq_id'   
6  4 'Structure model' '_pdbx_struct_conn_angle.ptnr1_label_asym_id' 
7  4 'Structure model' '_pdbx_struct_conn_angle.ptnr1_label_atom_id' 
8  4 'Structure model' '_pdbx_struct_conn_angle.ptnr1_label_comp_id' 
9  4 'Structure model' '_pdbx_struct_conn_angle.ptnr1_label_seq_id'  
10 4 'Structure model' '_pdbx_struct_conn_angle.ptnr3_auth_asym_id'  
11 4 'Structure model' '_pdbx_struct_conn_angle.ptnr3_auth_comp_id'  
12 4 'Structure model' '_pdbx_struct_conn_angle.ptnr3_auth_seq_id'   
13 4 'Structure model' '_pdbx_struct_conn_angle.ptnr3_label_asym_id' 
14 4 'Structure model' '_pdbx_struct_conn_angle.ptnr3_label_atom_id' 
15 4 'Structure model' '_pdbx_struct_conn_angle.ptnr3_label_comp_id' 
16 4 'Structure model' '_pdbx_struct_conn_angle.ptnr3_label_seq_id'  
17 4 'Structure model' '_pdbx_struct_conn_angle.value'               
18 4 'Structure model' '_struct_conn.pdbx_dist_value'                
19 4 'Structure model' '_struct_conn.ptnr1_auth_asym_id'             
20 4 'Structure model' '_struct_conn.ptnr1_auth_comp_id'             
21 4 'Structure model' '_struct_conn.ptnr1_auth_seq_id'              
22 4 'Structure model' '_struct_conn.ptnr1_label_asym_id'            
23 4 'Structure model' '_struct_conn.ptnr1_label_atom_id'            
24 4 'Structure model' '_struct_conn.ptnr1_label_comp_id'            
25 4 'Structure model' '_struct_conn.ptnr1_label_seq_id'             
26 4 'Structure model' '_struct_conn.ptnr2_auth_asym_id'             
27 4 'Structure model' '_struct_conn.ptnr2_auth_comp_id'             
28 4 'Structure model' '_struct_conn.ptnr2_auth_seq_id'              
29 4 'Structure model' '_struct_conn.ptnr2_label_asym_id'            
30 4 'Structure model' '_struct_conn.ptnr2_label_atom_id'            
31 4 'Structure model' '_struct_conn.ptnr2_label_comp_id'            
32 4 'Structure model' '_struct_conn.ptnr2_label_seq_id'             
33 4 'Structure model' '_struct_ref_seq_dif.details'                 
34 4 'Structure model' '_struct_site.pdbx_auth_asym_id'              
35 4 'Structure model' '_struct_site.pdbx_auth_comp_id'              
36 4 'Structure model' '_struct_site.pdbx_auth_seq_id'               
# 
loop_
_software.name 
_software.classification 
_software.version 
_software.citation_id 
_software.pdbx_ordinal 
CNS       refinement       1.1 ? 1 
DENZO     'data reduction' .   ? 2 
SCALEPACK 'data scaling'   .   ? 3 
CNS       phasing          .   ? 4 
# 
_pdbx_validate_close_contact.id               1 
_pdbx_validate_close_contact.PDB_model_num    1 
_pdbx_validate_close_contact.auth_atom_id_1   O4 
_pdbx_validate_close_contact.auth_asym_id_1   B 
_pdbx_validate_close_contact.auth_comp_id_1   DT 
_pdbx_validate_close_contact.auth_seq_id_1    8 
_pdbx_validate_close_contact.PDB_ins_code_1   ? 
_pdbx_validate_close_contact.label_alt_id_1   ? 
_pdbx_validate_close_contact.auth_atom_id_2   O 
_pdbx_validate_close_contact.auth_asym_id_2   B 
_pdbx_validate_close_contact.auth_comp_id_2   HOH 
_pdbx_validate_close_contact.auth_seq_id_2    17 
_pdbx_validate_close_contact.PDB_ins_code_2   ? 
_pdbx_validate_close_contact.label_alt_id_2   ? 
_pdbx_validate_close_contact.dist             2.18 
# 
loop_
_pdbx_validate_rmsd_angle.id 
_pdbx_validate_rmsd_angle.PDB_model_num 
_pdbx_validate_rmsd_angle.auth_atom_id_1 
_pdbx_validate_rmsd_angle.auth_asym_id_1 
_pdbx_validate_rmsd_angle.auth_comp_id_1 
_pdbx_validate_rmsd_angle.auth_seq_id_1 
_pdbx_validate_rmsd_angle.PDB_ins_code_1 
_pdbx_validate_rmsd_angle.label_alt_id_1 
_pdbx_validate_rmsd_angle.auth_atom_id_2 
_pdbx_validate_rmsd_angle.auth_asym_id_2 
_pdbx_validate_rmsd_angle.auth_comp_id_2 
_pdbx_validate_rmsd_angle.auth_seq_id_2 
_pdbx_validate_rmsd_angle.PDB_ins_code_2 
_pdbx_validate_rmsd_angle.label_alt_id_2 
_pdbx_validate_rmsd_angle.auth_atom_id_3 
_pdbx_validate_rmsd_angle.auth_asym_id_3 
_pdbx_validate_rmsd_angle.auth_comp_id_3 
_pdbx_validate_rmsd_angle.auth_seq_id_3 
_pdbx_validate_rmsd_angle.PDB_ins_code_3 
_pdbx_validate_rmsd_angle.label_alt_id_3 
_pdbx_validate_rmsd_angle.angle_value 
_pdbx_validate_rmsd_angle.angle_target_value 
_pdbx_validate_rmsd_angle.angle_deviation 
_pdbx_validate_rmsd_angle.angle_standard_deviation 
_pdbx_validate_rmsd_angle.linker_flag 
1 1 "O4'" B DC 1  ? ? "C1'" B DC 1  ? ? N1 B DC 1  ? ? 110.34 108.30 2.04 0.30 N 
2 1 "O4'" B DG 12 ? ? "C1'" B DG 12 ? ? N9 B DG 12 ? ? 110.36 108.30 2.06 0.30 N 
3 1 "O4'" C DG 15 ? ? "C1'" C DG 15 ? ? N9 C DG 15 ? ? 110.57 108.30 2.27 0.30 N 
# 
loop_
_pdbx_validate_torsion.id 
_pdbx_validate_torsion.PDB_model_num 
_pdbx_validate_torsion.auth_comp_id 
_pdbx_validate_torsion.auth_asym_id 
_pdbx_validate_torsion.auth_seq_id 
_pdbx_validate_torsion.PDB_ins_code 
_pdbx_validate_torsion.label_alt_id 
_pdbx_validate_torsion.phi 
_pdbx_validate_torsion.psi 
1 1 LYS A 456 ? ? 69.79   108.13  
2 1 LYS A 458 ? ? 57.16   116.47  
3 1 ASN A 461 ? ? -118.88 -150.20 
4 1 ASP A 471 ? ? 55.90   -129.06 
5 1 MET A 558 ? ? -48.36  -10.56  
# 
loop_
_pdbx_validate_planes.id 
_pdbx_validate_planes.PDB_model_num 
_pdbx_validate_planes.auth_comp_id 
_pdbx_validate_planes.auth_asym_id 
_pdbx_validate_planes.auth_seq_id 
_pdbx_validate_planes.PDB_ins_code 
_pdbx_validate_planes.label_alt_id 
_pdbx_validate_planes.rmsd 
_pdbx_validate_planes.type 
1 1 DC B 1  ? ? 0.087 'SIDE CHAIN' 
2 1 DG B 4  ? ? 0.073 'SIDE CHAIN' 
3 1 DA B 5  ? ? 0.058 'SIDE CHAIN' 
4 1 DC B 9  ? ? 0.061 'SIDE CHAIN' 
5 1 DG B 12 ? ? 0.102 'SIDE CHAIN' 
# 
loop_
_pdbx_unobs_or_zero_occ_residues.id 
_pdbx_unobs_or_zero_occ_residues.PDB_model_num 
_pdbx_unobs_or_zero_occ_residues.polymer_flag 
_pdbx_unobs_or_zero_occ_residues.occupancy_flag 
_pdbx_unobs_or_zero_occ_residues.auth_asym_id 
_pdbx_unobs_or_zero_occ_residues.auth_comp_id 
_pdbx_unobs_or_zero_occ_residues.auth_seq_id 
_pdbx_unobs_or_zero_occ_residues.PDB_ins_code 
_pdbx_unobs_or_zero_occ_residues.label_asym_id 
_pdbx_unobs_or_zero_occ_residues.label_comp_id 
_pdbx_unobs_or_zero_occ_residues.label_seq_id 
1  1 Y 1 A MET 443 ? C MET 1   
2  1 Y 1 A GLU 444 ? C GLU 2   
3  1 Y 1 A SER 445 ? C SER 3   
4  1 Y 1 A LYS 446 ? C LYS 4   
5  1 Y 1 A ARG 447 ? C ARG 5   
6  1 Y 1 A ASN 448 ? C ASN 6   
7  1 Y 1 A LYS 449 ? C LYS 7   
8  1 Y 1 A PRO 548 ? C PRO 106 
9  1 Y 1 A ILE 549 ? C ILE 107 
10 1 Y 1 A SER 550 ? C SER 108 
11 1 Y 1 A GLN 551 ? C GLN 109 
12 1 Y 1 A ASN 552 ? C ASN 110 
13 1 Y 1 A GLY 553 ? C GLY 111 
14 1 Y 1 A GLY 554 ? C GLY 112 
15 1 Y 1 A GLY 575 ? C GLY 133 
16 1 Y 1 A LYS 576 ? C LYS 134 
# 
loop_
_chem_comp_atom.comp_id 
_chem_comp_atom.atom_id 
_chem_comp_atom.type_symbol 
_chem_comp_atom.pdbx_aromatic_flag 
_chem_comp_atom.pdbx_stereo_config 
_chem_comp_atom.pdbx_ordinal 
ALA N      N  N N 1   
ALA CA     C  N S 2   
ALA C      C  N N 3   
ALA O      O  N N 4   
ALA CB     C  N N 5   
ALA OXT    O  N N 6   
ALA H      H  N N 7   
ALA H2     H  N N 8   
ALA HA     H  N N 9   
ALA HB1    H  N N 10  
ALA HB2    H  N N 11  
ALA HB3    H  N N 12  
ALA HXT    H  N N 13  
ARG N      N  N N 14  
ARG CA     C  N S 15  
ARG C      C  N N 16  
ARG O      O  N N 17  
ARG CB     C  N N 18  
ARG CG     C  N N 19  
ARG CD     C  N N 20  
ARG NE     N  N N 21  
ARG CZ     C  N N 22  
ARG NH1    N  N N 23  
ARG NH2    N  N N 24  
ARG OXT    O  N N 25  
ARG H      H  N N 26  
ARG H2     H  N N 27  
ARG HA     H  N N 28  
ARG HB2    H  N N 29  
ARG HB3    H  N N 30  
ARG HG2    H  N N 31  
ARG HG3    H  N N 32  
ARG HD2    H  N N 33  
ARG HD3    H  N N 34  
ARG HE     H  N N 35  
ARG HH11   H  N N 36  
ARG HH12   H  N N 37  
ARG HH21   H  N N 38  
ARG HH22   H  N N 39  
ARG HXT    H  N N 40  
ASN N      N  N N 41  
ASN CA     C  N S 42  
ASN C      C  N N 43  
ASN O      O  N N 44  
ASN CB     C  N N 45  
ASN CG     C  N N 46  
ASN OD1    O  N N 47  
ASN ND2    N  N N 48  
ASN OXT    O  N N 49  
ASN H      H  N N 50  
ASN H2     H  N N 51  
ASN HA     H  N N 52  
ASN HB2    H  N N 53  
ASN HB3    H  N N 54  
ASN HD21   H  N N 55  
ASN HD22   H  N N 56  
ASN HXT    H  N N 57  
ASP N      N  N N 58  
ASP CA     C  N S 59  
ASP C      C  N N 60  
ASP O      O  N N 61  
ASP CB     C  N N 62  
ASP CG     C  N N 63  
ASP OD1    O  N N 64  
ASP OD2    O  N N 65  
ASP OXT    O  N N 66  
ASP H      H  N N 67  
ASP H2     H  N N 68  
ASP HA     H  N N 69  
ASP HB2    H  N N 70  
ASP HB3    H  N N 71  
ASP HD2    H  N N 72  
ASP HXT    H  N N 73  
DA  OP3    O  N N 74  
DA  P      P  N N 75  
DA  OP1    O  N N 76  
DA  OP2    O  N N 77  
DA  "O5'"  O  N N 78  
DA  "C5'"  C  N N 79  
DA  "C4'"  C  N R 80  
DA  "O4'"  O  N N 81  
DA  "C3'"  C  N S 82  
DA  "O3'"  O  N N 83  
DA  "C2'"  C  N N 84  
DA  "C1'"  C  N R 85  
DA  N9     N  Y N 86  
DA  C8     C  Y N 87  
DA  N7     N  Y N 88  
DA  C5     C  Y N 89  
DA  C6     C  Y N 90  
DA  N6     N  N N 91  
DA  N1     N  Y N 92  
DA  C2     C  Y N 93  
DA  N3     N  Y N 94  
DA  C4     C  Y N 95  
DA  HOP3   H  N N 96  
DA  HOP2   H  N N 97  
DA  "H5'"  H  N N 98  
DA  "H5''" H  N N 99  
DA  "H4'"  H  N N 100 
DA  "H3'"  H  N N 101 
DA  "HO3'" H  N N 102 
DA  "H2'"  H  N N 103 
DA  "H2''" H  N N 104 
DA  "H1'"  H  N N 105 
DA  H8     H  N N 106 
DA  H61    H  N N 107 
DA  H62    H  N N 108 
DA  H2     H  N N 109 
DC  OP3    O  N N 110 
DC  P      P  N N 111 
DC  OP1    O  N N 112 
DC  OP2    O  N N 113 
DC  "O5'"  O  N N 114 
DC  "C5'"  C  N N 115 
DC  "C4'"  C  N R 116 
DC  "O4'"  O  N N 117 
DC  "C3'"  C  N S 118 
DC  "O3'"  O  N N 119 
DC  "C2'"  C  N N 120 
DC  "C1'"  C  N R 121 
DC  N1     N  N N 122 
DC  C2     C  N N 123 
DC  O2     O  N N 124 
DC  N3     N  N N 125 
DC  C4     C  N N 126 
DC  N4     N  N N 127 
DC  C5     C  N N 128 
DC  C6     C  N N 129 
DC  HOP3   H  N N 130 
DC  HOP2   H  N N 131 
DC  "H5'"  H  N N 132 
DC  "H5''" H  N N 133 
DC  "H4'"  H  N N 134 
DC  "H3'"  H  N N 135 
DC  "HO3'" H  N N 136 
DC  "H2'"  H  N N 137 
DC  "H2''" H  N N 138 
DC  "H1'"  H  N N 139 
DC  H41    H  N N 140 
DC  H42    H  N N 141 
DC  H5     H  N N 142 
DC  H6     H  N N 143 
DG  OP3    O  N N 144 
DG  P      P  N N 145 
DG  OP1    O  N N 146 
DG  OP2    O  N N 147 
DG  "O5'"  O  N N 148 
DG  "C5'"  C  N N 149 
DG  "C4'"  C  N R 150 
DG  "O4'"  O  N N 151 
DG  "C3'"  C  N S 152 
DG  "O3'"  O  N N 153 
DG  "C2'"  C  N N 154 
DG  "C1'"  C  N R 155 
DG  N9     N  Y N 156 
DG  C8     C  Y N 157 
DG  N7     N  Y N 158 
DG  C5     C  Y N 159 
DG  C6     C  N N 160 
DG  O6     O  N N 161 
DG  N1     N  N N 162 
DG  C2     C  N N 163 
DG  N2     N  N N 164 
DG  N3     N  N N 165 
DG  C4     C  Y N 166 
DG  HOP3   H  N N 167 
DG  HOP2   H  N N 168 
DG  "H5'"  H  N N 169 
DG  "H5''" H  N N 170 
DG  "H4'"  H  N N 171 
DG  "H3'"  H  N N 172 
DG  "HO3'" H  N N 173 
DG  "H2'"  H  N N 174 
DG  "H2''" H  N N 175 
DG  "H1'"  H  N N 176 
DG  H8     H  N N 177 
DG  H1     H  N N 178 
DG  H21    H  N N 179 
DG  H22    H  N N 180 
DT  OP3    O  N N 181 
DT  P      P  N N 182 
DT  OP1    O  N N 183 
DT  OP2    O  N N 184 
DT  "O5'"  O  N N 185 
DT  "C5'"  C  N N 186 
DT  "C4'"  C  N R 187 
DT  "O4'"  O  N N 188 
DT  "C3'"  C  N S 189 
DT  "O3'"  O  N N 190 
DT  "C2'"  C  N N 191 
DT  "C1'"  C  N R 192 
DT  N1     N  N N 193 
DT  C2     C  N N 194 
DT  O2     O  N N 195 
DT  N3     N  N N 196 
DT  C4     C  N N 197 
DT  O4     O  N N 198 
DT  C5     C  N N 199 
DT  C7     C  N N 200 
DT  C6     C  N N 201 
DT  HOP3   H  N N 202 
DT  HOP2   H  N N 203 
DT  "H5'"  H  N N 204 
DT  "H5''" H  N N 205 
DT  "H4'"  H  N N 206 
DT  "H3'"  H  N N 207 
DT  "HO3'" H  N N 208 
DT  "H2'"  H  N N 209 
DT  "H2''" H  N N 210 
DT  "H1'"  H  N N 211 
DT  H3     H  N N 212 
DT  H71    H  N N 213 
DT  H72    H  N N 214 
DT  H73    H  N N 215 
DT  H6     H  N N 216 
GLN N      N  N N 217 
GLN CA     C  N S 218 
GLN C      C  N N 219 
GLN O      O  N N 220 
GLN CB     C  N N 221 
GLN CG     C  N N 222 
GLN CD     C  N N 223 
GLN OE1    O  N N 224 
GLN NE2    N  N N 225 
GLN OXT    O  N N 226 
GLN H      H  N N 227 
GLN H2     H  N N 228 
GLN HA     H  N N 229 
GLN HB2    H  N N 230 
GLN HB3    H  N N 231 
GLN HG2    H  N N 232 
GLN HG3    H  N N 233 
GLN HE21   H  N N 234 
GLN HE22   H  N N 235 
GLN HXT    H  N N 236 
GLU N      N  N N 237 
GLU CA     C  N S 238 
GLU C      C  N N 239 
GLU O      O  N N 240 
GLU CB     C  N N 241 
GLU CG     C  N N 242 
GLU CD     C  N N 243 
GLU OE1    O  N N 244 
GLU OE2    O  N N 245 
GLU OXT    O  N N 246 
GLU H      H  N N 247 
GLU H2     H  N N 248 
GLU HA     H  N N 249 
GLU HB2    H  N N 250 
GLU HB3    H  N N 251 
GLU HG2    H  N N 252 
GLU HG3    H  N N 253 
GLU HE2    H  N N 254 
GLU HXT    H  N N 255 
GLY N      N  N N 256 
GLY CA     C  N N 257 
GLY C      C  N N 258 
GLY O      O  N N 259 
GLY OXT    O  N N 260 
GLY H      H  N N 261 
GLY H2     H  N N 262 
GLY HA2    H  N N 263 
GLY HA3    H  N N 264 
GLY HXT    H  N N 265 
HIS N      N  N N 266 
HIS CA     C  N S 267 
HIS C      C  N N 268 
HIS O      O  N N 269 
HIS CB     C  N N 270 
HIS CG     C  Y N 271 
HIS ND1    N  Y N 272 
HIS CD2    C  Y N 273 
HIS CE1    C  Y N 274 
HIS NE2    N  Y N 275 
HIS OXT    O  N N 276 
HIS H      H  N N 277 
HIS H2     H  N N 278 
HIS HA     H  N N 279 
HIS HB2    H  N N 280 
HIS HB3    H  N N 281 
HIS HD1    H  N N 282 
HIS HD2    H  N N 283 
HIS HE1    H  N N 284 
HIS HE2    H  N N 285 
HIS HXT    H  N N 286 
HOH O      O  N N 287 
HOH H1     H  N N 288 
HOH H2     H  N N 289 
ILE N      N  N N 290 
ILE CA     C  N S 291 
ILE C      C  N N 292 
ILE O      O  N N 293 
ILE CB     C  N S 294 
ILE CG1    C  N N 295 
ILE CG2    C  N N 296 
ILE CD1    C  N N 297 
ILE OXT    O  N N 298 
ILE H      H  N N 299 
ILE H2     H  N N 300 
ILE HA     H  N N 301 
ILE HB     H  N N 302 
ILE HG12   H  N N 303 
ILE HG13   H  N N 304 
ILE HG21   H  N N 305 
ILE HG22   H  N N 306 
ILE HG23   H  N N 307 
ILE HD11   H  N N 308 
ILE HD12   H  N N 309 
ILE HD13   H  N N 310 
ILE HXT    H  N N 311 
LEU N      N  N N 312 
LEU CA     C  N S 313 
LEU C      C  N N 314 
LEU O      O  N N 315 
LEU CB     C  N N 316 
LEU CG     C  N N 317 
LEU CD1    C  N N 318 
LEU CD2    C  N N 319 
LEU OXT    O  N N 320 
LEU H      H  N N 321 
LEU H2     H  N N 322 
LEU HA     H  N N 323 
LEU HB2    H  N N 324 
LEU HB3    H  N N 325 
LEU HG     H  N N 326 
LEU HD11   H  N N 327 
LEU HD12   H  N N 328 
LEU HD13   H  N N 329 
LEU HD21   H  N N 330 
LEU HD22   H  N N 331 
LEU HD23   H  N N 332 
LEU HXT    H  N N 333 
LYS N      N  N N 334 
LYS CA     C  N S 335 
LYS C      C  N N 336 
LYS O      O  N N 337 
LYS CB     C  N N 338 
LYS CG     C  N N 339 
LYS CD     C  N N 340 
LYS CE     C  N N 341 
LYS NZ     N  N N 342 
LYS OXT    O  N N 343 
LYS H      H  N N 344 
LYS H2     H  N N 345 
LYS HA     H  N N 346 
LYS HB2    H  N N 347 
LYS HB3    H  N N 348 
LYS HG2    H  N N 349 
LYS HG3    H  N N 350 
LYS HD2    H  N N 351 
LYS HD3    H  N N 352 
LYS HE2    H  N N 353 
LYS HE3    H  N N 354 
LYS HZ1    H  N N 355 
LYS HZ2    H  N N 356 
LYS HZ3    H  N N 357 
LYS HXT    H  N N 358 
MET N      N  N N 359 
MET CA     C  N S 360 
MET C      C  N N 361 
MET O      O  N N 362 
MET CB     C  N N 363 
MET CG     C  N N 364 
MET SD     S  N N 365 
MET CE     C  N N 366 
MET OXT    O  N N 367 
MET H      H  N N 368 
MET H2     H  N N 369 
MET HA     H  N N 370 
MET HB2    H  N N 371 
MET HB3    H  N N 372 
MET HG2    H  N N 373 
MET HG3    H  N N 374 
MET HE1    H  N N 375 
MET HE2    H  N N 376 
MET HE3    H  N N 377 
MET HXT    H  N N 378 
PHE N      N  N N 379 
PHE CA     C  N S 380 
PHE C      C  N N 381 
PHE O      O  N N 382 
PHE CB     C  N N 383 
PHE CG     C  Y N 384 
PHE CD1    C  Y N 385 
PHE CD2    C  Y N 386 
PHE CE1    C  Y N 387 
PHE CE2    C  Y N 388 
PHE CZ     C  Y N 389 
PHE OXT    O  N N 390 
PHE H      H  N N 391 
PHE H2     H  N N 392 
PHE HA     H  N N 393 
PHE HB2    H  N N 394 
PHE HB3    H  N N 395 
PHE HD1    H  N N 396 
PHE HD2    H  N N 397 
PHE HE1    H  N N 398 
PHE HE2    H  N N 399 
PHE HZ     H  N N 400 
PHE HXT    H  N N 401 
PRO N      N  N N 402 
PRO CA     C  N S 403 
PRO C      C  N N 404 
PRO O      O  N N 405 
PRO CB     C  N N 406 
PRO CG     C  N N 407 
PRO CD     C  N N 408 
PRO OXT    O  N N 409 
PRO H      H  N N 410 
PRO HA     H  N N 411 
PRO HB2    H  N N 412 
PRO HB3    H  N N 413 
PRO HG2    H  N N 414 
PRO HG3    H  N N 415 
PRO HD2    H  N N 416 
PRO HD3    H  N N 417 
PRO HXT    H  N N 418 
SER N      N  N N 419 
SER CA     C  N S 420 
SER C      C  N N 421 
SER O      O  N N 422 
SER CB     C  N N 423 
SER OG     O  N N 424 
SER OXT    O  N N 425 
SER H      H  N N 426 
SER H2     H  N N 427 
SER HA     H  N N 428 
SER HB2    H  N N 429 
SER HB3    H  N N 430 
SER HG     H  N N 431 
SER HXT    H  N N 432 
THR N      N  N N 433 
THR CA     C  N S 434 
THR C      C  N N 435 
THR O      O  N N 436 
THR CB     C  N R 437 
THR OG1    O  N N 438 
THR CG2    C  N N 439 
THR OXT    O  N N 440 
THR H      H  N N 441 
THR H2     H  N N 442 
THR HA     H  N N 443 
THR HB     H  N N 444 
THR HG1    H  N N 445 
THR HG21   H  N N 446 
THR HG22   H  N N 447 
THR HG23   H  N N 448 
THR HXT    H  N N 449 
TRP N      N  N N 450 
TRP CA     C  N S 451 
TRP C      C  N N 452 
TRP O      O  N N 453 
TRP CB     C  N N 454 
TRP CG     C  Y N 455 
TRP CD1    C  Y N 456 
TRP CD2    C  Y N 457 
TRP NE1    N  Y N 458 
TRP CE2    C  Y N 459 
TRP CE3    C  Y N 460 
TRP CZ2    C  Y N 461 
TRP CZ3    C  Y N 462 
TRP CH2    C  Y N 463 
TRP OXT    O  N N 464 
TRP H      H  N N 465 
TRP H2     H  N N 466 
TRP HA     H  N N 467 
TRP HB2    H  N N 468 
TRP HB3    H  N N 469 
TRP HD1    H  N N 470 
TRP HE1    H  N N 471 
TRP HE3    H  N N 472 
TRP HZ2    H  N N 473 
TRP HZ3    H  N N 474 
TRP HH2    H  N N 475 
TRP HXT    H  N N 476 
TYR N      N  N N 477 
TYR CA     C  N S 478 
TYR C      C  N N 479 
TYR O      O  N N 480 
TYR CB     C  N N 481 
TYR CG     C  Y N 482 
TYR CD1    C  Y N 483 
TYR CD2    C  Y N 484 
TYR CE1    C  Y N 485 
TYR CE2    C  Y N 486 
TYR CZ     C  Y N 487 
TYR OH     O  N N 488 
TYR OXT    O  N N 489 
TYR H      H  N N 490 
TYR H2     H  N N 491 
TYR HA     H  N N 492 
TYR HB2    H  N N 493 
TYR HB3    H  N N 494 
TYR HD1    H  N N 495 
TYR HD2    H  N N 496 
TYR HE1    H  N N 497 
TYR HE2    H  N N 498 
TYR HH     H  N N 499 
TYR HXT    H  N N 500 
VAL N      N  N N 501 
VAL CA     C  N S 502 
VAL C      C  N N 503 
VAL O      O  N N 504 
VAL CB     C  N N 505 
VAL CG1    C  N N 506 
VAL CG2    C  N N 507 
VAL OXT    O  N N 508 
VAL H      H  N N 509 
VAL H2     H  N N 510 
VAL HA     H  N N 511 
VAL HB     H  N N 512 
VAL HG11   H  N N 513 
VAL HG12   H  N N 514 
VAL HG13   H  N N 515 
VAL HG21   H  N N 516 
VAL HG22   H  N N 517 
VAL HG23   H  N N 518 
VAL HXT    H  N N 519 
ZN  ZN     ZN N N 520 
# 
loop_
_chem_comp_bond.comp_id 
_chem_comp_bond.atom_id_1 
_chem_comp_bond.atom_id_2 
_chem_comp_bond.value_order 
_chem_comp_bond.pdbx_aromatic_flag 
_chem_comp_bond.pdbx_stereo_config 
_chem_comp_bond.pdbx_ordinal 
ALA N     CA     sing N N 1   
ALA N     H      sing N N 2   
ALA N     H2     sing N N 3   
ALA CA    C      sing N N 4   
ALA CA    CB     sing N N 5   
ALA CA    HA     sing N N 6   
ALA C     O      doub N N 7   
ALA C     OXT    sing N N 8   
ALA CB    HB1    sing N N 9   
ALA CB    HB2    sing N N 10  
ALA CB    HB3    sing N N 11  
ALA OXT   HXT    sing N N 12  
ARG N     CA     sing N N 13  
ARG N     H      sing N N 14  
ARG N     H2     sing N N 15  
ARG CA    C      sing N N 16  
ARG CA    CB     sing N N 17  
ARG CA    HA     sing N N 18  
ARG C     O      doub N N 19  
ARG C     OXT    sing N N 20  
ARG CB    CG     sing N N 21  
ARG CB    HB2    sing N N 22  
ARG CB    HB3    sing N N 23  
ARG CG    CD     sing N N 24  
ARG CG    HG2    sing N N 25  
ARG CG    HG3    sing N N 26  
ARG CD    NE     sing N N 27  
ARG CD    HD2    sing N N 28  
ARG CD    HD3    sing N N 29  
ARG NE    CZ     sing N N 30  
ARG NE    HE     sing N N 31  
ARG CZ    NH1    sing N N 32  
ARG CZ    NH2    doub N N 33  
ARG NH1   HH11   sing N N 34  
ARG NH1   HH12   sing N N 35  
ARG NH2   HH21   sing N N 36  
ARG NH2   HH22   sing N N 37  
ARG OXT   HXT    sing N N 38  
ASN N     CA     sing N N 39  
ASN N     H      sing N N 40  
ASN N     H2     sing N N 41  
ASN CA    C      sing N N 42  
ASN CA    CB     sing N N 43  
ASN CA    HA     sing N N 44  
ASN C     O      doub N N 45  
ASN C     OXT    sing N N 46  
ASN CB    CG     sing N N 47  
ASN CB    HB2    sing N N 48  
ASN CB    HB3    sing N N 49  
ASN CG    OD1    doub N N 50  
ASN CG    ND2    sing N N 51  
ASN ND2   HD21   sing N N 52  
ASN ND2   HD22   sing N N 53  
ASN OXT   HXT    sing N N 54  
ASP N     CA     sing N N 55  
ASP N     H      sing N N 56  
ASP N     H2     sing N N 57  
ASP CA    C      sing N N 58  
ASP CA    CB     sing N N 59  
ASP CA    HA     sing N N 60  
ASP C     O      doub N N 61  
ASP C     OXT    sing N N 62  
ASP CB    CG     sing N N 63  
ASP CB    HB2    sing N N 64  
ASP CB    HB3    sing N N 65  
ASP CG    OD1    doub N N 66  
ASP CG    OD2    sing N N 67  
ASP OD2   HD2    sing N N 68  
ASP OXT   HXT    sing N N 69  
DA  OP3   P      sing N N 70  
DA  OP3   HOP3   sing N N 71  
DA  P     OP1    doub N N 72  
DA  P     OP2    sing N N 73  
DA  P     "O5'"  sing N N 74  
DA  OP2   HOP2   sing N N 75  
DA  "O5'" "C5'"  sing N N 76  
DA  "C5'" "C4'"  sing N N 77  
DA  "C5'" "H5'"  sing N N 78  
DA  "C5'" "H5''" sing N N 79  
DA  "C4'" "O4'"  sing N N 80  
DA  "C4'" "C3'"  sing N N 81  
DA  "C4'" "H4'"  sing N N 82  
DA  "O4'" "C1'"  sing N N 83  
DA  "C3'" "O3'"  sing N N 84  
DA  "C3'" "C2'"  sing N N 85  
DA  "C3'" "H3'"  sing N N 86  
DA  "O3'" "HO3'" sing N N 87  
DA  "C2'" "C1'"  sing N N 88  
DA  "C2'" "H2'"  sing N N 89  
DA  "C2'" "H2''" sing N N 90  
DA  "C1'" N9     sing N N 91  
DA  "C1'" "H1'"  sing N N 92  
DA  N9    C8     sing Y N 93  
DA  N9    C4     sing Y N 94  
DA  C8    N7     doub Y N 95  
DA  C8    H8     sing N N 96  
DA  N7    C5     sing Y N 97  
DA  C5    C6     sing Y N 98  
DA  C5    C4     doub Y N 99  
DA  C6    N6     sing N N 100 
DA  C6    N1     doub Y N 101 
DA  N6    H61    sing N N 102 
DA  N6    H62    sing N N 103 
DA  N1    C2     sing Y N 104 
DA  C2    N3     doub Y N 105 
DA  C2    H2     sing N N 106 
DA  N3    C4     sing Y N 107 
DC  OP3   P      sing N N 108 
DC  OP3   HOP3   sing N N 109 
DC  P     OP1    doub N N 110 
DC  P     OP2    sing N N 111 
DC  P     "O5'"  sing N N 112 
DC  OP2   HOP2   sing N N 113 
DC  "O5'" "C5'"  sing N N 114 
DC  "C5'" "C4'"  sing N N 115 
DC  "C5'" "H5'"  sing N N 116 
DC  "C5'" "H5''" sing N N 117 
DC  "C4'" "O4'"  sing N N 118 
DC  "C4'" "C3'"  sing N N 119 
DC  "C4'" "H4'"  sing N N 120 
DC  "O4'" "C1'"  sing N N 121 
DC  "C3'" "O3'"  sing N N 122 
DC  "C3'" "C2'"  sing N N 123 
DC  "C3'" "H3'"  sing N N 124 
DC  "O3'" "HO3'" sing N N 125 
DC  "C2'" "C1'"  sing N N 126 
DC  "C2'" "H2'"  sing N N 127 
DC  "C2'" "H2''" sing N N 128 
DC  "C1'" N1     sing N N 129 
DC  "C1'" "H1'"  sing N N 130 
DC  N1    C2     sing N N 131 
DC  N1    C6     sing N N 132 
DC  C2    O2     doub N N 133 
DC  C2    N3     sing N N 134 
DC  N3    C4     doub N N 135 
DC  C4    N4     sing N N 136 
DC  C4    C5     sing N N 137 
DC  N4    H41    sing N N 138 
DC  N4    H42    sing N N 139 
DC  C5    C6     doub N N 140 
DC  C5    H5     sing N N 141 
DC  C6    H6     sing N N 142 
DG  OP3   P      sing N N 143 
DG  OP3   HOP3   sing N N 144 
DG  P     OP1    doub N N 145 
DG  P     OP2    sing N N 146 
DG  P     "O5'"  sing N N 147 
DG  OP2   HOP2   sing N N 148 
DG  "O5'" "C5'"  sing N N 149 
DG  "C5'" "C4'"  sing N N 150 
DG  "C5'" "H5'"  sing N N 151 
DG  "C5'" "H5''" sing N N 152 
DG  "C4'" "O4'"  sing N N 153 
DG  "C4'" "C3'"  sing N N 154 
DG  "C4'" "H4'"  sing N N 155 
DG  "O4'" "C1'"  sing N N 156 
DG  "C3'" "O3'"  sing N N 157 
DG  "C3'" "C2'"  sing N N 158 
DG  "C3'" "H3'"  sing N N 159 
DG  "O3'" "HO3'" sing N N 160 
DG  "C2'" "C1'"  sing N N 161 
DG  "C2'" "H2'"  sing N N 162 
DG  "C2'" "H2''" sing N N 163 
DG  "C1'" N9     sing N N 164 
DG  "C1'" "H1'"  sing N N 165 
DG  N9    C8     sing Y N 166 
DG  N9    C4     sing Y N 167 
DG  C8    N7     doub Y N 168 
DG  C8    H8     sing N N 169 
DG  N7    C5     sing Y N 170 
DG  C5    C6     sing N N 171 
DG  C5    C4     doub Y N 172 
DG  C6    O6     doub N N 173 
DG  C6    N1     sing N N 174 
DG  N1    C2     sing N N 175 
DG  N1    H1     sing N N 176 
DG  C2    N2     sing N N 177 
DG  C2    N3     doub N N 178 
DG  N2    H21    sing N N 179 
DG  N2    H22    sing N N 180 
DG  N3    C4     sing N N 181 
DT  OP3   P      sing N N 182 
DT  OP3   HOP3   sing N N 183 
DT  P     OP1    doub N N 184 
DT  P     OP2    sing N N 185 
DT  P     "O5'"  sing N N 186 
DT  OP2   HOP2   sing N N 187 
DT  "O5'" "C5'"  sing N N 188 
DT  "C5'" "C4'"  sing N N 189 
DT  "C5'" "H5'"  sing N N 190 
DT  "C5'" "H5''" sing N N 191 
DT  "C4'" "O4'"  sing N N 192 
DT  "C4'" "C3'"  sing N N 193 
DT  "C4'" "H4'"  sing N N 194 
DT  "O4'" "C1'"  sing N N 195 
DT  "C3'" "O3'"  sing N N 196 
DT  "C3'" "C2'"  sing N N 197 
DT  "C3'" "H3'"  sing N N 198 
DT  "O3'" "HO3'" sing N N 199 
DT  "C2'" "C1'"  sing N N 200 
DT  "C2'" "H2'"  sing N N 201 
DT  "C2'" "H2''" sing N N 202 
DT  "C1'" N1     sing N N 203 
DT  "C1'" "H1'"  sing N N 204 
DT  N1    C2     sing N N 205 
DT  N1    C6     sing N N 206 
DT  C2    O2     doub N N 207 
DT  C2    N3     sing N N 208 
DT  N3    C4     sing N N 209 
DT  N3    H3     sing N N 210 
DT  C4    O4     doub N N 211 
DT  C4    C5     sing N N 212 
DT  C5    C7     sing N N 213 
DT  C5    C6     doub N N 214 
DT  C7    H71    sing N N 215 
DT  C7    H72    sing N N 216 
DT  C7    H73    sing N N 217 
DT  C6    H6     sing N N 218 
GLN N     CA     sing N N 219 
GLN N     H      sing N N 220 
GLN N     H2     sing N N 221 
GLN CA    C      sing N N 222 
GLN CA    CB     sing N N 223 
GLN CA    HA     sing N N 224 
GLN C     O      doub N N 225 
GLN C     OXT    sing N N 226 
GLN CB    CG     sing N N 227 
GLN CB    HB2    sing N N 228 
GLN CB    HB3    sing N N 229 
GLN CG    CD     sing N N 230 
GLN CG    HG2    sing N N 231 
GLN CG    HG3    sing N N 232 
GLN CD    OE1    doub N N 233 
GLN CD    NE2    sing N N 234 
GLN NE2   HE21   sing N N 235 
GLN NE2   HE22   sing N N 236 
GLN OXT   HXT    sing N N 237 
GLU N     CA     sing N N 238 
GLU N     H      sing N N 239 
GLU N     H2     sing N N 240 
GLU CA    C      sing N N 241 
GLU CA    CB     sing N N 242 
GLU CA    HA     sing N N 243 
GLU C     O      doub N N 244 
GLU C     OXT    sing N N 245 
GLU CB    CG     sing N N 246 
GLU CB    HB2    sing N N 247 
GLU CB    HB3    sing N N 248 
GLU CG    CD     sing N N 249 
GLU CG    HG2    sing N N 250 
GLU CG    HG3    sing N N 251 
GLU CD    OE1    doub N N 252 
GLU CD    OE2    sing N N 253 
GLU OE2   HE2    sing N N 254 
GLU OXT   HXT    sing N N 255 
GLY N     CA     sing N N 256 
GLY N     H      sing N N 257 
GLY N     H2     sing N N 258 
GLY CA    C      sing N N 259 
GLY CA    HA2    sing N N 260 
GLY CA    HA3    sing N N 261 
GLY C     O      doub N N 262 
GLY C     OXT    sing N N 263 
GLY OXT   HXT    sing N N 264 
HIS N     CA     sing N N 265 
HIS N     H      sing N N 266 
HIS N     H2     sing N N 267 
HIS CA    C      sing N N 268 
HIS CA    CB     sing N N 269 
HIS CA    HA     sing N N 270 
HIS C     O      doub N N 271 
HIS C     OXT    sing N N 272 
HIS CB    CG     sing N N 273 
HIS CB    HB2    sing N N 274 
HIS CB    HB3    sing N N 275 
HIS CG    ND1    sing Y N 276 
HIS CG    CD2    doub Y N 277 
HIS ND1   CE1    doub Y N 278 
HIS ND1   HD1    sing N N 279 
HIS CD2   NE2    sing Y N 280 
HIS CD2   HD2    sing N N 281 
HIS CE1   NE2    sing Y N 282 
HIS CE1   HE1    sing N N 283 
HIS NE2   HE2    sing N N 284 
HIS OXT   HXT    sing N N 285 
HOH O     H1     sing N N 286 
HOH O     H2     sing N N 287 
ILE N     CA     sing N N 288 
ILE N     H      sing N N 289 
ILE N     H2     sing N N 290 
ILE CA    C      sing N N 291 
ILE CA    CB     sing N N 292 
ILE CA    HA     sing N N 293 
ILE C     O      doub N N 294 
ILE C     OXT    sing N N 295 
ILE CB    CG1    sing N N 296 
ILE CB    CG2    sing N N 297 
ILE CB    HB     sing N N 298 
ILE CG1   CD1    sing N N 299 
ILE CG1   HG12   sing N N 300 
ILE CG1   HG13   sing N N 301 
ILE CG2   HG21   sing N N 302 
ILE CG2   HG22   sing N N 303 
ILE CG2   HG23   sing N N 304 
ILE CD1   HD11   sing N N 305 
ILE CD1   HD12   sing N N 306 
ILE CD1   HD13   sing N N 307 
ILE OXT   HXT    sing N N 308 
LEU N     CA     sing N N 309 
LEU N     H      sing N N 310 
LEU N     H2     sing N N 311 
LEU CA    C      sing N N 312 
LEU CA    CB     sing N N 313 
LEU CA    HA     sing N N 314 
LEU C     O      doub N N 315 
LEU C     OXT    sing N N 316 
LEU CB    CG     sing N N 317 
LEU CB    HB2    sing N N 318 
LEU CB    HB3    sing N N 319 
LEU CG    CD1    sing N N 320 
LEU CG    CD2    sing N N 321 
LEU CG    HG     sing N N 322 
LEU CD1   HD11   sing N N 323 
LEU CD1   HD12   sing N N 324 
LEU CD1   HD13   sing N N 325 
LEU CD2   HD21   sing N N 326 
LEU CD2   HD22   sing N N 327 
LEU CD2   HD23   sing N N 328 
LEU OXT   HXT    sing N N 329 
LYS N     CA     sing N N 330 
LYS N     H      sing N N 331 
LYS N     H2     sing N N 332 
LYS CA    C      sing N N 333 
LYS CA    CB     sing N N 334 
LYS CA    HA     sing N N 335 
LYS C     O      doub N N 336 
LYS C     OXT    sing N N 337 
LYS CB    CG     sing N N 338 
LYS CB    HB2    sing N N 339 
LYS CB    HB3    sing N N 340 
LYS CG    CD     sing N N 341 
LYS CG    HG2    sing N N 342 
LYS CG    HG3    sing N N 343 
LYS CD    CE     sing N N 344 
LYS CD    HD2    sing N N 345 
LYS CD    HD3    sing N N 346 
LYS CE    NZ     sing N N 347 
LYS CE    HE2    sing N N 348 
LYS CE    HE3    sing N N 349 
LYS NZ    HZ1    sing N N 350 
LYS NZ    HZ2    sing N N 351 
LYS NZ    HZ3    sing N N 352 
LYS OXT   HXT    sing N N 353 
MET N     CA     sing N N 354 
MET N     H      sing N N 355 
MET N     H2     sing N N 356 
MET CA    C      sing N N 357 
MET CA    CB     sing N N 358 
MET CA    HA     sing N N 359 
MET C     O      doub N N 360 
MET C     OXT    sing N N 361 
MET CB    CG     sing N N 362 
MET CB    HB2    sing N N 363 
MET CB    HB3    sing N N 364 
MET CG    SD     sing N N 365 
MET CG    HG2    sing N N 366 
MET CG    HG3    sing N N 367 
MET SD    CE     sing N N 368 
MET CE    HE1    sing N N 369 
MET CE    HE2    sing N N 370 
MET CE    HE3    sing N N 371 
MET OXT   HXT    sing N N 372 
PHE N     CA     sing N N 373 
PHE N     H      sing N N 374 
PHE N     H2     sing N N 375 
PHE CA    C      sing N N 376 
PHE CA    CB     sing N N 377 
PHE CA    HA     sing N N 378 
PHE C     O      doub N N 379 
PHE C     OXT    sing N N 380 
PHE CB    CG     sing N N 381 
PHE CB    HB2    sing N N 382 
PHE CB    HB3    sing N N 383 
PHE CG    CD1    doub Y N 384 
PHE CG    CD2    sing Y N 385 
PHE CD1   CE1    sing Y N 386 
PHE CD1   HD1    sing N N 387 
PHE CD2   CE2    doub Y N 388 
PHE CD2   HD2    sing N N 389 
PHE CE1   CZ     doub Y N 390 
PHE CE1   HE1    sing N N 391 
PHE CE2   CZ     sing Y N 392 
PHE CE2   HE2    sing N N 393 
PHE CZ    HZ     sing N N 394 
PHE OXT   HXT    sing N N 395 
PRO N     CA     sing N N 396 
PRO N     CD     sing N N 397 
PRO N     H      sing N N 398 
PRO CA    C      sing N N 399 
PRO CA    CB     sing N N 400 
PRO CA    HA     sing N N 401 
PRO C     O      doub N N 402 
PRO C     OXT    sing N N 403 
PRO CB    CG     sing N N 404 
PRO CB    HB2    sing N N 405 
PRO CB    HB3    sing N N 406 
PRO CG    CD     sing N N 407 
PRO CG    HG2    sing N N 408 
PRO CG    HG3    sing N N 409 
PRO CD    HD2    sing N N 410 
PRO CD    HD3    sing N N 411 
PRO OXT   HXT    sing N N 412 
SER N     CA     sing N N 413 
SER N     H      sing N N 414 
SER N     H2     sing N N 415 
SER CA    C      sing N N 416 
SER CA    CB     sing N N 417 
SER CA    HA     sing N N 418 
SER C     O      doub N N 419 
SER C     OXT    sing N N 420 
SER CB    OG     sing N N 421 
SER CB    HB2    sing N N 422 
SER CB    HB3    sing N N 423 
SER OG    HG     sing N N 424 
SER OXT   HXT    sing N N 425 
THR N     CA     sing N N 426 
THR N     H      sing N N 427 
THR N     H2     sing N N 428 
THR CA    C      sing N N 429 
THR CA    CB     sing N N 430 
THR CA    HA     sing N N 431 
THR C     O      doub N N 432 
THR C     OXT    sing N N 433 
THR CB    OG1    sing N N 434 
THR CB    CG2    sing N N 435 
THR CB    HB     sing N N 436 
THR OG1   HG1    sing N N 437 
THR CG2   HG21   sing N N 438 
THR CG2   HG22   sing N N 439 
THR CG2   HG23   sing N N 440 
THR OXT   HXT    sing N N 441 
TRP N     CA     sing N N 442 
TRP N     H      sing N N 443 
TRP N     H2     sing N N 444 
TRP CA    C      sing N N 445 
TRP CA    CB     sing N N 446 
TRP CA    HA     sing N N 447 
TRP C     O      doub N N 448 
TRP C     OXT    sing N N 449 
TRP CB    CG     sing N N 450 
TRP CB    HB2    sing N N 451 
TRP CB    HB3    sing N N 452 
TRP CG    CD1    doub Y N 453 
TRP CG    CD2    sing Y N 454 
TRP CD1   NE1    sing Y N 455 
TRP CD1   HD1    sing N N 456 
TRP CD2   CE2    doub Y N 457 
TRP CD2   CE3    sing Y N 458 
TRP NE1   CE2    sing Y N 459 
TRP NE1   HE1    sing N N 460 
TRP CE2   CZ2    sing Y N 461 
TRP CE3   CZ3    doub Y N 462 
TRP CE3   HE3    sing N N 463 
TRP CZ2   CH2    doub Y N 464 
TRP CZ2   HZ2    sing N N 465 
TRP CZ3   CH2    sing Y N 466 
TRP CZ3   HZ3    sing N N 467 
TRP CH2   HH2    sing N N 468 
TRP OXT   HXT    sing N N 469 
TYR N     CA     sing N N 470 
TYR N     H      sing N N 471 
TYR N     H2     sing N N 472 
TYR CA    C      sing N N 473 
TYR CA    CB     sing N N 474 
TYR CA    HA     sing N N 475 
TYR C     O      doub N N 476 
TYR C     OXT    sing N N 477 
TYR CB    CG     sing N N 478 
TYR CB    HB2    sing N N 479 
TYR CB    HB3    sing N N 480 
TYR CG    CD1    doub Y N 481 
TYR CG    CD2    sing Y N 482 
TYR CD1   CE1    sing Y N 483 
TYR CD1   HD1    sing N N 484 
TYR CD2   CE2    doub Y N 485 
TYR CD2   HD2    sing N N 486 
TYR CE1   CZ     doub Y N 487 
TYR CE1   HE1    sing N N 488 
TYR CE2   CZ     sing Y N 489 
TYR CE2   HE2    sing N N 490 
TYR CZ    OH     sing N N 491 
TYR OH    HH     sing N N 492 
TYR OXT   HXT    sing N N 493 
VAL N     CA     sing N N 494 
VAL N     H      sing N N 495 
VAL N     H2     sing N N 496 
VAL CA    C      sing N N 497 
VAL CA    CB     sing N N 498 
VAL CA    HA     sing N N 499 
VAL C     O      doub N N 500 
VAL C     OXT    sing N N 501 
VAL CB    CG1    sing N N 502 
VAL CB    CG2    sing N N 503 
VAL CB    HB     sing N N 504 
VAL CG1   HG11   sing N N 505 
VAL CG1   HG12   sing N N 506 
VAL CG1   HG13   sing N N 507 
VAL CG2   HG21   sing N N 508 
VAL CG2   HG22   sing N N 509 
VAL CG2   HG23   sing N N 510 
VAL OXT   HXT    sing N N 511 
# 
loop_
_ndb_struct_conf_na.entry_id 
_ndb_struct_conf_na.feature 
1ZNS 'double helix'        
1ZNS 'b-form double helix' 
# 
loop_
_ndb_struct_na_base_pair.model_number 
_ndb_struct_na_base_pair.i_label_asym_id 
_ndb_struct_na_base_pair.i_label_comp_id 
_ndb_struct_na_base_pair.i_label_seq_id 
_ndb_struct_na_base_pair.i_symmetry 
_ndb_struct_na_base_pair.j_label_asym_id 
_ndb_struct_na_base_pair.j_label_comp_id 
_ndb_struct_na_base_pair.j_label_seq_id 
_ndb_struct_na_base_pair.j_symmetry 
_ndb_struct_na_base_pair.shear 
_ndb_struct_na_base_pair.stretch 
_ndb_struct_na_base_pair.stagger 
_ndb_struct_na_base_pair.buckle 
_ndb_struct_na_base_pair.propeller 
_ndb_struct_na_base_pair.opening 
_ndb_struct_na_base_pair.pair_number 
_ndb_struct_na_base_pair.pair_name 
_ndb_struct_na_base_pair.i_auth_asym_id 
_ndb_struct_na_base_pair.i_auth_seq_id 
_ndb_struct_na_base_pair.i_PDB_ins_code 
_ndb_struct_na_base_pair.j_auth_asym_id 
_ndb_struct_na_base_pair.j_auth_seq_id 
_ndb_struct_na_base_pair.j_PDB_ins_code 
_ndb_struct_na_base_pair.hbond_type_28 
_ndb_struct_na_base_pair.hbond_type_12 
1 A DC 1  1_555 B DG 12 1_555 -0.857 -0.368 -0.103 -0.919  1.460   -1.459 1  B_DC1:DG24_C  B 1  ? C 24 ? 19 1 
1 A DG 2  1_555 B DC 11 1_555 0.197  0.074  0.093  2.044   -5.621  3.113  2  B_DG2:DC23_C  B 2  ? C 23 ? 19 1 
1 A DG 3  1_555 B DC 10 1_555 0.054  -0.154 -0.154 1.415   -2.559  -1.208 3  B_DG3:DC22_C  B 3  ? C 22 ? 19 1 
1 A DG 4  1_555 B DC 9  1_555 -0.095 -0.296 -0.311 -3.400  -17.457 3.464  4  B_DG4:DC21_C  B 4  ? C 21 ? 19 1 
1 A DA 5  1_555 B DT 8  1_555 -0.089 0.090  0.118  -18.084 -8.579  3.005  5  B_DA5:DT20_C  B 5  ? C 20 ? 20 1 
1 A DT 6  1_555 B DA 7  1_555 -0.062 -0.002 0.163  -5.555  1.782   -3.034 6  B_DT6:DA19_C  B 6  ? C 19 ? 20 1 
1 A DA 7  1_555 B DT 6  1_555 -0.207 0.139  -0.299 6.885   -7.516  8.691  7  B_DA7:DT18_C  B 7  ? C 18 ? 20 1 
1 A DT 8  1_555 B DA 5  1_555 -0.341 -0.007 -0.298 5.330   -16.963 -2.862 8  B_DT8:DA17_C  B 8  ? C 17 ? 20 1 
1 A DC 9  1_555 B DG 4  1_555 0.173  -0.011 0.262  -2.246  -15.026 3.007  9  B_DC9:DG16_C  B 9  ? C 16 ? 19 1 
1 A DC 10 1_555 B DG 3  1_555 -0.334 -0.258 -0.217 -3.209  -4.133  -4.674 10 B_DC10:DG15_C B 10 ? C 15 ? 19 1 
1 A DC 11 1_555 B DG 2  1_555 0.611  -0.136 -0.184 14.609  -2.469  1.292  11 B_DC11:DG14_C B 11 ? C 14 ? 19 1 
# 
loop_
_ndb_struct_na_base_pair_step.model_number 
_ndb_struct_na_base_pair_step.i_label_asym_id_1 
_ndb_struct_na_base_pair_step.i_label_comp_id_1 
_ndb_struct_na_base_pair_step.i_label_seq_id_1 
_ndb_struct_na_base_pair_step.i_symmetry_1 
_ndb_struct_na_base_pair_step.j_label_asym_id_1 
_ndb_struct_na_base_pair_step.j_label_comp_id_1 
_ndb_struct_na_base_pair_step.j_label_seq_id_1 
_ndb_struct_na_base_pair_step.j_symmetry_1 
_ndb_struct_na_base_pair_step.i_label_asym_id_2 
_ndb_struct_na_base_pair_step.i_label_comp_id_2 
_ndb_struct_na_base_pair_step.i_label_seq_id_2 
_ndb_struct_na_base_pair_step.i_symmetry_2 
_ndb_struct_na_base_pair_step.j_label_asym_id_2 
_ndb_struct_na_base_pair_step.j_label_comp_id_2 
_ndb_struct_na_base_pair_step.j_label_seq_id_2 
_ndb_struct_na_base_pair_step.j_symmetry_2 
_ndb_struct_na_base_pair_step.shift 
_ndb_struct_na_base_pair_step.slide 
_ndb_struct_na_base_pair_step.rise 
_ndb_struct_na_base_pair_step.tilt 
_ndb_struct_na_base_pair_step.roll 
_ndb_struct_na_base_pair_step.twist 
_ndb_struct_na_base_pair_step.x_displacement 
_ndb_struct_na_base_pair_step.y_displacement 
_ndb_struct_na_base_pair_step.helical_rise 
_ndb_struct_na_base_pair_step.inclination 
_ndb_struct_na_base_pair_step.tip 
_ndb_struct_na_base_pair_step.helical_twist 
_ndb_struct_na_base_pair_step.step_number 
_ndb_struct_na_base_pair_step.step_name 
_ndb_struct_na_base_pair_step.i_auth_asym_id_1 
_ndb_struct_na_base_pair_step.i_auth_seq_id_1 
_ndb_struct_na_base_pair_step.i_PDB_ins_code_1 
_ndb_struct_na_base_pair_step.j_auth_asym_id_1 
_ndb_struct_na_base_pair_step.j_auth_seq_id_1 
_ndb_struct_na_base_pair_step.j_PDB_ins_code_1 
_ndb_struct_na_base_pair_step.i_auth_asym_id_2 
_ndb_struct_na_base_pair_step.i_auth_seq_id_2 
_ndb_struct_na_base_pair_step.i_PDB_ins_code_2 
_ndb_struct_na_base_pair_step.j_auth_asym_id_2 
_ndb_struct_na_base_pair_step.j_auth_seq_id_2 
_ndb_struct_na_base_pair_step.j_PDB_ins_code_2 
1 A DC 1  1_555 B DG 12 1_555 A DG 2  1_555 B DC 11 1_555 -0.325 0.717  6.542 -1.784 0.675  27.037 1.187  -0.211 6.565 1.443  
3.810  27.102 1  BB_DC1DG2:DC23DG24_CC   B 1  ? C 24 ? B 2  ? C 23 ? 
1 A DG 2  1_555 B DC 11 1_555 A DG 3  1_555 B DC 10 1_555 0.086  -0.579 3.434 2.298  -0.078 28.879 -1.139 0.362  3.432 -0.157 
-4.599 28.968 2  BB_DG2DG3:DC22DC23_CC   B 2  ? C 23 ? B 3  ? C 22 ? 
1 A DG 3  1_555 B DC 10 1_555 A DG 4  1_555 B DC 9  1_555 0.398  -0.387 3.403 0.947  13.719 28.160 -3.365 -0.555 2.916 26.305 
-1.815 31.277 3  BB_DG3DG4:DC21DC22_CC   B 3  ? C 22 ? B 4  ? C 21 ? 
1 A DG 4  1_555 B DC 9  1_555 A DA 5  1_555 B DT 8  1_555 0.874  -1.493 3.493 1.956  1.573  34.152 -2.799 -1.157 3.466 2.674  
-3.325 34.242 4  BB_DG4DA5:DT20DC21_CC   B 4  ? C 21 ? B 5  ? C 20 ? 
1 A DA 5  1_555 B DT 8  1_555 A DT 6  1_555 B DA 7  1_555 -0.820 -1.059 3.116 2.612  6.964  28.842 -3.380 2.092  2.708 13.696 
-5.137 29.766 5  BB_DA5DT6:DA19DT20_CC   B 5  ? C 20 ? B 6  ? C 19 ? 
1 A DT 6  1_555 B DA 7  1_555 A DA 7  1_555 B DT 6  1_555 0.544  -0.885 3.073 4.304  -0.723 31.486 -1.491 -0.242 3.137 -1.325 
-7.884 31.779 6  BB_DT6DA7:DT18DA19_CC   B 6  ? C 19 ? B 7  ? C 18 ? 
1 A DA 7  1_555 B DT 6  1_555 A DT 8  1_555 B DA 5  1_555 -1.126 -0.529 3.268 -0.551 1.240  30.039 -1.274 2.058  3.264 2.390  
1.062  30.069 7  BB_DA7DT8:DA17DT18_CC   B 7  ? C 18 ? B 8  ? C 17 ? 
1 A DT 8  1_555 B DA 5  1_555 A DC 9  1_555 B DG 4  1_555 0.068  -0.254 3.515 -4.335 1.893  39.142 -0.616 -0.650 3.473 2.812  
6.442  39.416 8  BB_DT8DC9:DG16DA17_CC   B 8  ? C 17 ? B 9  ? C 16 ? 
1 A DC 9  1_555 B DG 4  1_555 A DC 10 1_555 B DG 3  1_555 0.911  0.570  3.325 5.352  7.183  30.657 -0.349 -0.626 3.472 13.235 
-9.861 31.909 9  BB_DC9DC10:DG15DG16_CC  B 9  ? C 16 ? B 10 ? C 15 ? 
1 A DC 10 1_555 B DG 3  1_555 A DC 11 1_555 B DG 2  1_555 -0.840 0.435  2.844 -2.218 2.165  33.348 0.441  1.135  2.914 3.763  
3.854  33.488 10 BB_DC10DC11:DG14DG15_CC B 10 ? C 15 ? B 11 ? C 14 ? 
# 
loop_
_pdbx_entity_nonpoly.entity_id 
_pdbx_entity_nonpoly.name 
_pdbx_entity_nonpoly.comp_id 
3 'ZINC ION' ZN  
4 water      HOH 
# 
_pdbx_initial_refinement_model.id               1 
_pdbx_initial_refinement_model.entity_id_list   ? 
_pdbx_initial_refinement_model.type             'experimental model' 
_pdbx_initial_refinement_model.source_name      PDB 
_pdbx_initial_refinement_model.accession_code   1PT3 
_pdbx_initial_refinement_model.details          'PDB ENTRY 1PT3' 
# 
